data_2CN3
#
_entry.id   2CN3
#
_cell.length_a   141.440
_cell.length_b   141.440
_cell.length_c   193.393
_cell.angle_alpha   90.00
_cell.angle_beta   90.00
_cell.angle_gamma   90.00
#
_symmetry.space_group_name_H-M   'P 43 21 2'
#
loop_
_entity.id
_entity.type
_entity.pdbx_description
1 polymer 'BETA-1,4-XYLOGLUCAN HYDROLASE'
2 branched alpha-D-xylopyranose-(1-6)-beta-D-glucopyranose-(1-4)-[alpha-D-xylopyranose-(1-6)]beta-D-glucopyranose-(1-4)-[beta-D-galactopyranose-(1-2)-alpha-D-xylopyranose-(1-6)]beta-D-glucopyranose-(1-4)-alpha-D-glucopyranose
3 branched alpha-D-xylopyranose-(1-6)-beta-D-glucopyranose-(1-4)-[beta-D-galactopyranose-(1-2)-alpha-D-xylopyranose-(1-6)]beta-D-glucopyranose-(1-4)-[beta-D-galactopyranose-(1-2)-alpha-D-xylopyranose-(1-6)]beta-D-glucopyranose-(1-4)-alpha-D-glucopyranose
4 non-polymer 'CALCIUM ION'
5 water water
#
_entity_poly.entity_id   1
_entity_poly.type   'polypeptide(L)'
_entity_poly.pdbx_seq_one_letter_code
;ISSQAVTSVPYKWDNVVIGGGGGFMPGIVFNETEKDLIYARAAIGGAYRWDPSTETWIPLLDHFQMDEYSYYGVESIATD
PVDPNRVYIVAGMYTNDWLPNMGAILRSTDRGETWEKTILPFKMGGNMPGRSMGERLAIDPNDNRILYLGTRCGNGLWRS
TDYGVTWSKVESFPNPGTYIYDPNFDYTKDIIGVVWVVFDKSSSTPGNPTKTIYVGVADKNESIYRSTDGGVTWKAVPGQ
PKGLLPHHGVLASNGMLYITYGDTCGPYDGNGKGQVWKFNTRTGEWIDITPIPYSSSDNRFCFAGLAVDRQNPDIIMVTS
MNAWWPDEYIFRSTDGGATWKNIWEWGMYPERILHYEIDISAAPWLDWGTEKQLPEINPKLGWMIGDIEIDPFNSDRMMY
VTGATIYGCDNLTDWDRGGKVKIEVKATGIEECAVLDLVSPPEGAPLVSAVGDLVGFVHDDLKVGPKKMHVPSYSSGTGI
DYAELVPNFMALVAKADLYDVKKISFSYDGGRNWFQPPNEAPNSVGGGSVAVAADAKSVIWTPENASPAVTTDNGNSWKV
CTNLGMGAVVASDRVNGKKFYAFYNGKFYISTDGGLTFTDTKAPQLPKSVNKIKAVPGKEGHVWLAAREGGLWRSTDGGY
TFEKLSNVDTAHVVGFGKAAPGQDYMAIYITGKIDNVLGFFRSDDAGKTWVRINDDEHGYGAVDTAITGDPRVYGRVYIA
TNGRGIVYGEPASDEPV
;
_entity_poly.pdbx_strand_id   A,B
#
# COMPACT_ATOMS: atom_id res chain seq x y z
N VAL A 6 -31.37 22.05 37.35
CA VAL A 6 -31.16 21.20 36.13
C VAL A 6 -32.32 20.23 35.90
N THR A 7 -32.91 20.31 34.71
CA THR A 7 -33.99 19.43 34.31
C THR A 7 -33.45 18.29 33.47
N SER A 8 -34.26 17.24 33.31
CA SER A 8 -33.89 16.04 32.57
C SER A 8 -34.62 15.94 31.23
N VAL A 9 -33.95 15.41 30.23
CA VAL A 9 -34.61 15.08 28.97
C VAL A 9 -34.48 13.57 28.74
N PRO A 10 -35.55 12.94 28.23
CA PRO A 10 -35.53 11.48 28.08
C PRO A 10 -34.59 10.99 26.97
N TYR A 11 -33.75 10.02 27.32
CA TYR A 11 -32.78 9.42 26.39
C TYR A 11 -32.95 7.91 26.37
N LYS A 12 -32.57 7.29 25.25
CA LYS A 12 -32.43 5.84 25.17
C LYS A 12 -30.96 5.49 25.27
N TRP A 13 -30.64 4.55 26.16
CA TRP A 13 -29.25 4.15 26.44
C TRP A 13 -29.03 2.70 26.05
N ASP A 14 -27.85 2.42 25.49
CA ASP A 14 -27.47 1.06 25.13
C ASP A 14 -25.96 0.95 25.08
N ASN A 15 -25.46 -0.28 24.98
CA ASN A 15 -24.06 -0.49 24.68
C ASN A 15 -23.81 -0.40 23.19
N VAL A 16 -22.68 0.20 22.83
CA VAL A 16 -22.10 -0.01 21.52
C VAL A 16 -21.54 -1.44 21.61
N VAL A 17 -21.89 -2.30 20.68
CA VAL A 17 -21.54 -3.71 20.81
C VAL A 17 -20.06 -3.97 20.52
N ILE A 18 -19.36 -4.53 21.51
CA ILE A 18 -18.04 -5.13 21.29
C ILE A 18 -18.24 -6.64 21.12
N GLY A 19 -19.16 -7.21 21.89
CA GLY A 19 -19.54 -8.62 21.76
C GLY A 19 -18.68 -9.51 22.64
N GLY A 20 -19.31 -10.46 23.31
CA GLY A 20 -18.56 -11.52 24.01
C GLY A 20 -17.97 -11.17 25.36
N GLY A 21 -18.47 -10.11 25.99
CA GLY A 21 -18.01 -9.76 27.33
C GLY A 21 -16.81 -8.84 27.29
N GLY A 22 -15.64 -9.41 27.00
CA GLY A 22 -14.42 -8.64 26.80
C GLY A 22 -13.52 -8.51 28.02
N GLY A 23 -13.95 -9.07 29.14
CA GLY A 23 -13.17 -9.02 30.38
C GLY A 23 -13.38 -10.26 31.22
N PHE A 24 -12.93 -10.21 32.47
CA PHE A 24 -12.96 -11.37 33.37
C PHE A 24 -14.21 -11.36 34.24
N MET A 25 -15.05 -12.39 34.06
CA MET A 25 -16.17 -12.65 34.98
C MET A 25 -15.71 -13.76 35.91
N PRO A 26 -15.34 -13.43 37.17
CA PRO A 26 -14.78 -14.46 38.05
C PRO A 26 -15.72 -15.60 38.47
N GLY A 27 -17.03 -15.44 38.26
CA GLY A 27 -18.00 -16.46 38.64
C GLY A 27 -19.33 -16.51 37.89
N ILE A 28 -19.84 -17.72 37.74
CA ILE A 28 -21.16 -18.00 37.21
C ILE A 28 -21.88 -18.84 38.28
N VAL A 29 -23.14 -18.53 38.53
CA VAL A 29 -23.92 -19.23 39.56
C VAL A 29 -25.27 -19.68 38.99
N PHE A 30 -25.50 -20.99 38.97
CA PHE A 30 -26.82 -21.54 38.65
C PHE A 30 -27.71 -21.62 39.90
N ASN A 31 -28.99 -21.34 39.74
CA ASN A 31 -29.96 -21.61 40.81
C ASN A 31 -30.19 -23.12 40.93
N GLU A 32 -30.28 -23.60 42.16
CA GLU A 32 -30.34 -25.04 42.45
C GLU A 32 -31.73 -25.65 42.20
N THR A 33 -32.76 -24.81 42.07
CA THR A 33 -34.12 -25.33 41.97
C THR A 33 -34.90 -24.90 40.72
N GLU A 34 -34.61 -23.73 40.16
CA GLU A 34 -35.29 -23.31 38.94
C GLU A 34 -34.40 -23.42 37.69
N LYS A 35 -34.85 -24.21 36.72
CA LYS A 35 -34.14 -24.41 35.46
C LYS A 35 -34.02 -23.10 34.65
N ASP A 36 -32.84 -22.91 34.05
CA ASP A 36 -32.51 -21.72 33.25
C ASP A 36 -32.29 -20.42 34.04
N LEU A 37 -32.33 -20.49 35.37
CA LEU A 37 -31.98 -19.34 36.21
C LEU A 37 -30.46 -19.30 36.49
N ILE A 38 -29.78 -18.37 35.82
CA ILE A 38 -28.32 -18.25 35.95
C ILE A 38 -27.92 -16.79 36.15
N TYR A 39 -26.90 -16.57 36.99
CA TYR A 39 -26.32 -15.24 37.16
C TYR A 39 -24.82 -15.29 36.93
N ALA A 40 -24.24 -14.15 36.56
CA ALA A 40 -22.81 -14.04 36.36
C ALA A 40 -22.29 -12.76 37.00
N ARG A 41 -21.12 -12.85 37.63
CA ARG A 41 -20.52 -11.70 38.30
C ARG A 41 -19.24 -11.25 37.64
N ALA A 42 -19.07 -9.93 37.56
CA ALA A 42 -17.89 -9.32 36.94
C ALA A 42 -16.96 -8.73 37.99
N ALA A 43 -15.69 -8.63 37.65
CA ALA A 43 -14.67 -8.02 38.51
C ALA A 43 -14.87 -6.50 38.64
N ILE A 44 -15.20 -5.83 37.53
CA ILE A 44 -15.37 -4.37 37.52
C ILE A 44 -16.68 -3.96 36.83
N GLY A 45 -17.51 -4.92 36.46
CA GLY A 45 -18.65 -4.67 35.58
C GLY A 45 -20.04 -5.08 36.05
N GLY A 46 -20.23 -5.18 37.36
CA GLY A 46 -21.54 -5.48 37.93
C GLY A 46 -21.91 -6.96 37.83
N ALA A 47 -23.19 -7.22 37.65
CA ALA A 47 -23.71 -8.57 37.54
C ALA A 47 -24.78 -8.66 36.45
N TYR A 48 -25.04 -9.89 35.99
CA TYR A 48 -25.99 -10.15 34.91
C TYR A 48 -26.87 -11.34 35.29
N ARG A 49 -28.10 -11.34 34.75
CA ARG A 49 -29.00 -12.50 34.81
C ARG A 49 -29.19 -13.03 33.39
N TRP A 50 -29.14 -14.34 33.24
CA TRP A 50 -29.37 -15.01 31.96
C TRP A 50 -30.83 -14.88 31.52
N ASP A 51 -31.02 -14.61 30.23
CA ASP A 51 -32.34 -14.59 29.63
C ASP A 51 -32.43 -15.77 28.66
N PRO A 52 -33.09 -16.86 29.08
CA PRO A 52 -33.12 -18.07 28.24
C PRO A 52 -33.88 -17.91 26.91
N SER A 53 -34.80 -16.96 26.85
CA SER A 53 -35.58 -16.73 25.61
C SER A 53 -34.72 -16.16 24.49
N THR A 54 -33.75 -15.31 24.86
CA THR A 54 -32.84 -14.73 23.87
C THR A 54 -31.43 -15.38 23.87
N GLU A 55 -31.12 -16.18 24.89
CA GLU A 55 -29.75 -16.66 25.13
C GLU A 55 -28.78 -15.46 25.22
N THR A 56 -29.17 -14.47 26.01
CA THR A 56 -28.33 -13.30 26.28
C THR A 56 -28.37 -12.97 27.77
N TRP A 57 -27.42 -12.13 28.19
CA TRP A 57 -27.33 -11.73 29.60
C TRP A 57 -27.86 -10.32 29.77
N ILE A 58 -28.55 -10.08 30.88
CA ILE A 58 -29.14 -8.80 31.22
C ILE A 58 -28.39 -8.15 32.40
N PRO A 59 -27.84 -6.93 32.21
CA PRO A 59 -27.12 -6.24 33.29
C PRO A 59 -28.05 -5.78 34.42
N LEU A 60 -27.60 -5.96 35.67
CA LEU A 60 -28.48 -5.78 36.83
C LEU A 60 -28.20 -4.55 37.70
N LEU A 61 -27.01 -3.95 37.58
CA LEU A 61 -26.58 -2.94 38.55
C LEU A 61 -26.31 -1.56 37.95
N ASP A 62 -26.89 -1.27 36.79
CA ASP A 62 -26.55 -0.07 36.02
C ASP A 62 -27.00 1.24 36.67
N HIS A 63 -27.86 1.14 37.69
CA HIS A 63 -28.32 2.31 38.45
C HIS A 63 -27.21 3.00 39.26
N PHE A 64 -26.14 2.26 39.57
CA PHE A 64 -25.04 2.83 40.33
C PHE A 64 -24.34 3.96 39.56
N GLN A 65 -24.37 5.15 40.15
CA GLN A 65 -23.76 6.33 39.56
C GLN A 65 -22.29 6.38 39.94
N MET A 66 -21.57 7.41 39.50
CA MET A 66 -20.11 7.46 39.63
C MET A 66 -19.58 7.42 41.05
N ASP A 67 -20.36 7.94 42.01
CA ASP A 67 -19.99 7.90 43.42
C ASP A 67 -20.10 6.50 44.04
N GLU A 68 -20.77 5.59 43.33
CA GLU A 68 -20.89 4.19 43.78
C GLU A 68 -20.34 3.20 42.77
N TYR A 69 -19.37 3.65 41.98
CA TYR A 69 -18.63 2.80 41.04
C TYR A 69 -18.15 1.50 41.68
N SER A 70 -17.70 1.57 42.93
CA SER A 70 -17.19 0.42 43.67
C SER A 70 -18.14 -0.79 43.65
N TYR A 71 -19.44 -0.52 43.60
CA TYR A 71 -20.43 -1.59 43.69
C TYR A 71 -20.63 -2.35 42.38
N TYR A 72 -19.92 -1.94 41.33
CA TYR A 72 -19.78 -2.79 40.14
C TYR A 72 -18.78 -3.92 40.39
N GLY A 73 -18.03 -3.84 41.49
CA GLY A 73 -17.10 -4.91 41.86
C GLY A 73 -17.88 -5.97 42.60
N VAL A 74 -18.19 -7.08 41.93
CA VAL A 74 -19.06 -8.09 42.51
C VAL A 74 -18.25 -9.27 43.07
N GLU A 75 -18.12 -9.27 44.40
CA GLU A 75 -17.34 -10.25 45.14
C GLU A 75 -18.01 -11.62 45.12
N SER A 76 -19.33 -11.63 45.24
CA SER A 76 -20.08 -12.87 45.26
C SER A 76 -21.54 -12.62 44.91
N ILE A 77 -22.17 -13.64 44.35
CA ILE A 77 -23.59 -13.57 44.04
C ILE A 77 -24.25 -14.85 44.55
N ALA A 78 -25.41 -14.68 45.21
CA ALA A 78 -26.14 -15.85 45.71
C ALA A 78 -27.61 -15.80 45.28
N THR A 79 -28.09 -16.93 44.76
CA THR A 79 -29.45 -17.08 44.25
C THR A 79 -30.24 -18.10 45.09
N ASP A 80 -31.41 -17.66 45.57
CA ASP A 80 -32.19 -18.37 46.59
C ASP A 80 -32.84 -19.66 46.04
N PRO A 81 -32.49 -20.82 46.62
CA PRO A 81 -33.07 -22.09 46.15
C PRO A 81 -34.51 -22.31 46.66
N VAL A 82 -34.86 -21.66 47.76
CA VAL A 82 -36.22 -21.78 48.31
C VAL A 82 -37.17 -20.86 47.54
N ASP A 83 -36.79 -19.58 47.45
CA ASP A 83 -37.52 -18.59 46.67
C ASP A 83 -36.62 -18.00 45.57
N PRO A 84 -36.65 -18.57 44.37
CA PRO A 84 -35.79 -18.13 43.26
C PRO A 84 -35.97 -16.65 42.81
N ASN A 85 -36.98 -15.96 43.33
CA ASN A 85 -37.11 -14.53 43.11
C ASN A 85 -36.04 -13.72 43.84
N ARG A 86 -35.46 -14.32 44.88
CA ARG A 86 -34.47 -13.62 45.69
C ARG A 86 -33.06 -13.82 45.14
N VAL A 87 -32.29 -12.74 45.14
CA VAL A 87 -30.89 -12.76 44.75
C VAL A 87 -30.14 -11.72 45.58
N TYR A 88 -28.91 -12.06 45.97
CA TYR A 88 -28.09 -11.22 46.82
C TYR A 88 -26.71 -11.07 46.20
N ILE A 89 -26.10 -9.91 46.41
CA ILE A 89 -24.77 -9.63 45.90
C ILE A 89 -23.95 -9.00 46.99
N VAL A 90 -22.73 -9.52 47.13
CA VAL A 90 -21.72 -8.85 47.95
C VAL A 90 -20.92 -7.95 47.01
N ALA A 91 -21.01 -6.65 47.28
CA ALA A 91 -20.49 -5.64 46.36
C ALA A 91 -19.43 -4.72 47.00
N GLY A 92 -18.44 -4.36 46.20
CA GLY A 92 -17.32 -3.54 46.67
C GLY A 92 -16.08 -3.99 45.93
N MET A 93 -15.39 -3.04 45.30
CA MET A 93 -14.36 -3.37 44.31
C MET A 93 -12.97 -3.62 44.86
N TYR A 94 -12.54 -2.77 45.80
CA TYR A 94 -11.18 -2.84 46.35
C TYR A 94 -11.19 -2.78 47.88
N THR A 95 -10.24 -3.48 48.50
CA THR A 95 -10.09 -3.49 49.96
C THR A 95 -9.10 -2.44 50.44
N ASN A 96 -8.42 -1.79 49.50
CA ASN A 96 -7.54 -0.67 49.84
C ASN A 96 -8.27 0.68 49.70
N ASP A 97 -7.51 1.76 49.51
CA ASP A 97 -8.09 3.09 49.44
C ASP A 97 -8.31 3.60 48.01
N TRP A 98 -8.23 2.70 47.03
CA TRP A 98 -8.44 3.10 45.63
C TRP A 98 -9.83 3.69 45.43
N LEU A 99 -10.80 3.18 46.18
CA LEU A 99 -12.15 3.73 46.23
C LEU A 99 -12.57 3.88 47.71
N PRO A 100 -13.41 4.88 48.02
CA PRO A 100 -13.69 5.14 49.44
C PRO A 100 -14.81 4.31 50.07
N ASN A 101 -15.68 3.71 49.25
CA ASN A 101 -16.89 3.06 49.74
C ASN A 101 -16.60 1.86 50.62
N MET A 102 -17.42 1.70 51.66
CA MET A 102 -17.44 0.45 52.39
C MET A 102 -18.18 -0.56 51.52
N GLY A 103 -18.01 -1.84 51.82
CA GLY A 103 -18.73 -2.90 51.13
C GLY A 103 -20.20 -2.88 51.45
N ALA A 104 -20.99 -3.59 50.64
CA ALA A 104 -22.43 -3.65 50.85
C ALA A 104 -22.97 -4.99 50.42
N ILE A 105 -24.03 -5.43 51.08
CA ILE A 105 -24.79 -6.55 50.60
C ILE A 105 -26.02 -5.98 49.91
N LEU A 106 -26.18 -6.31 48.64
CA LEU A 106 -27.31 -5.89 47.82
C LEU A 106 -28.36 -6.98 47.87
N ARG A 107 -29.63 -6.60 48.03
CA ARG A 107 -30.73 -7.57 48.09
C ARG A 107 -31.83 -7.24 47.09
N SER A 108 -32.36 -8.28 46.46
CA SER A 108 -33.44 -8.14 45.49
C SER A 108 -34.46 -9.26 45.64
N THR A 109 -35.72 -8.92 45.38
CA THR A 109 -36.79 -9.92 45.34
C THR A 109 -37.42 -10.09 43.94
N ASP A 110 -36.74 -9.66 42.86
CA ASP A 110 -37.47 -9.52 41.57
C ASP A 110 -36.89 -9.54 40.11
N ARG A 111 -35.70 -10.00 39.74
CA ARG A 111 -34.72 -10.82 40.42
C ARG A 111 -33.43 -10.12 39.96
N GLY A 112 -33.12 -9.03 40.63
CA GLY A 112 -32.07 -8.12 40.17
C GLY A 112 -32.62 -6.98 39.33
N GLU A 113 -33.94 -6.92 39.19
CA GLU A 113 -34.57 -5.79 38.54
C GLU A 113 -34.50 -4.54 39.42
N THR A 114 -34.77 -4.71 40.72
CA THR A 114 -34.63 -3.62 41.69
C THR A 114 -33.83 -4.11 42.90
N TRP A 115 -33.19 -3.16 43.60
CA TRP A 115 -32.30 -3.49 44.70
C TRP A 115 -32.49 -2.57 45.91
N GLU A 116 -32.16 -3.11 47.08
CA GLU A 116 -31.88 -2.33 48.27
C GLU A 116 -30.52 -2.80 48.75
N LYS A 117 -29.87 -2.03 49.62
CA LYS A 117 -28.57 -2.41 50.12
C LYS A 117 -28.39 -2.15 51.61
N THR A 118 -27.50 -2.94 52.21
CA THR A 118 -27.00 -2.65 53.56
C THR A 118 -25.50 -2.46 53.47
N ILE A 119 -25.04 -1.29 53.90
CA ILE A 119 -23.61 -0.99 53.94
C ILE A 119 -22.95 -1.63 55.15
N LEU A 120 -21.81 -2.29 54.93
CA LEU A 120 -21.10 -3.04 55.96
C LEU A 120 -19.95 -2.23 56.55
N PRO A 121 -19.44 -2.63 57.73
CA PRO A 121 -18.33 -1.89 58.34
C PRO A 121 -16.93 -2.26 57.81
N PHE A 122 -16.88 -2.95 56.67
CA PHE A 122 -15.62 -3.34 56.05
C PHE A 122 -15.76 -3.37 54.52
N LYS A 123 -14.64 -3.50 53.82
CA LYS A 123 -14.64 -3.48 52.36
C LYS A 123 -14.69 -4.86 51.72
N MET A 124 -15.21 -4.91 50.50
CA MET A 124 -15.19 -6.08 49.63
C MET A 124 -14.07 -5.93 48.59
N GLY A 125 -13.71 -7.04 47.94
CA GLY A 125 -12.64 -7.02 46.97
C GLY A 125 -12.98 -7.66 45.63
N GLY A 126 -14.03 -7.16 44.99
CA GLY A 126 -14.48 -7.66 43.69
C GLY A 126 -13.39 -7.70 42.61
N ASN A 127 -12.47 -6.75 42.66
CA ASN A 127 -11.34 -6.70 41.71
C ASN A 127 -9.98 -6.89 42.39
N MET A 128 -9.97 -7.65 43.49
CA MET A 128 -8.74 -8.02 44.22
C MET A 128 -8.22 -9.39 43.77
N PRO A 129 -6.98 -9.76 44.17
CA PRO A 129 -6.51 -11.13 43.94
C PRO A 129 -7.45 -12.16 44.54
N GLY A 130 -7.50 -13.34 43.94
CA GLY A 130 -8.30 -14.45 44.47
C GLY A 130 -9.79 -14.33 44.21
N ARG A 131 -10.20 -13.40 43.35
CA ARG A 131 -11.61 -13.08 43.16
C ARG A 131 -12.45 -14.19 42.52
N SER A 132 -11.80 -15.15 41.85
CA SER A 132 -12.54 -16.32 41.35
C SER A 132 -12.78 -17.39 42.41
N MET A 133 -12.09 -17.30 43.55
CA MET A 133 -12.41 -18.17 44.69
C MET A 133 -13.79 -17.78 45.21
N GLY A 134 -14.61 -18.78 45.56
CA GLY A 134 -15.98 -18.49 45.97
C GLY A 134 -16.88 -19.71 45.85
N GLU A 135 -18.20 -19.54 46.01
CA GLU A 135 -18.83 -18.26 46.34
C GLU A 135 -18.79 -17.97 47.84
N ARG A 136 -18.41 -16.73 48.16
CA ARG A 136 -18.28 -16.27 49.54
C ARG A 136 -19.63 -16.05 50.22
N LEU A 137 -20.65 -15.78 49.42
CA LEU A 137 -21.98 -15.49 49.94
C LEU A 137 -22.90 -16.68 49.66
N ALA A 138 -23.62 -17.13 50.68
CA ALA A 138 -24.42 -18.33 50.56
C ALA A 138 -25.72 -18.26 51.36
N ILE A 139 -26.79 -18.83 50.79
CA ILE A 139 -28.11 -18.84 51.42
C ILE A 139 -28.45 -20.25 51.93
N ASP A 140 -28.89 -20.32 53.18
CA ASP A 140 -29.32 -21.59 53.78
C ASP A 140 -30.51 -22.18 52.99
N PRO A 141 -30.34 -23.39 52.43
CA PRO A 141 -31.34 -23.99 51.56
C PRO A 141 -32.56 -24.58 52.28
N ASN A 142 -32.53 -24.62 53.60
CA ASN A 142 -33.69 -25.07 54.40
C ASN A 142 -34.44 -23.91 55.03
N ASP A 143 -33.68 -22.96 55.59
CA ASP A 143 -34.22 -21.74 56.15
C ASP A 143 -33.58 -20.55 55.43
N ASN A 144 -34.22 -20.08 54.36
CA ASN A 144 -33.63 -19.03 53.51
C ASN A 144 -33.60 -17.62 54.11
N ARG A 145 -33.99 -17.51 55.39
CA ARG A 145 -33.77 -16.29 56.17
C ARG A 145 -32.28 -16.12 56.48
N ILE A 146 -31.56 -17.24 56.48
CA ILE A 146 -30.15 -17.29 56.88
C ILE A 146 -29.19 -17.19 55.68
N LEU A 147 -28.23 -16.27 55.81
CA LEU A 147 -27.15 -16.11 54.85
C LEU A 147 -25.81 -16.02 55.58
N TYR A 148 -24.78 -16.61 54.98
CA TYR A 148 -23.41 -16.49 55.48
C TYR A 148 -22.53 -15.79 54.44
N LEU A 149 -21.50 -15.11 54.92
CA LEU A 149 -20.60 -14.35 54.06
C LEU A 149 -19.14 -14.50 54.53
N GLY A 150 -18.31 -15.07 53.65
CA GLY A 150 -16.87 -15.08 53.86
C GLY A 150 -16.30 -13.74 53.45
N THR A 151 -15.40 -13.21 54.27
CA THR A 151 -14.88 -11.86 54.04
C THR A 151 -13.37 -11.85 53.90
N ARG A 152 -12.87 -10.75 53.36
CA ARG A 152 -11.45 -10.49 53.22
C ARG A 152 -10.91 -9.74 54.44
N CYS A 153 -9.58 -9.58 54.50
CA CYS A 153 -8.90 -8.66 55.43
C CYS A 153 -8.93 -9.09 56.90
N GLY A 154 -9.27 -10.34 57.16
CA GLY A 154 -9.33 -10.85 58.52
C GLY A 154 -10.63 -10.54 59.24
N ASN A 155 -11.67 -10.17 58.50
CA ASN A 155 -12.97 -9.94 59.13
C ASN A 155 -13.76 -11.23 59.36
N GLY A 156 -13.25 -12.34 58.82
CA GLY A 156 -13.78 -13.66 59.10
C GLY A 156 -15.08 -13.99 58.41
N LEU A 157 -15.98 -14.63 59.18
CA LEU A 157 -17.25 -15.10 58.66
C LEU A 157 -18.39 -14.30 59.28
N TRP A 158 -19.28 -13.81 58.42
CA TRP A 158 -20.39 -12.99 58.87
C TRP A 158 -21.70 -13.67 58.52
N ARG A 159 -22.78 -13.24 59.17
CA ARG A 159 -24.05 -13.94 59.08
C ARG A 159 -25.25 -12.98 59.15
N SER A 160 -26.30 -13.32 58.40
CA SER A 160 -27.58 -12.65 58.51
C SER A 160 -28.65 -13.70 58.76
N THR A 161 -29.64 -13.35 59.58
CA THR A 161 -30.81 -14.21 59.80
C THR A 161 -32.13 -13.51 59.50
N ASP A 162 -32.05 -12.36 58.81
CA ASP A 162 -33.25 -11.61 58.40
C ASP A 162 -33.25 -11.29 56.89
N TYR A 163 -32.97 -12.30 56.07
CA TYR A 163 -32.91 -12.15 54.61
C TYR A 163 -31.92 -11.07 54.15
N GLY A 164 -30.75 -11.01 54.78
CA GLY A 164 -29.66 -10.13 54.33
C GLY A 164 -29.79 -8.68 54.69
N VAL A 165 -30.79 -8.34 55.52
CA VAL A 165 -31.02 -6.94 55.93
C VAL A 165 -29.98 -6.48 56.97
N THR A 166 -29.78 -7.29 58.01
CA THR A 166 -28.79 -6.99 59.03
C THR A 166 -27.72 -8.08 59.10
N TRP A 167 -26.52 -7.69 59.50
CA TRP A 167 -25.34 -8.56 59.44
C TRP A 167 -24.50 -8.44 60.70
N SER A 168 -23.99 -9.58 61.17
CA SER A 168 -23.09 -9.59 62.32
C SER A 168 -22.00 -10.63 62.13
N LYS A 169 -20.86 -10.41 62.76
CA LYS A 169 -19.75 -11.35 62.73
C LYS A 169 -20.11 -12.64 63.48
N VAL A 170 -19.70 -13.79 62.92
CA VAL A 170 -19.81 -15.07 63.63
C VAL A 170 -18.55 -15.16 64.48
N GLU A 171 -18.68 -14.76 65.75
CA GLU A 171 -17.51 -14.66 66.64
C GLU A 171 -16.88 -16.02 66.95
N SER A 172 -17.67 -17.07 66.85
CA SER A 172 -17.18 -18.43 67.12
C SER A 172 -16.35 -19.04 65.98
N PHE A 173 -16.34 -18.40 64.81
CA PHE A 173 -15.52 -18.91 63.70
C PHE A 173 -14.02 -18.71 63.99
N PRO A 174 -13.24 -19.81 63.96
CA PRO A 174 -11.86 -19.87 64.47
C PRO A 174 -10.80 -19.14 63.65
N ASN A 175 -11.00 -19.04 62.33
CA ASN A 175 -9.92 -18.70 61.41
C ASN A 175 -10.36 -17.79 60.26
N PRO A 176 -10.02 -16.49 60.33
CA PRO A 176 -10.35 -15.56 59.25
C PRO A 176 -9.42 -15.64 58.04
N GLY A 177 -8.38 -16.47 58.11
CA GLY A 177 -7.45 -16.66 57.00
C GLY A 177 -6.11 -16.01 57.26
N THR A 178 -5.05 -16.63 56.76
CA THR A 178 -3.70 -16.14 56.97
C THR A 178 -2.99 -15.81 55.66
N TYR A 179 -3.39 -16.46 54.58
CA TYR A 179 -2.74 -16.29 53.27
C TYR A 179 -2.90 -14.88 52.71
N ILE A 180 -1.77 -14.32 52.28
CA ILE A 180 -1.70 -13.00 51.66
C ILE A 180 -0.94 -13.15 50.36
N TYR A 181 -1.49 -12.62 49.26
CA TYR A 181 -0.83 -12.76 47.96
C TYR A 181 0.60 -12.20 47.94
N ASP A 182 0.77 -10.93 48.34
CA ASP A 182 2.09 -10.31 48.42
C ASP A 182 2.07 -9.07 49.32
N PRO A 183 2.58 -9.19 50.56
CA PRO A 183 2.64 -8.08 51.53
C PRO A 183 3.44 -6.86 51.07
N ASN A 184 4.23 -7.01 50.02
CA ASN A 184 5.13 -5.95 49.58
C ASN A 184 4.48 -4.82 48.77
N PHE A 185 3.23 -5.00 48.36
CA PHE A 185 2.52 -3.97 47.58
C PHE A 185 1.14 -3.69 48.16
N ASP A 186 0.73 -2.43 48.08
CA ASP A 186 -0.59 -2.00 48.58
C ASP A 186 -1.73 -2.86 48.02
N TYR A 187 -1.73 -3.07 46.71
CA TYR A 187 -2.80 -3.83 46.03
C TYR A 187 -2.92 -5.29 46.50
N THR A 188 -1.80 -5.91 46.86
CA THR A 188 -1.76 -7.35 47.11
C THR A 188 -1.57 -7.77 48.57
N LYS A 189 -1.56 -6.80 49.49
CA LYS A 189 -1.15 -7.06 50.88
C LYS A 189 -2.24 -7.60 51.82
N ASP A 190 -3.49 -7.66 51.37
CA ASP A 190 -4.59 -8.04 52.26
C ASP A 190 -4.79 -9.56 52.40
N ILE A 191 -5.24 -9.97 53.59
CA ILE A 191 -5.70 -11.33 53.81
C ILE A 191 -6.82 -11.71 52.81
N ILE A 192 -6.62 -12.81 52.08
CA ILE A 192 -7.61 -13.30 51.10
C ILE A 192 -8.90 -13.72 51.83
N GLY A 193 -8.75 -14.41 52.95
CA GLY A 193 -9.86 -14.59 53.88
C GLY A 193 -10.66 -15.87 53.76
N VAL A 194 -11.94 -15.75 54.08
CA VAL A 194 -12.87 -16.87 54.09
C VAL A 194 -13.53 -16.89 52.71
N VAL A 195 -13.37 -17.99 51.98
CA VAL A 195 -13.60 -17.98 50.53
C VAL A 195 -14.89 -18.64 50.04
N TRP A 196 -15.40 -19.63 50.78
CA TRP A 196 -16.69 -20.23 50.43
C TRP A 196 -17.43 -20.86 51.61
N VAL A 197 -18.74 -20.98 51.44
CA VAL A 197 -19.63 -21.61 52.42
C VAL A 197 -20.52 -22.59 51.67
N VAL A 198 -20.56 -23.83 52.16
CA VAL A 198 -21.36 -24.92 51.58
C VAL A 198 -22.26 -25.53 52.66
N PHE A 199 -23.56 -25.50 52.42
CA PHE A 199 -24.55 -26.08 53.35
C PHE A 199 -24.81 -27.52 52.99
N ASP A 200 -24.97 -28.36 54.00
CA ASP A 200 -25.43 -29.73 53.80
C ASP A 200 -26.94 -29.76 54.03
N LYS A 201 -27.69 -29.68 52.94
CA LYS A 201 -29.16 -29.61 52.96
C LYS A 201 -29.80 -30.78 53.73
N SER A 202 -29.22 -31.96 53.60
CA SER A 202 -29.76 -33.18 54.22
C SER A 202 -29.63 -33.18 55.75
N SER A 203 -28.85 -32.25 56.31
CA SER A 203 -28.63 -32.18 57.75
C SER A 203 -29.80 -31.55 58.52
N SER A 204 -30.77 -31.01 57.79
CA SER A 204 -31.98 -30.44 58.39
C SER A 204 -33.18 -30.65 57.49
N THR A 205 -34.37 -30.35 58.01
CA THR A 205 -35.61 -30.42 57.23
C THR A 205 -36.05 -29.00 56.88
N PRO A 206 -36.80 -28.84 55.78
CA PRO A 206 -37.28 -27.52 55.35
C PRO A 206 -37.92 -26.73 56.49
N GLY A 207 -37.59 -25.44 56.56
CA GLY A 207 -38.10 -24.55 57.60
C GLY A 207 -37.13 -24.35 58.73
N ASN A 208 -36.21 -25.30 58.90
CA ASN A 208 -35.23 -25.28 59.99
C ASN A 208 -33.84 -24.91 59.53
N PRO A 209 -33.10 -24.10 60.34
CA PRO A 209 -31.71 -23.75 60.03
C PRO A 209 -30.87 -25.00 59.75
N THR A 210 -30.14 -24.99 58.64
CA THR A 210 -29.29 -26.11 58.25
C THR A 210 -28.19 -26.31 59.29
N LYS A 211 -28.09 -27.54 59.80
CA LYS A 211 -27.22 -27.83 60.93
C LYS A 211 -25.75 -28.01 60.57
N THR A 212 -25.48 -28.69 59.46
CA THR A 212 -24.11 -28.92 59.00
C THR A 212 -23.71 -27.94 57.90
N ILE A 213 -22.62 -27.22 58.15
CA ILE A 213 -22.13 -26.16 57.25
C ILE A 213 -20.61 -26.31 57.09
N TYR A 214 -20.13 -26.28 55.85
CA TYR A 214 -18.71 -26.31 55.54
C TYR A 214 -18.22 -24.96 55.07
N VAL A 215 -17.03 -24.58 55.52
CA VAL A 215 -16.42 -23.30 55.18
C VAL A 215 -14.97 -23.50 54.74
N GLY A 216 -14.66 -22.95 53.56
CA GLY A 216 -13.29 -22.91 53.06
C GLY A 216 -12.62 -21.58 53.38
N VAL A 217 -11.36 -21.67 53.80
CA VAL A 217 -10.57 -20.52 54.24
C VAL A 217 -9.21 -20.53 53.53
N ALA A 218 -8.77 -19.36 53.08
CA ALA A 218 -7.45 -19.24 52.45
C ALA A 218 -6.35 -19.26 53.53
N ASP A 219 -5.94 -20.48 53.87
CA ASP A 219 -4.94 -20.72 54.90
C ASP A 219 -4.29 -22.04 54.58
N LYS A 220 -3.01 -22.01 54.22
CA LYS A 220 -2.29 -23.21 53.82
C LYS A 220 -2.12 -24.26 54.94
N ASN A 221 -2.16 -23.81 56.19
CA ASN A 221 -2.03 -24.72 57.33
C ASN A 221 -3.34 -25.44 57.69
N GLU A 222 -4.46 -24.73 57.54
CA GLU A 222 -5.76 -25.26 57.95
C GLU A 222 -6.87 -24.47 57.26
N SER A 223 -7.56 -25.11 56.32
CA SER A 223 -8.45 -24.39 55.40
C SER A 223 -9.92 -24.80 55.42
N ILE A 224 -10.23 -26.00 55.92
CA ILE A 224 -11.59 -26.54 55.81
C ILE A 224 -12.21 -26.69 57.19
N TYR A 225 -13.35 -26.01 57.40
CA TYR A 225 -14.06 -26.00 58.67
C TYR A 225 -15.49 -26.51 58.56
N ARG A 226 -16.01 -27.03 59.66
CA ARG A 226 -17.33 -27.62 59.70
C ARG A 226 -18.05 -27.28 61.00
N SER A 227 -19.32 -26.89 60.88
CA SER A 227 -20.22 -26.80 62.02
C SER A 227 -21.25 -27.90 61.87
N THR A 228 -21.64 -28.51 62.98
CA THR A 228 -22.71 -29.52 62.95
C THR A 228 -23.89 -29.07 63.81
N ASP A 229 -23.77 -27.89 64.41
CA ASP A 229 -24.85 -27.35 65.25
C ASP A 229 -25.39 -26.00 64.73
N GLY A 230 -25.56 -25.90 63.41
CA GLY A 230 -26.11 -24.68 62.78
C GLY A 230 -25.29 -23.41 63.00
N GLY A 231 -23.98 -23.56 63.09
CA GLY A 231 -23.07 -22.41 63.13
C GLY A 231 -22.74 -21.85 64.49
N VAL A 232 -23.12 -22.56 65.55
CA VAL A 232 -22.77 -22.15 66.91
C VAL A 232 -21.29 -22.43 67.19
N THR A 233 -20.84 -23.63 66.85
CA THR A 233 -19.43 -23.99 67.03
C THR A 233 -18.83 -24.52 65.74
N TRP A 234 -17.50 -24.38 65.63
CA TRP A 234 -16.77 -24.73 64.42
C TRP A 234 -15.53 -25.50 64.77
N LYS A 235 -15.22 -26.52 63.97
CA LYS A 235 -13.97 -27.26 64.08
C LYS A 235 -13.37 -27.55 62.70
N ALA A 236 -12.04 -27.53 62.63
CA ALA A 236 -11.33 -27.99 61.44
C ALA A 236 -11.68 -29.46 61.17
N VAL A 237 -11.83 -29.80 59.89
CA VAL A 237 -12.13 -31.18 59.52
C VAL A 237 -10.84 -32.01 59.57
N PRO A 238 -10.82 -33.08 60.40
CA PRO A 238 -9.63 -33.92 60.54
C PRO A 238 -9.20 -34.59 59.25
N GLY A 239 -7.88 -34.63 59.02
CA GLY A 239 -7.31 -35.38 57.90
C GLY A 239 -7.18 -34.57 56.62
N GLN A 240 -7.55 -33.29 56.69
CA GLN A 240 -7.52 -32.42 55.51
C GLN A 240 -6.10 -32.15 55.03
N PRO A 241 -5.93 -32.01 53.69
CA PRO A 241 -4.59 -31.73 53.16
C PRO A 241 -4.06 -30.33 53.50
N LYS A 242 -2.74 -30.21 53.59
CA LYS A 242 -2.01 -28.94 53.67
C LYS A 242 -1.03 -28.97 52.48
N GLY A 243 -0.41 -27.88 52.04
CA GLY A 243 -0.63 -26.49 52.35
C GLY A 243 -0.89 -25.80 51.00
N LEU A 244 -2.12 -25.97 50.55
CA LEU A 244 -2.64 -25.26 49.39
C LEU A 244 -3.91 -24.52 49.82
N LEU A 245 -4.61 -23.95 48.85
CA LEU A 245 -5.77 -23.09 49.08
C LEU A 245 -6.99 -23.63 48.33
N PRO A 246 -8.09 -23.85 49.03
CA PRO A 246 -9.31 -24.35 48.46
C PRO A 246 -10.10 -23.31 47.62
N HIS A 247 -10.03 -23.38 46.31
CA HIS A 247 -10.73 -22.46 45.42
C HIS A 247 -12.26 -22.48 45.47
N HIS A 248 -12.77 -23.69 45.50
CA HIS A 248 -14.16 -24.07 45.33
C HIS A 248 -14.40 -25.34 46.15
N GLY A 249 -15.57 -25.43 46.74
CA GLY A 249 -16.10 -26.66 47.27
C GLY A 249 -17.52 -26.97 46.84
N VAL A 250 -17.81 -28.22 46.52
CA VAL A 250 -19.11 -28.64 46.06
C VAL A 250 -19.50 -29.93 46.74
N LEU A 251 -20.63 -29.93 47.41
CA LEU A 251 -21.17 -31.13 48.04
C LEU A 251 -22.15 -31.81 47.09
N ALA A 252 -21.78 -33.00 46.64
CA ALA A 252 -22.58 -33.79 45.71
C ALA A 252 -23.67 -34.55 46.48
N SER A 253 -24.67 -35.04 45.75
CA SER A 253 -25.83 -35.72 46.35
C SER A 253 -25.47 -37.05 47.03
N ASN A 254 -24.30 -37.60 46.70
CA ASN A 254 -23.85 -38.84 47.33
C ASN A 254 -23.05 -38.63 48.62
N GLY A 255 -22.94 -37.38 49.05
CA GLY A 255 -22.24 -37.02 50.28
C GLY A 255 -20.77 -36.66 50.10
N MET A 256 -20.26 -36.73 48.88
CA MET A 256 -18.87 -36.37 48.61
C MET A 256 -18.73 -34.86 48.49
N LEU A 257 -17.85 -34.29 49.30
CA LEU A 257 -17.48 -32.88 49.18
C LEU A 257 -16.21 -32.78 48.33
N TYR A 258 -16.37 -32.33 47.10
CA TYR A 258 -15.23 -32.14 46.19
C TYR A 258 -14.66 -30.76 46.40
N ILE A 259 -13.33 -30.67 46.43
CA ILE A 259 -12.60 -29.43 46.67
C ILE A 259 -11.37 -29.33 45.75
N THR A 260 -11.24 -28.20 45.06
CA THR A 260 -10.05 -27.92 44.23
C THR A 260 -9.07 -27.04 45.01
N TYR A 261 -7.78 -27.32 44.89
CA TYR A 261 -6.75 -26.56 45.59
C TYR A 261 -5.68 -26.03 44.64
N GLY A 262 -5.09 -24.89 44.98
CA GLY A 262 -3.94 -24.34 44.27
C GLY A 262 -2.98 -23.72 45.28
N ASP A 263 -1.73 -23.54 44.87
CA ASP A 263 -0.74 -22.90 45.75
C ASP A 263 -0.83 -21.36 45.80
N THR A 264 -1.64 -20.77 44.92
CA THR A 264 -1.91 -19.33 44.93
C THR A 264 -3.42 -19.09 44.75
N CYS A 265 -3.86 -17.86 44.97
CA CYS A 265 -5.29 -17.52 44.89
C CYS A 265 -5.72 -17.16 43.45
N GLY A 266 -4.75 -16.93 42.58
CA GLY A 266 -5.02 -16.51 41.21
C GLY A 266 -5.43 -15.04 41.11
N PRO A 267 -5.92 -14.62 39.93
CA PRO A 267 -6.19 -15.45 38.74
C PRO A 267 -5.07 -15.61 37.70
N TYR A 268 -3.94 -14.93 37.88
CA TYR A 268 -2.95 -14.81 36.79
C TYR A 268 -1.78 -15.79 36.87
N ASP A 269 -1.67 -16.48 38.00
CA ASP A 269 -0.47 -17.26 38.31
C ASP A 269 -0.22 -18.42 37.37
N GLY A 270 1.07 -18.73 37.18
CA GLY A 270 1.51 -19.92 36.47
C GLY A 270 2.60 -20.62 37.28
N ASN A 271 2.97 -21.82 36.86
CA ASN A 271 3.98 -22.66 37.55
C ASN A 271 4.11 -22.54 39.11
N GLY A 272 3.17 -22.96 39.96
CA GLY A 272 1.98 -23.71 39.70
C GLY A 272 2.04 -25.04 40.46
N LYS A 273 1.20 -25.23 41.48
CA LYS A 273 0.84 -26.58 42.01
C LYS A 273 -0.63 -26.66 42.37
N GLY A 274 -1.25 -27.81 42.17
CA GLY A 274 -2.66 -27.98 42.47
C GLY A 274 -3.00 -29.39 42.91
N GLN A 275 -4.10 -29.50 43.65
CA GLN A 275 -4.66 -30.79 44.04
C GLN A 275 -6.18 -30.77 43.92
N VAL A 276 -6.78 -31.96 43.80
CA VAL A 276 -8.23 -32.11 43.86
C VAL A 276 -8.53 -33.26 44.82
N TRP A 277 -9.45 -33.00 45.75
CA TRP A 277 -9.80 -33.98 46.77
C TRP A 277 -11.29 -34.22 46.79
N LYS A 278 -11.68 -35.40 47.27
CA LYS A 278 -13.04 -35.61 47.72
C LYS A 278 -13.04 -36.05 49.18
N PHE A 279 -13.83 -35.35 49.99
CA PHE A 279 -14.05 -35.70 51.38
C PHE A 279 -15.42 -36.41 51.52
N ASN A 280 -15.38 -37.63 52.02
CA ASN A 280 -16.62 -38.34 52.29
C ASN A 280 -17.21 -37.87 53.61
N THR A 281 -18.25 -37.06 53.51
CA THR A 281 -18.86 -36.43 54.69
C THR A 281 -19.54 -37.44 55.62
N ARG A 282 -19.82 -38.63 55.09
CA ARG A 282 -20.43 -39.69 55.87
C ARG A 282 -19.41 -40.44 56.75
N THR A 283 -18.24 -40.71 56.18
CA THR A 283 -17.22 -41.58 56.80
C THR A 283 -16.00 -40.85 57.36
N GLY A 284 -15.79 -39.61 56.93
CA GLY A 284 -14.61 -38.84 57.35
C GLY A 284 -13.35 -39.09 56.54
N GLU A 285 -13.45 -39.91 55.50
CA GLU A 285 -12.30 -40.26 54.67
C GLU A 285 -12.00 -39.18 53.61
N TRP A 286 -10.72 -38.85 53.48
CA TRP A 286 -10.22 -37.97 52.41
C TRP A 286 -9.54 -38.81 51.32
N ILE A 287 -9.92 -38.57 50.07
CA ILE A 287 -9.32 -39.25 48.92
C ILE A 287 -8.78 -38.25 47.90
N ASP A 288 -7.49 -38.39 47.58
CA ASP A 288 -6.80 -37.57 46.59
C ASP A 288 -7.23 -38.00 45.19
N ILE A 289 -7.87 -37.10 44.45
CA ILE A 289 -8.31 -37.41 43.08
C ILE A 289 -7.69 -36.47 42.05
N THR A 290 -6.48 -35.99 42.34
CA THR A 290 -5.79 -35.01 41.47
C THR A 290 -5.50 -35.62 40.09
N PRO A 291 -6.03 -34.98 39.01
CA PRO A 291 -5.87 -35.48 37.63
C PRO A 291 -4.42 -35.74 37.21
N ILE A 292 -3.51 -34.83 37.55
CA ILE A 292 -2.08 -35.01 37.34
C ILE A 292 -1.44 -35.09 38.74
N PRO A 293 -0.73 -36.20 39.04
CA PRO A 293 -0.20 -36.39 40.40
C PRO A 293 0.58 -35.16 40.89
N TYR A 294 0.26 -34.73 42.11
CA TYR A 294 0.91 -33.57 42.72
C TYR A 294 2.44 -33.70 42.74
N SER A 295 2.91 -34.91 42.88
CA SER A 295 4.32 -35.20 42.82
C SER A 295 5.01 -35.07 41.49
N SER A 296 4.25 -35.14 40.42
CA SER A 296 4.76 -34.96 39.10
C SER A 296 5.09 -33.51 38.75
N SER A 297 6.19 -33.31 38.07
CA SER A 297 6.50 -32.02 37.56
C SER A 297 5.56 -31.55 36.46
N ASP A 298 4.79 -32.46 35.91
CA ASP A 298 3.69 -32.08 35.04
C ASP A 298 2.51 -31.39 35.76
N ASN A 299 2.42 -31.59 37.05
CA ASN A 299 1.57 -30.80 37.89
C ASN A 299 2.19 -29.42 38.10
N ARG A 300 1.70 -28.44 37.35
CA ARG A 300 2.40 -27.16 37.21
C ARG A 300 1.45 -25.95 37.25
N PHE A 301 0.34 -26.14 37.91
CA PHE A 301 -0.71 -25.16 38.03
C PHE A 301 -1.69 -25.50 39.14
N CYS A 302 -2.34 -24.48 39.68
CA CYS A 302 -3.55 -24.61 40.44
C CYS A 302 -4.61 -25.43 39.69
N PHE A 303 -5.36 -26.22 40.43
CA PHE A 303 -6.70 -26.56 40.05
C PHE A 303 -7.71 -25.56 40.67
N ALA A 304 -8.60 -25.07 39.83
CA ALA A 304 -9.42 -23.93 40.24
C ALA A 304 -10.90 -24.23 40.04
N GLY A 305 -11.37 -24.15 38.81
CA GLY A 305 -12.76 -24.44 38.50
C GLY A 305 -13.15 -25.84 38.94
N LEU A 306 -14.36 -25.97 39.49
CA LEU A 306 -14.93 -27.25 39.91
C LEU A 306 -16.40 -27.30 39.55
N ALA A 307 -16.77 -28.29 38.76
CA ALA A 307 -18.18 -28.56 38.47
C ALA A 307 -18.52 -30.01 38.82
N VAL A 308 -19.71 -30.21 39.37
CA VAL A 308 -20.24 -31.55 39.62
C VAL A 308 -21.62 -31.62 38.99
N ASP A 309 -21.87 -32.67 38.20
CA ASP A 309 -23.18 -32.91 37.59
C ASP A 309 -24.21 -33.27 38.66
N ARG A 310 -25.23 -32.41 38.84
CA ARG A 310 -26.25 -32.65 39.88
C ARG A 310 -27.00 -33.98 39.68
N GLN A 311 -27.06 -34.44 38.44
CA GLN A 311 -27.83 -35.62 38.09
C GLN A 311 -27.00 -36.91 38.14
N ASN A 312 -25.68 -36.75 38.34
CA ASN A 312 -24.77 -37.88 38.53
C ASN A 312 -23.55 -37.40 39.31
N PRO A 313 -23.48 -37.71 40.61
CA PRO A 313 -22.44 -37.16 41.49
C PRO A 313 -21.03 -37.70 41.20
N ASP A 314 -20.92 -38.72 40.34
CA ASP A 314 -19.62 -39.22 39.90
C ASP A 314 -19.07 -38.45 38.71
N ILE A 315 -19.91 -37.58 38.12
CA ILE A 315 -19.48 -36.77 36.99
C ILE A 315 -18.97 -35.42 37.48
N ILE A 316 -17.69 -35.17 37.26
CA ILE A 316 -17.01 -33.98 37.75
C ILE A 316 -16.03 -33.42 36.73
N MET A 317 -15.82 -32.10 36.79
CA MET A 317 -14.86 -31.44 35.91
C MET A 317 -14.06 -30.43 36.70
N VAL A 318 -12.78 -30.31 36.36
CA VAL A 318 -11.89 -29.32 36.99
C VAL A 318 -11.05 -28.65 35.91
N THR A 319 -10.58 -27.43 36.20
CA THR A 319 -9.77 -26.68 35.26
C THR A 319 -8.44 -26.23 35.88
N SER A 320 -7.45 -26.02 35.02
CA SER A 320 -6.17 -25.45 35.42
C SER A 320 -6.24 -23.92 35.55
N MET A 321 -5.39 -23.35 36.41
CA MET A 321 -5.21 -21.90 36.50
C MET A 321 -3.79 -21.56 37.00
N ASN A 322 -2.86 -21.29 36.11
CA ASN A 322 -2.94 -21.41 34.65
C ASN A 322 -1.76 -22.24 34.06
N ALA A 323 -2.00 -23.11 33.11
CA ALA A 323 -0.91 -23.69 32.32
C ALA A 323 -0.23 -22.62 31.44
N TRP A 324 -1.05 -21.69 30.95
CA TRP A 324 -0.68 -20.66 30.00
C TRP A 324 -0.24 -21.19 28.60
N TRP A 325 0.42 -22.34 28.58
CA TRP A 325 0.90 -22.98 27.36
C TRP A 325 0.80 -24.49 27.46
N PRO A 326 0.36 -25.17 26.41
CA PRO A 326 -0.06 -24.64 25.09
C PRO A 326 -1.45 -24.01 25.13
N ASP A 327 -2.20 -24.36 26.18
CA ASP A 327 -3.57 -23.91 26.42
C ASP A 327 -3.88 -24.48 27.79
N GLU A 328 -5.07 -24.16 28.31
CA GLU A 328 -5.47 -24.68 29.62
C GLU A 328 -5.93 -26.13 29.53
N TYR A 329 -6.09 -26.74 30.70
CA TYR A 329 -6.61 -28.09 30.84
C TYR A 329 -8.03 -28.05 31.36
N ILE A 330 -8.92 -28.82 30.74
CA ILE A 330 -10.25 -29.06 31.27
C ILE A 330 -10.40 -30.58 31.41
N PHE A 331 -10.38 -31.05 32.65
CA PHE A 331 -10.45 -32.48 32.96
C PHE A 331 -11.86 -32.88 33.32
N ARG A 332 -12.31 -34.01 32.78
CA ARG A 332 -13.61 -34.60 33.08
C ARG A 332 -13.43 -36.01 33.61
N SER A 333 -14.17 -36.33 34.66
CA SER A 333 -14.25 -37.68 35.20
C SER A 333 -15.70 -38.15 35.23
N THR A 334 -15.93 -39.43 34.95
CA THR A 334 -17.28 -39.97 35.09
C THR A 334 -17.35 -41.06 36.17
N ASP A 335 -16.27 -41.21 36.93
CA ASP A 335 -16.20 -42.20 38.00
C ASP A 335 -15.71 -41.60 39.32
N GLY A 336 -16.19 -40.39 39.61
CA GLY A 336 -15.89 -39.70 40.87
C GLY A 336 -14.43 -39.37 41.10
N GLY A 337 -13.68 -39.21 40.02
CA GLY A 337 -12.29 -38.78 40.10
C GLY A 337 -11.26 -39.89 40.15
N ALA A 338 -11.70 -41.15 40.02
CA ALA A 338 -10.77 -42.28 39.93
C ALA A 338 -9.90 -42.17 38.69
N THR A 339 -10.53 -41.83 37.56
CA THR A 339 -9.85 -41.59 36.29
C THR A 339 -10.36 -40.31 35.65
N TRP A 340 -9.52 -39.70 34.82
CA TRP A 340 -9.83 -38.42 34.19
C TRP A 340 -9.46 -38.45 32.72
N LYS A 341 -10.11 -37.58 31.95
CA LYS A 341 -9.77 -37.33 30.57
C LYS A 341 -9.68 -35.82 30.37
N ASN A 342 -8.59 -35.35 29.73
CA ASN A 342 -8.46 -33.94 29.35
C ASN A 342 -9.15 -33.67 28.01
N ILE A 343 -9.67 -32.45 27.82
CA ILE A 343 -10.36 -32.07 26.59
C ILE A 343 -9.44 -32.01 25.35
N TRP A 344 -8.14 -32.13 25.56
CA TRP A 344 -7.18 -32.33 24.48
C TRP A 344 -6.06 -33.28 24.92
N GLU A 345 -5.33 -33.82 23.96
CA GLU A 345 -4.21 -34.72 24.22
C GLU A 345 -3.07 -34.38 23.27
N TRP A 346 -1.85 -34.68 23.70
CA TRP A 346 -0.70 -34.58 22.83
C TRP A 346 -0.78 -35.69 21.78
N GLY A 347 -0.57 -35.31 20.53
CA GLY A 347 -0.31 -36.29 19.50
C GLY A 347 1.17 -36.24 19.18
N MET A 348 1.48 -36.27 17.89
CA MET A 348 2.83 -36.13 17.37
C MET A 348 3.28 -34.66 17.39
N TYR A 349 4.01 -34.26 18.44
CA TYR A 349 4.44 -32.86 18.59
C TYR A 349 4.97 -32.29 17.27
N PRO A 350 4.50 -31.09 16.82
CA PRO A 350 3.57 -30.03 17.26
C PRO A 350 2.49 -30.39 18.29
N GLU A 351 1.59 -31.36 18.11
CA GLU A 351 0.46 -31.43 17.20
C GLU A 351 -0.48 -31.95 18.30
N ARG A 352 -1.70 -31.44 18.38
CA ARG A 352 -2.58 -31.85 19.47
C ARG A 352 -3.94 -32.36 19.00
N ILE A 353 -4.44 -33.32 19.70
CA ILE A 353 -5.71 -33.94 19.43
C ILE A 353 -6.75 -33.27 20.31
N LEU A 354 -7.74 -32.69 19.67
CA LEU A 354 -8.76 -31.94 20.36
C LEU A 354 -10.04 -32.68 20.38
N HIS A 355 -10.66 -32.68 21.54
CA HIS A 355 -11.93 -33.26 21.76
C HIS A 355 -13.07 -32.24 21.80
N TYR A 356 -12.87 -31.16 21.07
CA TYR A 356 -13.70 -29.96 21.08
C TYR A 356 -13.55 -29.14 19.80
N GLU A 357 -14.53 -28.34 19.52
CA GLU A 357 -14.42 -27.23 18.57
C GLU A 357 -14.81 -25.95 19.31
N ILE A 358 -14.30 -24.81 18.86
CA ILE A 358 -14.76 -23.52 19.36
C ILE A 358 -15.35 -22.68 18.22
N ASP A 359 -16.57 -22.21 18.42
CA ASP A 359 -17.24 -21.30 17.49
C ASP A 359 -17.19 -19.90 18.12
N ILE A 360 -16.45 -18.99 17.50
CA ILE A 360 -16.34 -17.62 18.01
C ILE A 360 -17.11 -16.60 17.16
N SER A 361 -18.13 -17.08 16.46
CA SER A 361 -18.93 -16.21 15.57
C SER A 361 -19.60 -15.04 16.31
N ALA A 362 -19.92 -15.23 17.60
CA ALA A 362 -20.53 -14.18 18.43
C ALA A 362 -19.54 -13.12 18.95
N ALA A 363 -18.24 -13.39 18.81
CA ALA A 363 -17.18 -12.45 19.22
C ALA A 363 -15.87 -12.78 18.49
N PRO A 364 -15.82 -12.49 17.17
CA PRO A 364 -14.74 -12.94 16.29
C PRO A 364 -13.35 -12.40 16.60
N TRP A 365 -13.27 -11.38 17.47
CA TRP A 365 -11.97 -10.85 17.93
C TRP A 365 -11.20 -11.84 18.82
N LEU A 366 -11.89 -12.89 19.27
CA LEU A 366 -11.28 -13.88 20.19
C LEU A 366 -10.12 -14.70 19.62
N ASP A 367 -9.92 -14.67 18.30
CA ASP A 367 -8.74 -15.32 17.72
C ASP A 367 -7.54 -14.36 17.63
N TRP A 368 -7.75 -13.12 18.08
CA TRP A 368 -6.71 -12.08 18.02
C TRP A 368 -6.19 -11.86 16.58
N GLY A 369 -7.03 -12.15 15.60
CA GLY A 369 -6.68 -12.04 14.18
C GLY A 369 -5.37 -12.72 13.81
N THR A 370 -4.99 -13.75 14.57
CA THR A 370 -3.66 -14.34 14.50
C THR A 370 -3.72 -15.87 14.40
N GLU A 371 -3.05 -16.42 13.38
CA GLU A 371 -2.86 -17.87 13.30
C GLU A 371 -1.58 -18.20 14.06
N LYS A 372 -1.71 -19.06 15.07
CA LYS A 372 -0.57 -19.42 15.91
C LYS A 372 0.26 -20.58 15.34
N GLN A 373 1.51 -20.65 15.78
CA GLN A 373 2.39 -21.77 15.51
C GLN A 373 2.03 -22.91 16.46
N LEU A 374 1.69 -24.08 15.93
CA LEU A 374 1.41 -25.25 16.78
C LEU A 374 2.57 -25.47 17.77
N PRO A 375 2.28 -25.98 18.99
CA PRO A 375 1.03 -26.52 19.52
C PRO A 375 -0.03 -25.49 19.92
N GLU A 376 0.30 -24.21 19.85
CA GLU A 376 -0.68 -23.15 20.13
C GLU A 376 -1.69 -23.03 19.00
N ILE A 377 -2.94 -22.76 19.36
CA ILE A 377 -4.02 -22.54 18.38
C ILE A 377 -4.93 -21.42 18.91
N ASN A 378 -5.20 -20.42 18.08
CA ASN A 378 -6.25 -19.44 18.35
C ASN A 378 -7.53 -19.78 17.59
N PRO A 379 -8.71 -19.60 18.23
CA PRO A 379 -8.89 -19.17 19.61
C PRO A 379 -8.57 -20.28 20.61
N LYS A 380 -8.06 -19.91 21.77
CA LYS A 380 -7.75 -20.84 22.86
C LYS A 380 -9.01 -21.27 23.61
N LEU A 381 -8.94 -22.43 24.26
CA LEU A 381 -9.96 -22.78 25.26
C LEU A 381 -10.16 -21.66 26.26
N GLY A 382 -9.06 -21.07 26.70
CA GLY A 382 -9.13 -19.91 27.56
C GLY A 382 -7.90 -19.76 28.42
N TRP A 383 -8.08 -19.01 29.50
CA TRP A 383 -7.06 -18.70 30.49
C TRP A 383 -7.86 -18.05 31.61
N MET A 384 -7.29 -18.00 32.81
CA MET A 384 -8.02 -17.52 33.99
C MET A 384 -9.37 -18.23 34.17
N ILE A 385 -9.39 -19.54 33.93
CA ILE A 385 -10.61 -20.32 34.05
C ILE A 385 -10.82 -20.72 35.51
N GLY A 386 -11.28 -19.74 36.30
CA GLY A 386 -11.43 -19.93 37.75
C GLY A 386 -12.75 -20.53 38.17
N ASP A 387 -13.64 -20.77 37.21
CA ASP A 387 -14.98 -21.25 37.49
C ASP A 387 -15.50 -21.99 36.27
N ILE A 388 -16.10 -23.14 36.52
CA ILE A 388 -16.74 -23.95 35.49
C ILE A 388 -18.03 -24.50 36.12
N GLU A 389 -19.09 -24.57 35.31
CA GLU A 389 -20.39 -25.03 35.81
C GLU A 389 -21.00 -26.05 34.85
N ILE A 390 -21.58 -27.10 35.43
CA ILE A 390 -22.51 -27.96 34.68
C ILE A 390 -23.92 -27.60 35.14
N ASP A 391 -24.80 -27.32 34.17
CA ASP A 391 -26.20 -27.01 34.43
C ASP A 391 -26.81 -28.15 35.27
N PRO A 392 -27.37 -27.82 36.46
CA PRO A 392 -27.96 -28.85 37.33
C PRO A 392 -29.24 -29.47 36.76
N PHE A 393 -29.73 -28.94 35.64
CA PHE A 393 -30.94 -29.43 34.99
C PHE A 393 -30.67 -29.91 33.57
N ASN A 394 -29.40 -29.88 33.18
CA ASN A 394 -28.98 -30.35 31.87
C ASN A 394 -27.51 -30.73 31.90
N SER A 395 -27.27 -32.04 31.93
CA SER A 395 -25.92 -32.61 31.93
C SER A 395 -25.12 -32.29 30.67
N ASP A 396 -25.83 -31.95 29.60
CA ASP A 396 -25.18 -31.61 28.33
C ASP A 396 -24.74 -30.14 28.24
N ARG A 397 -25.12 -29.34 29.22
CA ARG A 397 -24.76 -27.93 29.21
C ARG A 397 -23.67 -27.57 30.23
N MET A 398 -22.55 -27.04 29.72
CA MET A 398 -21.47 -26.50 30.55
C MET A 398 -21.27 -25.03 30.20
N MET A 399 -20.83 -24.24 31.19
CA MET A 399 -20.32 -22.89 30.96
C MET A 399 -19.04 -22.72 31.78
N TYR A 400 -18.07 -22.01 31.23
CA TYR A 400 -16.87 -21.62 31.99
C TYR A 400 -16.42 -20.21 31.63
N VAL A 401 -15.68 -19.60 32.56
CA VAL A 401 -15.22 -18.22 32.42
C VAL A 401 -13.79 -18.18 31.91
N THR A 402 -13.42 -17.09 31.25
CA THR A 402 -12.03 -16.83 30.91
C THR A 402 -11.72 -15.36 31.16
N GLY A 403 -10.47 -14.96 30.96
CA GLY A 403 -10.10 -13.55 31.10
C GLY A 403 -10.73 -12.64 30.05
N ALA A 404 -11.37 -13.21 29.03
CA ALA A 404 -11.97 -12.41 27.95
C ALA A 404 -13.46 -12.67 27.66
N THR A 405 -13.98 -13.82 28.08
CA THR A 405 -15.34 -14.18 27.71
C THR A 405 -15.94 -15.26 28.63
N ILE A 406 -17.16 -15.69 28.29
CA ILE A 406 -17.75 -16.91 28.84
C ILE A 406 -17.98 -17.85 27.67
N TYR A 407 -17.47 -19.06 27.79
CA TYR A 407 -17.67 -20.10 26.80
C TYR A 407 -18.64 -21.15 27.34
N GLY A 408 -19.25 -21.91 26.45
CA GLY A 408 -20.19 -22.95 26.88
C GLY A 408 -20.57 -23.90 25.76
N CYS A 409 -21.23 -24.98 26.12
CA CYS A 409 -21.66 -25.99 25.14
C CYS A 409 -23.04 -26.52 25.50
N ASP A 410 -23.68 -27.20 24.54
CA ASP A 410 -24.99 -27.81 24.76
C ASP A 410 -24.98 -29.31 24.44
N ASN A 411 -23.79 -29.86 24.17
CA ASN A 411 -23.63 -31.29 23.87
C ASN A 411 -22.53 -31.97 24.69
N LEU A 412 -22.41 -31.59 25.97
CA LEU A 412 -21.27 -32.03 26.78
C LEU A 412 -21.05 -33.56 26.82
N THR A 413 -22.12 -34.32 27.05
CA THR A 413 -22.00 -35.78 27.16
C THR A 413 -21.58 -36.50 25.87
N ASP A 414 -21.56 -35.78 24.74
CA ASP A 414 -21.01 -36.31 23.49
C ASP A 414 -19.54 -36.73 23.66
N TRP A 415 -18.83 -36.02 24.54
CA TRP A 415 -17.46 -36.32 24.91
C TRP A 415 -17.32 -37.75 25.46
N ASP A 416 -18.29 -38.15 26.29
CA ASP A 416 -18.31 -39.48 26.92
C ASP A 416 -18.56 -40.60 25.92
N ARG A 417 -19.12 -40.26 24.76
CA ARG A 417 -19.35 -41.24 23.69
C ARG A 417 -18.44 -41.01 22.48
N GLY A 418 -17.33 -40.33 22.70
CA GLY A 418 -16.29 -40.18 21.69
C GLY A 418 -16.51 -39.10 20.64
N GLY A 419 -17.42 -38.19 20.90
CA GLY A 419 -17.66 -37.04 20.02
C GLY A 419 -16.97 -35.81 20.57
N LYS A 420 -16.94 -34.74 19.77
CA LYS A 420 -16.31 -33.48 20.18
C LYS A 420 -17.32 -32.58 20.86
N VAL A 421 -16.88 -31.92 21.94
CA VAL A 421 -17.68 -30.90 22.62
C VAL A 421 -17.75 -29.66 21.71
N LYS A 422 -18.95 -29.16 21.45
CA LYS A 422 -19.10 -27.99 20.60
C LYS A 422 -19.18 -26.72 21.46
N ILE A 423 -18.05 -26.05 21.60
CA ILE A 423 -17.96 -24.86 22.46
C ILE A 423 -18.29 -23.63 21.63
N GLU A 424 -19.05 -22.71 22.23
CA GLU A 424 -19.35 -21.42 21.61
C GLU A 424 -19.32 -20.31 22.67
N VAL A 425 -19.17 -19.07 22.22
CA VAL A 425 -19.32 -17.90 23.07
C VAL A 425 -20.72 -17.86 23.67
N LYS A 426 -20.78 -17.78 25.00
CA LYS A 426 -22.05 -17.68 25.71
C LYS A 426 -22.15 -16.38 26.50
N ALA A 427 -21.45 -15.34 26.05
CA ALA A 427 -21.40 -14.07 26.79
C ALA A 427 -22.15 -12.93 26.09
N THR A 428 -23.06 -13.26 25.18
CA THR A 428 -23.79 -12.22 24.45
C THR A 428 -24.64 -11.37 25.40
N GLY A 429 -24.50 -10.05 25.29
CA GLY A 429 -25.17 -9.13 26.19
C GLY A 429 -24.27 -8.61 27.28
N ILE A 430 -23.19 -9.33 27.57
CA ILE A 430 -22.19 -8.84 28.51
C ILE A 430 -21.24 -7.88 27.79
N GLU A 431 -21.03 -6.73 28.41
CA GLU A 431 -20.04 -5.75 27.97
C GLU A 431 -19.31 -5.27 29.21
N GLU A 432 -18.08 -5.72 29.40
CA GLU A 432 -17.28 -5.44 30.63
C GLU A 432 -15.97 -4.69 30.35
N CYS A 433 -15.77 -4.22 29.13
CA CYS A 433 -14.52 -3.53 28.80
C CYS A 433 -14.33 -2.24 29.60
N ALA A 434 -13.08 -1.95 29.91
CA ALA A 434 -12.68 -0.64 30.40
C ALA A 434 -12.19 0.16 29.19
N VAL A 435 -12.91 1.22 28.89
CA VAL A 435 -12.67 1.99 27.67
C VAL A 435 -11.86 3.24 28.04
N LEU A 436 -10.77 3.45 27.31
CA LEU A 436 -9.78 4.47 27.68
C LEU A 436 -9.87 5.74 26.84
N ASP A 437 -10.29 5.60 25.59
CA ASP A 437 -10.45 6.73 24.69
C ASP A 437 -11.42 6.37 23.55
N LEU A 438 -12.02 7.41 22.97
CA LEU A 438 -13.06 7.29 21.95
C LEU A 438 -12.98 8.50 21.04
N VAL A 439 -13.14 8.27 19.73
CA VAL A 439 -13.34 9.36 18.76
C VAL A 439 -14.48 9.01 17.80
N SER A 440 -15.23 10.04 17.43
CA SER A 440 -16.28 9.92 16.43
C SER A 440 -15.93 10.87 15.28
N PRO A 441 -15.22 10.36 14.26
CA PRO A 441 -14.69 11.25 13.22
C PRO A 441 -15.81 11.78 12.31
N PRO A 442 -15.60 12.92 11.64
CA PRO A 442 -16.60 13.52 10.73
C PRO A 442 -16.82 12.75 9.41
N GLU A 443 -15.90 11.84 9.09
CA GLU A 443 -16.05 10.94 7.95
C GLU A 443 -15.57 9.57 8.42
N GLY A 444 -16.08 8.52 7.79
CA GLY A 444 -15.67 7.15 8.16
C GLY A 444 -16.67 6.52 9.12
N ALA A 445 -16.18 5.62 9.98
CA ALA A 445 -17.03 4.92 10.93
C ALA A 445 -17.59 5.89 12.00
N PRO A 446 -18.76 5.57 12.57
CA PRO A 446 -19.31 6.46 13.62
C PRO A 446 -18.45 6.52 14.88
N LEU A 447 -17.64 5.49 15.11
CA LEU A 447 -16.86 5.41 16.35
C LEU A 447 -15.61 4.56 16.20
N VAL A 448 -14.51 5.06 16.76
CA VAL A 448 -13.28 4.28 16.86
C VAL A 448 -12.83 4.32 18.33
N SER A 449 -12.58 3.14 18.90
CA SER A 449 -12.30 3.03 20.34
C SER A 449 -10.87 2.60 20.67
N ALA A 450 -10.45 2.93 21.89
CA ALA A 450 -9.20 2.49 22.47
C ALA A 450 -9.59 1.89 23.83
N VAL A 451 -9.40 0.58 23.99
CA VAL A 451 -9.87 -0.13 25.19
C VAL A 451 -8.76 -0.92 25.89
N GLY A 452 -8.94 -1.18 27.17
CA GLY A 452 -8.00 -2.03 27.91
C GLY A 452 -8.15 -3.47 27.46
N ASP A 453 -7.03 -4.20 27.42
CA ASP A 453 -7.01 -5.67 27.17
C ASP A 453 -7.29 -6.14 25.74
N LEU A 454 -8.26 -5.49 25.09
CA LEU A 454 -8.67 -5.84 23.71
C LEU A 454 -8.20 -4.79 22.68
N VAL A 455 -7.44 -3.80 23.14
CA VAL A 455 -6.81 -2.77 22.31
C VAL A 455 -7.78 -1.70 21.76
N GLY A 456 -8.80 -2.13 21.04
CA GLY A 456 -9.79 -1.20 20.48
C GLY A 456 -10.26 -1.63 19.11
N PHE A 457 -11.31 -0.95 18.63
CA PHE A 457 -12.01 -1.38 17.42
C PHE A 457 -12.48 -0.20 16.59
N VAL A 458 -12.69 -0.48 15.30
CA VAL A 458 -13.52 0.37 14.46
C VAL A 458 -14.94 -0.18 14.59
N HIS A 459 -15.89 0.72 14.87
CA HIS A 459 -17.29 0.35 15.04
C HIS A 459 -18.10 0.85 13.85
N ASP A 460 -18.22 0.01 12.83
CA ASP A 460 -19.00 0.36 11.63
C ASP A 460 -20.49 0.46 11.89
N ASP A 461 -20.98 -0.40 12.76
CA ASP A 461 -22.38 -0.49 13.08
C ASP A 461 -22.43 -0.65 14.60
N LEU A 462 -23.10 0.30 15.27
CA LEU A 462 -23.11 0.30 16.74
C LEU A 462 -23.74 -0.97 17.34
N LYS A 463 -24.55 -1.65 16.54
CA LYS A 463 -25.29 -2.81 17.00
C LYS A 463 -24.66 -4.14 16.59
N VAL A 464 -23.54 -4.09 15.87
CA VAL A 464 -22.82 -5.29 15.43
C VAL A 464 -21.40 -5.25 15.97
N GLY A 465 -21.00 -6.33 16.64
CA GLY A 465 -19.65 -6.43 17.20
C GLY A 465 -18.59 -6.46 16.11
N PRO A 466 -17.45 -5.78 16.35
CA PRO A 466 -16.35 -5.79 15.39
C PRO A 466 -15.71 -7.17 15.27
N LYS A 467 -15.01 -7.40 14.15
CA LYS A 467 -14.42 -8.71 13.85
C LYS A 467 -12.98 -8.86 14.35
N LYS A 468 -12.29 -7.74 14.50
CA LYS A 468 -10.86 -7.76 14.86
C LYS A 468 -10.49 -6.49 15.62
N MET A 469 -9.49 -6.61 16.49
CA MET A 469 -8.92 -5.44 17.19
C MET A 469 -7.88 -4.73 16.33
N HIS A 470 -7.58 -3.47 16.70
CA HIS A 470 -6.66 -2.63 15.93
C HIS A 470 -5.32 -3.31 15.65
N VAL A 471 -4.64 -3.73 16.72
CA VAL A 471 -3.27 -4.23 16.66
C VAL A 471 -3.18 -5.37 17.67
N PRO A 472 -3.21 -6.62 17.18
CA PRO A 472 -3.22 -7.83 18.04
C PRO A 472 -2.01 -8.00 18.95
N SER A 473 -0.88 -7.37 18.61
CA SER A 473 0.32 -7.45 19.45
C SER A 473 0.32 -6.45 20.63
N TYR A 474 -0.65 -5.53 20.63
CA TYR A 474 -0.82 -4.61 21.75
C TYR A 474 -1.67 -5.28 22.85
N SER A 475 -1.62 -4.72 24.05
CA SER A 475 -2.46 -5.20 25.14
C SER A 475 -3.60 -4.22 25.49
N SER A 476 -3.30 -2.92 25.54
CA SER A 476 -4.33 -1.91 25.79
C SER A 476 -4.13 -0.71 24.88
N GLY A 477 -5.21 -0.23 24.27
CA GLY A 477 -5.21 1.07 23.58
C GLY A 477 -5.54 2.13 24.61
N THR A 478 -4.66 3.11 24.77
CA THR A 478 -4.80 4.09 25.85
C THR A 478 -5.16 5.49 25.37
N GLY A 479 -4.99 5.74 24.07
CA GLY A 479 -5.29 7.05 23.51
C GLY A 479 -5.44 6.93 22.01
N ILE A 480 -6.32 7.74 21.44
CA ILE A 480 -6.55 7.75 19.99
C ILE A 480 -6.96 9.16 19.59
N ASP A 481 -6.49 9.62 18.43
CA ASP A 481 -6.94 10.89 17.85
C ASP A 481 -6.91 10.79 16.33
N TYR A 482 -7.67 11.65 15.67
CA TYR A 482 -7.69 11.73 14.20
C TYR A 482 -7.37 13.18 13.79
N ALA A 483 -6.89 13.36 12.56
CA ALA A 483 -6.66 14.70 12.02
C ALA A 483 -8.00 15.26 11.58
N GLU A 484 -8.43 16.36 12.20
CA GLU A 484 -9.78 16.87 11.99
C GLU A 484 -10.09 17.12 10.51
N LEU A 485 -9.12 17.67 9.79
CA LEU A 485 -9.28 18.03 8.38
C LEU A 485 -8.81 16.91 7.44
N VAL A 486 -8.20 15.88 8.02
CA VAL A 486 -7.79 14.68 7.26
C VAL A 486 -8.23 13.46 8.10
N PRO A 487 -9.57 13.29 8.26
CA PRO A 487 -10.10 12.39 9.31
C PRO A 487 -9.83 10.89 9.10
N ASN A 488 -9.35 10.52 7.90
CA ASN A 488 -8.87 9.15 7.64
C ASN A 488 -7.55 8.85 8.35
N PHE A 489 -6.83 9.91 8.73
CA PHE A 489 -5.55 9.75 9.41
C PHE A 489 -5.73 9.73 10.93
N MET A 490 -5.27 8.65 11.56
CA MET A 490 -5.40 8.47 13.01
C MET A 490 -4.10 7.99 13.62
N ALA A 491 -3.94 8.27 14.91
CA ALA A 491 -2.82 7.74 15.69
C ALA A 491 -3.39 7.04 16.91
N LEU A 492 -2.80 5.90 17.24
CA LEU A 492 -3.19 5.12 18.41
C LEU A 492 -1.96 4.88 19.27
N VAL A 493 -2.08 5.16 20.57
CA VAL A 493 -1.02 4.80 21.51
C VAL A 493 -1.48 3.70 22.46
N ALA A 494 -0.52 2.90 22.93
CA ALA A 494 -0.87 1.64 23.54
C ALA A 494 0.18 1.14 24.52
N LYS A 495 -0.24 0.18 25.32
CA LYS A 495 0.64 -0.66 26.10
C LYS A 495 0.76 -1.99 25.35
N ALA A 496 1.90 -2.64 25.50
CA ALA A 496 2.14 -3.96 24.91
C ALA A 496 2.91 -4.81 25.90
N ASP A 497 2.17 -5.49 26.77
CA ASP A 497 2.75 -6.32 27.84
C ASP A 497 3.51 -7.54 27.31
N LEU A 498 3.11 -8.03 26.14
CA LEU A 498 3.58 -9.34 25.67
C LEU A 498 4.60 -9.30 24.54
N TYR A 499 4.66 -8.18 23.83
CA TYR A 499 5.50 -8.11 22.63
C TYR A 499 6.33 -6.85 22.57
N ASP A 500 7.53 -7.00 22.00
CA ASP A 500 8.42 -5.89 21.74
C ASP A 500 8.03 -5.26 20.41
N VAL A 501 6.97 -4.45 20.46
CA VAL A 501 6.44 -3.76 19.29
C VAL A 501 6.44 -2.26 19.61
N LYS A 502 6.58 -1.42 18.59
CA LYS A 502 6.52 0.03 18.81
C LYS A 502 5.08 0.40 19.19
N LYS A 503 4.94 1.19 20.26
CA LYS A 503 3.66 1.33 20.95
C LYS A 503 2.84 2.56 20.53
N ILE A 504 3.16 3.10 19.36
CA ILE A 504 2.26 4.01 18.66
C ILE A 504 2.04 3.41 17.28
N SER A 505 0.81 3.55 16.78
CA SER A 505 0.49 3.11 15.43
C SER A 505 -0.22 4.22 14.68
N PHE A 506 -0.07 4.22 13.36
CA PHE A 506 -0.79 5.16 12.50
C PHE A 506 -1.71 4.43 11.54
N SER A 507 -2.84 5.05 11.23
CA SER A 507 -3.76 4.57 10.21
C SER A 507 -4.02 5.65 9.16
N TYR A 508 -4.15 5.22 7.90
CA TYR A 508 -4.48 6.12 6.79
C TYR A 508 -5.91 5.88 6.30
N ASP A 509 -6.57 4.85 6.81
CA ASP A 509 -7.92 4.48 6.38
C ASP A 509 -8.97 4.49 7.51
N GLY A 510 -8.89 5.49 8.39
CA GLY A 510 -9.91 5.69 9.43
C GLY A 510 -9.89 4.61 10.50
N GLY A 511 -8.72 4.04 10.73
CA GLY A 511 -8.53 3.08 11.82
C GLY A 511 -8.76 1.63 11.46
N ARG A 512 -8.92 1.33 10.17
CA ARG A 512 -9.17 -0.04 9.74
C ARG A 512 -7.87 -0.85 9.72
N ASN A 513 -6.82 -0.24 9.19
CA ASN A 513 -5.50 -0.88 9.17
C ASN A 513 -4.45 0.05 9.79
N TRP A 514 -3.49 -0.55 10.48
CA TRP A 514 -2.52 0.19 11.28
C TRP A 514 -1.10 -0.24 10.95
N PHE A 515 -0.16 0.69 11.03
CA PHE A 515 1.25 0.38 10.92
C PHE A 515 2.03 1.06 12.05
N GLN A 516 3.21 0.53 12.36
CA GLN A 516 4.05 1.09 13.42
C GLN A 516 5.27 1.78 12.80
N PRO A 517 5.71 2.90 13.40
CA PRO A 517 6.90 3.60 12.93
C PRO A 517 8.17 2.92 13.46
N PRO A 518 9.36 3.31 12.95
CA PRO A 518 10.58 2.70 13.48
C PRO A 518 10.95 3.14 14.90
N ASN A 519 10.46 4.31 15.32
CA ASN A 519 10.85 4.87 16.62
C ASN A 519 9.67 5.36 17.48
N GLU A 520 9.90 5.41 18.80
CA GLU A 520 8.90 5.89 19.75
C GLU A 520 9.37 7.19 20.39
N ALA A 521 8.42 7.99 20.88
CA ALA A 521 8.73 9.02 21.87
C ALA A 521 9.41 8.32 23.05
N PRO A 522 10.37 9.00 23.73
CA PRO A 522 10.93 8.39 24.94
C PRO A 522 9.83 7.95 25.92
N ASN A 523 9.92 6.70 26.37
CA ASN A 523 8.88 6.08 27.19
C ASN A 523 9.39 4.86 27.93
N SER A 524 8.72 4.51 29.03
CA SER A 524 9.05 3.30 29.76
C SER A 524 8.10 2.14 29.44
N VAL A 525 6.80 2.45 29.26
CA VAL A 525 5.77 1.42 29.04
C VAL A 525 4.79 1.76 27.90
N GLY A 526 5.14 2.74 27.08
CA GLY A 526 4.21 3.26 26.08
C GLY A 526 3.03 3.89 26.79
N GLY A 527 1.82 3.60 26.29
CA GLY A 527 0.60 4.13 26.88
C GLY A 527 0.50 5.65 26.79
N GLY A 528 -0.23 6.22 27.74
CA GLY A 528 -0.43 7.68 27.75
C GLY A 528 -1.44 8.14 26.72
N SER A 529 -1.27 9.38 26.25
CA SER A 529 -2.24 9.98 25.35
C SER A 529 -1.59 10.43 24.03
N VAL A 530 -2.44 10.80 23.07
CA VAL A 530 -1.98 11.22 21.75
C VAL A 530 -2.84 12.36 21.19
N ALA A 531 -2.19 13.30 20.51
CA ALA A 531 -2.87 14.43 19.90
C ALA A 531 -2.38 14.59 18.46
N VAL A 532 -3.31 14.63 17.51
CA VAL A 532 -2.99 14.72 16.08
C VAL A 532 -3.32 16.12 15.53
N ALA A 533 -2.37 16.73 14.82
CA ALA A 533 -2.58 18.04 14.19
C ALA A 533 -3.79 18.02 13.26
N ALA A 534 -4.49 19.15 13.20
CA ALA A 534 -5.68 19.30 12.35
C ALA A 534 -5.42 18.87 10.90
N ASP A 535 -4.21 19.15 10.42
CA ASP A 535 -3.83 18.87 9.03
C ASP A 535 -2.92 17.64 8.91
N ALA A 536 -2.83 16.85 9.98
CA ALA A 536 -2.03 15.62 10.02
C ALA A 536 -0.50 15.78 9.84
N LYS A 537 0.03 16.98 10.00
CA LYS A 537 1.46 17.24 9.77
C LYS A 537 2.35 16.98 10.98
N SER A 538 1.73 16.83 12.15
CA SER A 538 2.47 16.46 13.37
C SER A 538 1.59 15.70 14.37
N VAL A 539 2.24 14.94 15.23
CA VAL A 539 1.57 14.14 16.27
C VAL A 539 2.33 14.31 17.58
N ILE A 540 1.61 14.58 18.66
CA ILE A 540 2.26 14.65 19.97
C ILE A 540 1.84 13.43 20.78
N TRP A 541 2.83 12.64 21.19
CA TRP A 541 2.61 11.50 22.07
C TRP A 541 3.08 11.89 23.45
N THR A 542 2.18 11.76 24.42
CA THR A 542 2.52 11.92 25.83
C THR A 542 2.43 10.56 26.53
N PRO A 543 3.54 9.79 26.50
CA PRO A 543 3.46 8.43 27.04
C PRO A 543 3.32 8.45 28.56
N GLU A 544 2.87 7.33 29.11
CA GLU A 544 2.67 7.18 30.55
C GLU A 544 3.96 7.50 31.32
N ASN A 545 3.86 8.41 32.28
CA ASN A 545 4.99 8.85 33.11
C ASN A 545 6.17 9.37 32.27
N ALA A 546 5.82 10.02 31.16
CA ALA A 546 6.82 10.55 30.23
C ALA A 546 6.39 11.91 29.72
N SER A 547 7.37 12.67 29.24
CA SER A 547 7.17 14.03 28.76
C SER A 547 6.54 13.99 27.36
N PRO A 548 5.65 14.96 27.02
CA PRO A 548 5.17 15.04 25.63
C PRO A 548 6.31 15.14 24.63
N ALA A 549 6.18 14.41 23.53
CA ALA A 549 7.11 14.48 22.40
C ALA A 549 6.36 14.54 21.07
N VAL A 550 6.95 15.26 20.11
CA VAL A 550 6.31 15.51 18.83
C VAL A 550 7.07 14.83 17.70
N THR A 551 6.32 14.36 16.71
CA THR A 551 6.91 13.89 15.46
C THR A 551 6.27 14.63 14.28
N THR A 552 7.10 15.01 13.31
CA THR A 552 6.63 15.64 12.08
C THR A 552 6.87 14.72 10.86
N ASP A 553 7.38 13.51 11.13
CA ASP A 553 7.67 12.55 10.06
C ASP A 553 7.13 11.14 10.33
N ASN A 554 5.91 11.07 10.87
CA ASN A 554 5.25 9.81 11.22
C ASN A 554 6.08 8.85 12.07
N GLY A 555 6.77 9.39 13.07
CA GLY A 555 7.50 8.58 14.03
C GLY A 555 8.87 8.08 13.61
N ASN A 556 9.37 8.60 12.50
CA ASN A 556 10.78 8.36 12.14
C ASN A 556 11.71 9.02 13.16
N SER A 557 11.34 10.22 13.60
CA SER A 557 12.08 10.94 14.64
C SER A 557 11.14 11.64 15.60
N TRP A 558 11.59 11.81 16.84
CA TRP A 558 10.82 12.44 17.89
C TRP A 558 11.64 13.52 18.59
N LYS A 559 10.97 14.61 18.96
CA LYS A 559 11.59 15.66 19.76
C LYS A 559 10.71 16.00 20.96
N VAL A 560 11.32 16.10 22.13
CA VAL A 560 10.62 16.49 23.34
C VAL A 560 10.07 17.91 23.19
N CYS A 561 8.78 18.09 23.50
CA CYS A 561 8.13 19.39 23.45
C CYS A 561 8.70 20.28 24.55
N THR A 562 9.10 21.50 24.19
CA THR A 562 9.74 22.38 25.17
C THR A 562 8.73 22.90 26.20
N ASN A 563 9.21 23.08 27.43
CA ASN A 563 8.44 23.68 28.53
C ASN A 563 7.36 22.80 29.16
N LEU A 564 7.17 21.60 28.62
CA LEU A 564 6.22 20.66 29.20
C LEU A 564 6.92 19.60 30.07
N GLY A 565 6.21 18.55 30.44
CA GLY A 565 6.79 17.53 31.32
C GLY A 565 5.79 16.44 31.65
N MET A 566 6.23 15.46 32.42
CA MET A 566 5.34 14.38 32.89
C MET A 566 4.03 14.91 33.45
N GLY A 567 2.93 14.30 33.03
CA GLY A 567 1.60 14.66 33.52
C GLY A 567 0.91 15.77 32.73
N ALA A 568 1.61 16.35 31.76
CA ALA A 568 1.02 17.39 30.91
C ALA A 568 -0.18 16.81 30.15
N VAL A 569 -1.24 17.61 30.03
CA VAL A 569 -2.47 17.18 29.34
C VAL A 569 -2.53 17.98 28.04
N VAL A 570 -2.36 17.27 26.92
CA VAL A 570 -2.13 17.89 25.62
C VAL A 570 -3.31 17.66 24.68
N ALA A 571 -3.68 18.69 23.90
CA ALA A 571 -4.68 18.56 22.86
C ALA A 571 -4.29 19.41 21.65
N SER A 572 -4.75 18.99 20.47
CA SER A 572 -4.51 19.77 19.25
C SER A 572 -5.70 20.67 18.95
N ASP A 573 -5.43 21.81 18.31
CA ASP A 573 -6.49 22.62 17.72
C ASP A 573 -7.12 21.83 16.56
N ARG A 574 -8.41 22.05 16.32
CA ARG A 574 -9.14 21.29 15.33
C ARG A 574 -9.21 21.99 13.97
N VAL A 575 -8.65 23.20 13.90
CA VAL A 575 -8.72 24.03 12.69
C VAL A 575 -7.32 24.32 12.15
N ASN A 576 -6.42 24.72 13.04
CA ASN A 576 -5.06 25.12 12.68
C ASN A 576 -4.04 24.07 13.11
N GLY A 577 -3.47 23.38 12.13
CA GLY A 577 -2.49 22.31 12.38
C GLY A 577 -1.24 22.72 13.11
N LYS A 578 -0.95 24.02 13.12
CA LYS A 578 0.20 24.55 13.87
C LYS A 578 -0.06 24.69 15.37
N LYS A 579 -1.33 24.71 15.76
CA LYS A 579 -1.69 25.00 17.14
C LYS A 579 -1.98 23.74 17.97
N PHE A 580 -1.29 23.65 19.11
CA PHE A 580 -1.54 22.63 20.13
C PHE A 580 -1.64 23.34 21.47
N TYR A 581 -2.28 22.68 22.43
CA TYR A 581 -2.50 23.22 23.76
C TYR A 581 -2.06 22.22 24.82
N ALA A 582 -1.64 22.73 25.97
CA ALA A 582 -1.30 21.89 27.11
C ALA A 582 -1.60 22.55 28.44
N PHE A 583 -2.12 21.75 29.37
CA PHE A 583 -2.23 22.14 30.77
C PHE A 583 -1.17 21.36 31.53
N TYR A 584 -0.30 22.07 32.22
CA TYR A 584 0.85 21.46 32.87
C TYR A 584 1.24 22.25 34.10
N ASN A 585 1.30 21.56 35.25
CA ASN A 585 1.67 22.16 36.54
C ASN A 585 0.91 23.46 36.86
N GLY A 586 -0.41 23.40 36.72
CA GLY A 586 -1.29 24.52 37.04
C GLY A 586 -1.24 25.70 36.08
N LYS A 587 -0.52 25.54 34.96
CA LYS A 587 -0.42 26.58 33.94
C LYS A 587 -0.91 26.08 32.59
N PHE A 588 -1.32 27.02 31.72
CA PHE A 588 -1.75 26.68 30.37
C PHE A 588 -0.72 27.12 29.33
N TYR A 589 -0.53 26.27 28.32
CA TYR A 589 0.51 26.45 27.31
C TYR A 589 -0.07 26.36 25.90
N ILE A 590 0.50 27.13 24.98
CA ILE A 590 0.13 27.08 23.57
C ILE A 590 1.38 26.83 22.72
N SER A 591 1.20 26.05 21.67
CA SER A 591 2.21 25.90 20.63
C SER A 591 1.65 26.48 19.34
N THR A 592 2.47 27.23 18.62
CA THR A 592 2.09 27.74 17.31
C THR A 592 3.00 27.23 16.20
N ASP A 593 3.84 26.24 16.54
CA ASP A 593 4.78 25.66 15.57
C ASP A 593 4.59 24.14 15.40
N GLY A 594 3.36 23.66 15.59
CA GLY A 594 3.04 22.25 15.37
C GLY A 594 3.46 21.29 16.49
N GLY A 595 3.71 21.83 17.67
CA GLY A 595 4.06 21.00 18.84
C GLY A 595 5.52 21.04 19.28
N LEU A 596 6.39 21.65 18.47
CA LEU A 596 7.82 21.71 18.80
C LEU A 596 8.09 22.51 20.08
N THR A 597 7.49 23.69 20.20
CA THR A 597 7.70 24.55 21.36
C THR A 597 6.38 25.02 21.98
N PHE A 598 6.35 25.09 23.30
CA PHE A 598 5.17 25.58 24.02
C PHE A 598 5.53 26.81 24.84
N THR A 599 4.56 27.71 24.98
CA THR A 599 4.74 28.94 25.77
C THR A 599 3.61 29.10 26.77
N ASP A 600 3.96 29.43 28.01
CA ASP A 600 3.00 29.76 29.07
C ASP A 600 2.16 30.96 28.60
N THR A 601 0.84 30.78 28.51
CA THR A 601 -0.05 31.87 28.08
C THR A 601 -0.27 32.90 29.17
N LYS A 602 0.12 32.54 30.39
CA LYS A 602 -0.02 33.39 31.58
C LYS A 602 -1.48 33.73 31.89
N ALA A 603 -2.38 32.78 31.67
CA ALA A 603 -3.80 32.94 31.96
C ALA A 603 -4.02 33.25 33.44
N PRO A 604 -4.70 34.37 33.74
CA PRO A 604 -4.85 34.89 35.11
C PRO A 604 -5.76 34.05 36.00
N GLN A 605 -6.67 33.29 35.40
CA GLN A 605 -7.59 32.44 36.15
C GLN A 605 -7.66 31.05 35.55
N LEU A 606 -7.27 30.05 36.34
CA LEU A 606 -7.22 28.65 35.91
C LEU A 606 -7.61 27.73 37.06
N PRO A 607 -8.09 26.51 36.75
CA PRO A 607 -8.27 25.54 37.82
C PRO A 607 -6.91 25.08 38.32
N LYS A 608 -6.86 24.48 39.51
CA LYS A 608 -5.61 23.98 40.07
C LYS A 608 -5.05 22.81 39.25
N SER A 609 -5.95 21.95 38.77
CA SER A 609 -5.60 20.79 37.93
C SER A 609 -6.72 20.49 36.93
N VAL A 610 -6.40 19.67 35.93
CA VAL A 610 -7.40 19.23 34.94
C VAL A 610 -7.30 17.73 34.70
N ASN A 611 -8.42 17.13 34.35
CA ASN A 611 -8.43 15.74 33.90
C ASN A 611 -8.25 15.68 32.39
N LYS A 612 -9.00 16.52 31.68
CA LYS A 612 -8.99 16.54 30.22
C LYS A 612 -9.02 17.97 29.72
N ILE A 613 -8.44 18.15 28.54
CA ILE A 613 -8.65 19.39 27.77
C ILE A 613 -9.04 18.99 26.34
N LYS A 614 -9.85 19.82 25.70
CA LYS A 614 -10.30 19.50 24.33
C LYS A 614 -10.63 20.76 23.55
N ALA A 615 -10.16 20.80 22.30
CA ALA A 615 -10.47 21.89 21.38
C ALA A 615 -11.69 21.52 20.56
N VAL A 616 -12.38 22.54 20.04
CA VAL A 616 -13.64 22.36 19.34
C VAL A 616 -13.45 22.32 17.81
N PRO A 617 -13.99 21.28 17.15
CA PRO A 617 -14.02 21.29 15.69
C PRO A 617 -14.68 22.56 15.12
N GLY A 618 -14.05 23.17 14.13
CA GLY A 618 -14.59 24.36 13.45
C GLY A 618 -14.41 25.68 14.18
N LYS A 619 -13.79 25.65 15.35
CA LYS A 619 -13.57 26.86 16.15
C LYS A 619 -12.12 26.97 16.63
N GLU A 620 -11.27 27.61 15.81
CA GLU A 620 -9.87 27.82 16.16
C GLU A 620 -9.73 28.57 17.49
N GLY A 621 -8.91 28.03 18.39
CA GLY A 621 -8.64 28.68 19.67
C GLY A 621 -9.69 28.46 20.75
N HIS A 622 -10.73 27.69 20.45
CA HIS A 622 -11.74 27.34 21.44
C HIS A 622 -11.29 26.07 22.17
N VAL A 623 -11.01 26.20 23.45
CA VAL A 623 -10.47 25.09 24.26
C VAL A 623 -11.24 25.01 25.55
N TRP A 624 -11.64 23.79 25.92
CA TRP A 624 -12.41 23.55 27.14
C TRP A 624 -11.61 22.70 28.13
N LEU A 625 -11.74 23.02 29.41
CA LEU A 625 -11.03 22.28 30.45
C LEU A 625 -12.02 21.52 31.30
N ALA A 626 -11.83 20.20 31.44
CA ALA A 626 -12.64 19.42 32.35
C ALA A 626 -11.81 19.18 33.61
N ALA A 627 -12.13 19.93 34.66
CA ALA A 627 -11.30 19.99 35.87
C ALA A 627 -11.86 19.18 37.04
N ARG A 628 -12.67 18.17 36.75
CA ARG A 628 -13.32 17.39 37.81
C ARG A 628 -14.06 18.36 38.76
N GLU A 629 -13.88 18.22 40.09
CA GLU A 629 -14.57 19.11 41.05
C GLU A 629 -14.16 20.59 40.91
N GLY A 630 -13.08 20.85 40.18
CA GLY A 630 -12.67 22.20 39.81
C GLY A 630 -13.52 22.84 38.73
N GLY A 631 -14.47 22.09 38.19
CA GLY A 631 -15.47 22.60 37.26
C GLY A 631 -15.16 22.46 35.77
N LEU A 632 -15.87 23.25 34.97
CA LEU A 632 -15.70 23.28 33.53
C LEU A 632 -15.33 24.70 33.11
N TRP A 633 -14.29 24.81 32.29
CA TRP A 633 -13.74 26.08 31.86
C TRP A 633 -13.70 26.19 30.33
N ARG A 634 -13.79 27.40 29.82
CA ARG A 634 -13.66 27.63 28.38
C ARG A 634 -12.76 28.83 28.05
N SER A 635 -12.02 28.71 26.96
CA SER A 635 -11.32 29.81 26.36
C SER A 635 -11.77 29.90 24.91
N THR A 636 -11.81 31.12 24.37
CA THR A 636 -12.05 31.31 22.94
C THR A 636 -10.88 32.06 22.27
N ASP A 637 -9.80 32.27 23.03
CA ASP A 637 -8.63 32.99 22.51
C ASP A 637 -7.33 32.16 22.58
N GLY A 638 -7.47 30.84 22.46
CA GLY A 638 -6.31 29.94 22.46
C GLY A 638 -5.70 29.74 23.82
N GLY A 639 -6.45 30.06 24.87
CA GLY A 639 -6.02 29.77 26.24
C GLY A 639 -5.30 30.88 26.98
N TYR A 640 -5.31 32.07 26.40
CA TYR A 640 -4.77 33.25 27.09
C TYR A 640 -5.70 33.72 28.21
N THR A 641 -7.00 33.49 28.03
CA THR A 641 -7.99 33.73 29.10
C THR A 641 -9.01 32.61 29.13
N PHE A 642 -9.38 32.20 30.34
CA PHE A 642 -10.43 31.21 30.58
C PHE A 642 -11.53 31.75 31.46
N GLU A 643 -12.74 31.28 31.21
CA GLU A 643 -13.90 31.54 32.07
C GLU A 643 -14.37 30.22 32.67
N LYS A 644 -14.55 30.19 33.99
CA LYS A 644 -15.17 29.04 34.64
C LYS A 644 -16.69 29.17 34.54
N LEU A 645 -17.33 28.15 33.98
CA LEU A 645 -18.79 28.16 33.87
C LEU A 645 -19.42 28.04 35.26
N SER A 646 -20.29 28.99 35.59
CA SER A 646 -20.86 29.06 36.94
C SER A 646 -22.00 28.08 37.15
N ASN A 647 -22.43 27.41 36.09
CA ASN A 647 -23.56 26.49 36.16
C ASN A 647 -23.17 25.00 36.09
N VAL A 648 -21.89 24.71 36.32
CA VAL A 648 -21.40 23.33 36.35
C VAL A 648 -20.55 23.16 37.59
N ASP A 649 -20.90 22.15 38.40
CA ASP A 649 -20.13 21.85 39.61
C ASP A 649 -18.89 21.03 39.29
N THR A 650 -19.13 19.83 38.74
CA THR A 650 -18.06 18.89 38.41
C THR A 650 -18.16 18.50 36.93
N ALA A 651 -17.02 18.51 36.25
CA ALA A 651 -16.93 18.00 34.88
C ALA A 651 -15.67 17.16 34.74
N HIS A 652 -15.83 15.84 34.68
CA HIS A 652 -14.69 14.92 34.55
C HIS A 652 -14.14 14.89 33.13
N VAL A 653 -15.05 14.92 32.16
CA VAL A 653 -14.70 14.87 30.74
C VAL A 653 -15.63 15.81 29.96
N VAL A 654 -15.20 16.21 28.76
CA VAL A 654 -15.99 17.11 27.91
C VAL A 654 -15.87 16.66 26.46
N GLY A 655 -16.98 16.72 25.73
CA GLY A 655 -17.01 16.30 24.33
C GLY A 655 -18.00 17.09 23.52
N PHE A 656 -17.95 16.92 22.20
CA PHE A 656 -18.75 17.75 21.30
C PHE A 656 -19.44 16.92 20.21
N GLY A 657 -20.66 17.31 19.87
CA GLY A 657 -21.43 16.66 18.82
C GLY A 657 -22.13 17.67 17.94
N LYS A 658 -22.82 17.19 16.92
CA LYS A 658 -23.53 18.05 15.97
C LYS A 658 -24.39 19.10 16.70
N ALA A 659 -24.32 20.33 16.20
CA ALA A 659 -25.11 21.44 16.74
C ALA A 659 -26.63 21.16 16.66
N ALA A 660 -27.33 21.63 17.69
CA ALA A 660 -28.79 21.61 17.71
C ALA A 660 -29.33 22.57 16.64
N PRO A 661 -30.52 22.30 16.10
CA PRO A 661 -31.10 23.28 15.18
C PRO A 661 -31.31 24.62 15.91
N GLY A 662 -31.09 25.72 15.20
CA GLY A 662 -31.20 27.06 15.77
C GLY A 662 -30.04 27.48 16.65
N GLN A 663 -29.03 26.64 16.78
CA GLN A 663 -27.88 26.97 17.61
C GLN A 663 -26.59 27.07 16.82
N ASP A 664 -25.69 27.92 17.31
CA ASP A 664 -24.47 28.30 16.61
C ASP A 664 -23.19 27.66 17.20
N TYR A 665 -23.36 26.63 18.02
CA TYR A 665 -22.21 25.93 18.61
C TYR A 665 -22.51 24.45 18.58
N MET A 666 -21.47 23.64 18.46
CA MET A 666 -21.61 22.21 18.63
C MET A 666 -22.23 21.95 20.00
N ALA A 667 -23.09 20.93 20.08
CA ALA A 667 -23.64 20.50 21.36
C ALA A 667 -22.48 19.98 22.22
N ILE A 668 -22.54 20.29 23.51
CA ILE A 668 -21.46 19.96 24.45
C ILE A 668 -21.97 18.89 25.41
N TYR A 669 -21.13 17.88 25.67
CA TYR A 669 -21.50 16.75 26.52
C TYR A 669 -20.47 16.58 27.62
N ILE A 670 -20.94 16.41 28.85
CA ILE A 670 -20.04 16.19 29.99
C ILE A 670 -20.57 15.07 30.89
N THR A 671 -19.69 14.54 31.73
CA THR A 671 -20.11 13.77 32.90
C THR A 671 -19.63 14.50 34.13
N GLY A 672 -20.36 14.35 35.24
CA GLY A 672 -20.01 15.05 36.47
C GLY A 672 -21.23 15.36 37.31
N LYS A 673 -21.33 16.61 37.73
CA LYS A 673 -22.33 17.01 38.71
C LYS A 673 -22.82 18.42 38.43
N ILE A 674 -24.13 18.58 38.37
CA ILE A 674 -24.76 19.90 38.26
C ILE A 674 -25.86 19.94 39.31
N ASP A 675 -25.87 21.00 40.13
CA ASP A 675 -26.90 21.21 41.16
C ASP A 675 -27.17 19.95 41.98
N ASN A 676 -26.10 19.37 42.53
CA ASN A 676 -26.20 18.11 43.30
C ASN A 676 -26.91 16.94 42.60
N VAL A 677 -26.84 16.93 41.27
CA VAL A 677 -27.29 15.79 40.48
C VAL A 677 -26.06 15.23 39.77
N LEU A 678 -25.78 13.95 40.00
CA LEU A 678 -24.70 13.25 39.30
C LEU A 678 -25.21 12.66 38.00
N GLY A 679 -24.38 12.72 36.96
CA GLY A 679 -24.72 12.02 35.72
C GLY A 679 -24.07 12.60 34.48
N PHE A 680 -24.79 12.48 33.36
CA PHE A 680 -24.32 12.99 32.09
C PHE A 680 -25.21 14.16 31.69
N PHE A 681 -24.61 15.19 31.10
CA PHE A 681 -25.31 16.43 30.80
C PHE A 681 -24.98 16.94 29.41
N ARG A 682 -25.94 17.63 28.81
CA ARG A 682 -25.79 18.22 27.49
C ARG A 682 -26.16 19.71 27.51
N SER A 683 -25.39 20.51 26.79
CA SER A 683 -25.74 21.90 26.52
C SER A 683 -25.78 22.13 25.03
N ASP A 684 -26.90 22.68 24.56
CA ASP A 684 -27.09 23.00 23.16
C ASP A 684 -26.71 24.45 22.82
N ASP A 685 -26.44 25.25 23.86
CA ASP A 685 -26.22 26.70 23.70
C ASP A 685 -24.88 27.20 24.26
N ALA A 686 -23.83 26.43 24.01
CA ALA A 686 -22.46 26.78 24.38
C ALA A 686 -22.25 26.91 25.89
N GLY A 687 -22.99 26.12 26.67
CA GLY A 687 -22.82 26.08 28.12
C GLY A 687 -23.74 27.01 28.89
N LYS A 688 -24.61 27.74 28.18
CA LYS A 688 -25.55 28.65 28.83
C LYS A 688 -26.61 27.91 29.66
N THR A 689 -27.13 26.81 29.12
CA THR A 689 -28.06 25.93 29.84
C THR A 689 -27.68 24.47 29.67
N TRP A 690 -28.03 23.65 30.66
CA TRP A 690 -27.71 22.22 30.67
C TRP A 690 -28.94 21.39 30.97
N VAL A 691 -29.00 20.21 30.37
CA VAL A 691 -30.02 19.20 30.73
C VAL A 691 -29.33 17.88 31.09
N ARG A 692 -29.90 17.18 32.06
CA ARG A 692 -29.44 15.83 32.37
C ARG A 692 -29.96 14.86 31.32
N ILE A 693 -29.04 14.08 30.75
CA ILE A 693 -29.42 13.13 29.69
C ILE A 693 -29.45 11.67 30.16
N ASN A 694 -28.81 11.38 31.28
CA ASN A 694 -29.02 10.07 31.91
C ASN A 694 -30.13 10.18 32.94
N ASP A 695 -30.31 9.12 33.73
CA ASP A 695 -31.33 9.09 34.77
C ASP A 695 -30.85 8.16 35.89
N ASP A 696 -31.66 8.00 36.93
CA ASP A 696 -31.29 7.20 38.10
C ASP A 696 -31.00 5.74 37.78
N GLU A 697 -31.63 5.21 36.73
CA GLU A 697 -31.44 3.81 36.33
C GLU A 697 -30.29 3.60 35.36
N HIS A 698 -29.69 4.68 34.86
CA HIS A 698 -28.60 4.58 33.89
C HIS A 698 -27.38 5.37 34.33
N GLY A 699 -26.65 4.81 35.30
CA GLY A 699 -25.43 5.44 35.82
C GLY A 699 -24.16 4.94 35.16
N TYR A 700 -24.00 3.62 35.10
CA TYR A 700 -22.86 2.94 34.46
C TYR A 700 -21.48 3.18 35.09
N GLY A 701 -21.44 3.75 36.30
CA GLY A 701 -20.23 3.77 37.10
C GLY A 701 -19.22 4.86 36.76
N ALA A 702 -17.98 4.43 36.52
CA ALA A 702 -16.88 5.38 36.34
C ALA A 702 -16.81 5.87 34.89
N VAL A 703 -17.04 7.16 34.70
CA VAL A 703 -17.17 7.76 33.37
C VAL A 703 -16.28 8.98 33.22
N ASP A 704 -15.01 8.82 33.58
CA ASP A 704 -14.06 9.93 33.62
C ASP A 704 -12.83 9.73 32.71
N THR A 705 -13.01 8.95 31.64
CA THR A 705 -11.92 8.69 30.68
C THR A 705 -12.13 9.29 29.29
N ALA A 706 -13.36 9.22 28.76
CA ALA A 706 -13.66 9.80 27.44
C ALA A 706 -15.14 10.00 27.21
N ILE A 707 -15.47 11.10 26.54
CA ILE A 707 -16.83 11.35 26.06
C ILE A 707 -16.72 12.07 24.71
N THR A 708 -17.63 11.74 23.79
CA THR A 708 -17.74 12.50 22.55
C THR A 708 -19.16 12.49 22.02
N GLY A 709 -19.56 13.61 21.45
CA GLY A 709 -20.76 13.63 20.64
C GLY A 709 -20.41 13.05 19.28
N ASP A 710 -21.39 13.06 18.39
CA ASP A 710 -21.25 12.59 17.02
C ASP A 710 -21.41 13.79 16.12
N PRO A 711 -20.35 14.17 15.38
CA PRO A 711 -20.43 15.38 14.55
C PRO A 711 -21.49 15.31 13.46
N ARG A 712 -21.98 14.09 13.16
CA ARG A 712 -22.96 13.85 12.10
C ARG A 712 -24.38 13.53 12.58
N VAL A 713 -24.54 13.29 13.88
CA VAL A 713 -25.84 12.90 14.41
C VAL A 713 -26.16 13.73 15.65
N TYR A 714 -27.14 14.63 15.52
CA TYR A 714 -27.52 15.46 16.65
C TYR A 714 -28.01 14.59 17.82
N GLY A 715 -27.59 14.94 19.03
CA GLY A 715 -28.13 14.35 20.25
C GLY A 715 -27.43 13.10 20.75
N ARG A 716 -26.69 12.45 19.86
CA ARG A 716 -26.00 11.21 20.18
C ARG A 716 -24.72 11.47 20.97
N VAL A 717 -24.47 10.66 21.98
CA VAL A 717 -23.27 10.80 22.79
C VAL A 717 -22.69 9.41 23.04
N TYR A 718 -21.36 9.32 23.01
CA TYR A 718 -20.65 8.09 23.31
C TYR A 718 -19.83 8.30 24.57
N ILE A 719 -19.94 7.37 25.51
CA ILE A 719 -19.28 7.52 26.81
C ILE A 719 -18.48 6.27 27.16
N ALA A 720 -17.22 6.47 27.52
CA ALA A 720 -16.36 5.39 27.97
C ALA A 720 -16.66 5.07 29.43
N THR A 721 -16.91 3.80 29.72
CA THR A 721 -17.10 3.39 31.10
C THR A 721 -15.95 2.48 31.50
N ASN A 722 -15.84 2.23 32.80
CA ASN A 722 -14.78 1.39 33.35
C ASN A 722 -15.36 0.07 33.83
N GLY A 723 -15.79 -0.77 32.89
CA GLY A 723 -16.36 -2.07 33.24
C GLY A 723 -17.74 -2.33 32.67
N ARG A 724 -18.30 -1.34 31.96
CA ARG A 724 -19.55 -1.54 31.26
C ARG A 724 -19.42 -1.20 29.77
N GLY A 725 -18.19 -1.29 29.26
CA GLY A 725 -17.91 -1.08 27.84
C GLY A 725 -18.19 0.33 27.38
N ILE A 726 -18.64 0.45 26.14
CA ILE A 726 -18.97 1.74 25.56
C ILE A 726 -20.47 1.89 25.58
N VAL A 727 -20.96 2.95 26.20
CA VAL A 727 -22.39 3.21 26.14
C VAL A 727 -22.65 4.41 25.25
N TYR A 728 -23.81 4.39 24.60
CA TYR A 728 -24.23 5.52 23.81
C TYR A 728 -25.70 5.82 24.07
N GLY A 729 -26.03 7.11 23.99
CA GLY A 729 -27.37 7.56 24.24
C GLY A 729 -27.85 8.44 23.11
N GLU A 730 -29.15 8.42 22.87
CA GLU A 730 -29.79 9.29 21.90
C GLU A 730 -31.11 9.77 22.51
N PRO A 731 -31.57 10.98 22.13
CA PRO A 731 -32.89 11.42 22.59
C PRO A 731 -33.98 10.39 22.29
N ALA A 732 -34.88 10.18 23.24
CA ALA A 732 -36.02 9.28 23.06
C ALA A 732 -36.90 9.79 21.91
N SER A 733 -37.50 8.84 21.18
CA SER A 733 -38.42 9.19 20.08
C SER A 733 -39.89 9.10 20.50
N VAL B 6 33.58 -18.16 -44.90
CA VAL B 6 33.85 -16.70 -44.97
C VAL B 6 34.74 -16.20 -43.83
N THR B 7 35.81 -15.50 -44.20
CA THR B 7 36.75 -14.90 -43.26
C THR B 7 36.42 -13.41 -43.10
N SER B 8 36.93 -12.81 -42.03
CA SER B 8 36.68 -11.39 -41.72
C SER B 8 37.89 -10.52 -41.97
N VAL B 9 37.64 -9.27 -42.38
CA VAL B 9 38.68 -8.26 -42.44
C VAL B 9 38.34 -7.12 -41.48
N PRO B 10 39.36 -6.60 -40.77
CA PRO B 10 39.09 -5.60 -39.74
C PRO B 10 38.64 -4.25 -40.32
N TYR B 11 37.49 -3.77 -39.87
CA TYR B 11 36.96 -2.48 -40.28
C TYR B 11 36.81 -1.55 -39.09
N LYS B 12 36.87 -0.25 -39.37
CA LYS B 12 36.45 0.77 -38.41
C LYS B 12 35.06 1.24 -38.77
N TRP B 13 34.17 1.23 -37.79
CA TRP B 13 32.75 1.61 -37.97
C TRP B 13 32.42 2.90 -37.21
N ASP B 14 31.59 3.74 -37.81
CA ASP B 14 31.10 4.94 -37.14
C ASP B 14 29.79 5.38 -37.79
N ASN B 15 29.08 6.30 -37.13
CA ASN B 15 27.96 6.98 -37.75
C ASN B 15 28.42 8.11 -38.65
N VAL B 16 27.78 8.25 -39.80
CA VAL B 16 27.77 9.52 -40.54
C VAL B 16 26.91 10.44 -39.67
N VAL B 17 27.42 11.62 -39.34
CA VAL B 17 26.73 12.48 -38.38
C VAL B 17 25.53 13.20 -39.01
N ILE B 18 24.35 12.95 -38.45
CA ILE B 18 23.16 13.77 -38.72
C ILE B 18 23.05 14.84 -37.64
N GLY B 19 23.36 14.45 -36.40
CA GLY B 19 23.38 15.35 -35.26
C GLY B 19 22.05 15.43 -34.53
N GLY B 20 22.13 15.50 -33.20
CA GLY B 20 20.96 15.77 -32.37
C GLY B 20 19.93 14.66 -32.22
N GLY B 21 20.30 13.42 -32.55
CA GLY B 21 19.40 12.28 -32.35
C GLY B 21 18.58 11.96 -33.57
N GLY B 22 17.55 12.77 -33.83
CA GLY B 22 16.75 12.66 -35.04
C GLY B 22 15.46 11.85 -34.88
N GLY B 23 15.24 11.30 -33.70
CA GLY B 23 14.06 10.48 -33.44
C GLY B 23 13.56 10.64 -32.03
N PHE B 24 12.62 9.77 -31.65
CA PHE B 24 11.97 9.81 -30.36
C PHE B 24 12.70 8.89 -29.36
N MET B 25 13.28 9.48 -28.32
CA MET B 25 13.78 8.74 -27.18
C MET B 25 12.72 8.85 -26.08
N PRO B 26 11.95 7.77 -25.84
CA PRO B 26 10.83 7.90 -24.90
C PRO B 26 11.20 8.11 -23.42
N GLY B 27 12.48 7.94 -23.06
CA GLY B 27 12.87 8.07 -21.67
C GLY B 27 14.33 8.38 -21.42
N ILE B 28 14.57 9.18 -20.39
CA ILE B 28 15.89 9.44 -19.85
C ILE B 28 15.84 8.99 -18.38
N VAL B 29 16.92 8.37 -17.90
CA VAL B 29 16.98 7.88 -16.51
C VAL B 29 18.31 8.29 -15.86
N PHE B 30 18.22 9.08 -14.79
CA PHE B 30 19.36 9.42 -13.94
C PHE B 30 19.55 8.36 -12.85
N ASN B 31 20.80 8.03 -12.53
CA ASN B 31 21.10 7.23 -11.34
C ASN B 31 20.86 8.06 -10.07
N GLU B 32 20.29 7.43 -9.05
CA GLU B 32 19.87 8.15 -7.85
C GLU B 32 21.02 8.41 -6.89
N THR B 33 22.13 7.72 -7.07
CA THR B 33 23.24 7.86 -6.13
C THR B 33 24.55 8.35 -6.73
N GLU B 34 24.78 8.12 -8.03
CA GLU B 34 26.02 8.59 -8.66
C GLU B 34 25.82 9.77 -9.60
N LYS B 35 26.45 10.89 -9.26
CA LYS B 35 26.43 12.11 -10.07
C LYS B 35 26.95 11.85 -11.48
N ASP B 36 26.24 12.42 -12.46
CA ASP B 36 26.63 12.40 -13.88
C ASP B 36 26.38 11.07 -14.60
N LEU B 37 25.78 10.10 -13.90
CA LEU B 37 25.41 8.82 -14.51
C LEU B 37 23.98 8.86 -15.05
N ILE B 38 23.87 8.86 -16.38
CA ILE B 38 22.59 9.01 -17.06
C ILE B 38 22.49 8.02 -18.22
N TYR B 39 21.29 7.49 -18.43
CA TYR B 39 21.00 6.63 -19.57
C TYR B 39 19.79 7.16 -20.32
N ALA B 40 19.75 6.88 -21.63
CA ALA B 40 18.62 7.26 -22.46
C ALA B 40 18.16 6.06 -23.27
N ARG B 41 16.86 5.89 -23.43
CA ARG B 41 16.32 4.78 -24.20
C ARG B 41 15.59 5.24 -25.46
N ALA B 42 15.80 4.51 -26.56
CA ALA B 42 15.19 4.80 -27.85
C ALA B 42 14.06 3.83 -28.19
N ALA B 43 13.11 4.31 -28.99
CA ALA B 43 12.00 3.49 -29.46
C ALA B 43 12.46 2.41 -30.44
N ILE B 44 13.40 2.76 -31.33
CA ILE B 44 13.90 1.80 -32.33
C ILE B 44 15.43 1.79 -32.41
N GLY B 45 16.09 2.51 -31.50
CA GLY B 45 17.52 2.76 -31.63
C GLY B 45 18.42 2.38 -30.46
N GLY B 46 17.98 1.40 -29.67
CA GLY B 46 18.80 0.89 -28.55
C GLY B 46 18.85 1.83 -27.35
N ALA B 47 19.99 1.85 -26.67
CA ALA B 47 20.15 2.70 -25.49
C ALA B 47 21.53 3.33 -25.45
N TYR B 48 21.66 4.39 -24.66
CA TYR B 48 22.91 5.15 -24.57
C TYR B 48 23.24 5.43 -23.12
N ARG B 49 24.53 5.58 -22.85
CA ARG B 49 25.01 6.11 -21.57
C ARG B 49 25.69 7.45 -21.82
N TRP B 50 25.45 8.39 -20.91
CA TRP B 50 26.03 9.73 -20.99
C TRP B 50 27.51 9.68 -20.64
N ASP B 51 28.31 10.41 -21.41
CA ASP B 51 29.73 10.60 -21.13
C ASP B 51 29.93 12.05 -20.68
N PRO B 52 30.07 12.28 -19.36
CA PRO B 52 30.17 13.65 -18.85
C PRO B 52 31.44 14.40 -19.28
N SER B 53 32.49 13.66 -19.58
CA SER B 53 33.75 14.29 -20.01
C SER B 53 33.63 14.95 -21.38
N THR B 54 32.82 14.38 -22.26
CA THR B 54 32.62 14.94 -23.61
C THR B 54 31.24 15.59 -23.81
N GLU B 55 30.34 15.43 -22.84
CA GLU B 55 28.92 15.80 -23.02
C GLU B 55 28.32 15.17 -24.28
N THR B 56 28.57 13.88 -24.46
CA THR B 56 28.00 13.12 -25.57
C THR B 56 27.44 11.80 -25.05
N TRP B 57 26.61 11.16 -25.87
CA TRP B 57 26.01 9.88 -25.52
C TRP B 57 26.73 8.73 -26.23
N ILE B 58 26.87 7.61 -25.51
CA ILE B 58 27.56 6.43 -26.03
C ILE B 58 26.57 5.28 -26.26
N PRO B 59 26.47 4.77 -27.50
CA PRO B 59 25.51 3.68 -27.77
C PRO B 59 25.94 2.34 -27.12
N LEU B 60 24.95 1.60 -26.60
CA LEU B 60 25.23 0.44 -25.75
C LEU B 60 24.91 -0.92 -26.34
N LEU B 61 24.09 -0.95 -27.38
CA LEU B 61 23.52 -2.23 -27.85
C LEU B 61 23.84 -2.58 -29.30
N ASP B 62 24.92 -2.02 -29.84
CA ASP B 62 25.23 -2.16 -31.26
C ASP B 62 25.63 -3.56 -31.70
N HIS B 63 25.89 -4.45 -30.73
CA HIS B 63 26.22 -5.85 -31.00
C HIS B 63 25.06 -6.66 -31.60
N PHE B 64 23.82 -6.21 -31.38
CA PHE B 64 22.66 -6.92 -31.92
C PHE B 64 22.66 -6.89 -33.44
N GLN B 65 22.71 -8.08 -34.03
CA GLN B 65 22.70 -8.26 -35.48
C GLN B 65 21.26 -8.27 -35.98
N MET B 66 21.08 -8.47 -37.28
CA MET B 66 19.77 -8.28 -37.91
C MET B 66 18.66 -9.22 -37.42
N ASP B 67 19.04 -10.41 -36.95
CA ASP B 67 18.07 -11.36 -36.40
C ASP B 67 17.62 -10.97 -34.99
N GLU B 68 18.28 -9.97 -34.40
CA GLU B 68 17.88 -9.45 -33.10
C GLU B 68 17.61 -7.95 -33.11
N TYR B 69 17.19 -7.46 -34.29
CA TYR B 69 16.77 -6.07 -34.45
C TYR B 69 15.79 -5.65 -33.35
N SER B 70 14.86 -6.54 -33.01
CA SER B 70 13.85 -6.25 -31.99
C SER B 70 14.41 -5.65 -30.70
N TYR B 71 15.63 -6.08 -30.34
CA TYR B 71 16.22 -5.66 -29.08
C TYR B 71 16.81 -4.23 -29.06
N TYR B 72 16.71 -3.54 -30.20
CA TYR B 72 16.91 -2.09 -30.23
C TYR B 72 15.68 -1.33 -29.70
N GLY B 73 14.54 -2.02 -29.61
CA GLY B 73 13.33 -1.44 -29.01
C GLY B 73 13.44 -1.51 -27.50
N VAL B 74 13.75 -0.38 -26.87
CA VAL B 74 14.03 -0.36 -25.45
C VAL B 74 12.82 0.13 -24.64
N GLU B 75 12.14 -0.83 -24.04
CA GLU B 75 10.93 -0.60 -23.29
C GLU B 75 11.21 0.16 -21.98
N SER B 76 12.31 -0.20 -21.32
CA SER B 76 12.66 0.43 -20.04
C SER B 76 14.13 0.24 -19.72
N ILE B 77 14.68 1.16 -18.95
CA ILE B 77 16.06 1.06 -18.52
C ILE B 77 16.12 1.36 -17.02
N ALA B 78 16.87 0.53 -16.31
CA ALA B 78 17.00 0.70 -14.86
C ALA B 78 18.47 0.68 -14.47
N THR B 79 18.86 1.68 -13.68
CA THR B 79 20.23 1.85 -13.21
C THR B 79 20.28 1.71 -11.68
N ASP B 80 21.17 0.83 -11.22
CA ASP B 80 21.21 0.35 -9.83
C ASP B 80 21.77 1.45 -8.91
N PRO B 81 20.98 1.89 -7.91
CA PRO B 81 21.44 2.92 -6.97
C PRO B 81 22.41 2.38 -5.90
N VAL B 82 22.40 1.07 -5.69
CA VAL B 82 23.31 0.43 -4.74
C VAL B 82 24.67 0.17 -5.37
N ASP B 83 24.65 -0.51 -6.52
CA ASP B 83 25.84 -0.68 -7.36
C ASP B 83 25.62 -0.03 -8.74
N PRO B 84 26.00 1.25 -8.90
CA PRO B 84 25.84 1.98 -10.17
C PRO B 84 26.61 1.39 -11.36
N ASN B 85 27.44 0.37 -11.13
CA ASN B 85 28.02 -0.38 -12.24
C ASN B 85 26.99 -1.28 -12.94
N ARG B 86 25.89 -1.56 -12.25
CA ARG B 86 24.82 -2.40 -12.79
C ARG B 86 23.77 -1.58 -13.53
N VAL B 87 23.36 -2.11 -14.69
CA VAL B 87 22.29 -1.51 -15.47
C VAL B 87 21.54 -2.63 -16.16
N TYR B 88 20.24 -2.44 -16.35
CA TYR B 88 19.37 -3.44 -16.93
C TYR B 88 18.46 -2.80 -17.97
N ILE B 89 18.09 -3.59 -18.98
CA ILE B 89 17.20 -3.11 -20.02
C ILE B 89 16.10 -4.13 -20.31
N VAL B 90 14.87 -3.63 -20.43
CA VAL B 90 13.79 -4.43 -20.97
C VAL B 90 13.71 -4.13 -22.47
N ALA B 91 13.98 -5.17 -23.26
CA ALA B 91 14.18 -5.03 -24.70
C ALA B 91 13.18 -5.86 -25.50
N GLY B 92 12.75 -5.31 -26.62
CA GLY B 92 11.79 -5.96 -27.50
C GLY B 92 10.90 -4.87 -28.07
N MET B 93 10.79 -4.86 -29.39
CA MET B 93 10.26 -3.69 -30.09
C MET B 93 8.74 -3.68 -30.28
N TYR B 94 8.17 -4.83 -30.64
CA TYR B 94 6.74 -4.91 -30.92
C TYR B 94 6.08 -6.08 -30.19
N THR B 95 4.84 -5.87 -29.75
CA THR B 95 4.05 -6.91 -29.09
C THR B 95 3.22 -7.73 -30.08
N ASN B 96 3.25 -7.34 -31.36
CA ASN B 96 2.58 -8.13 -32.41
C ASN B 96 3.59 -9.02 -33.17
N ASP B 97 3.20 -9.46 -34.36
CA ASP B 97 4.04 -10.37 -35.16
C ASP B 97 4.96 -9.66 -36.15
N TRP B 98 5.13 -8.35 -36.02
CA TRP B 98 6.02 -7.60 -36.90
C TRP B 98 7.46 -8.09 -36.81
N LEU B 99 7.86 -8.52 -35.60
CA LEU B 99 9.13 -9.19 -35.38
C LEU B 99 8.89 -10.46 -34.55
N PRO B 100 9.69 -11.53 -34.77
CA PRO B 100 9.39 -12.81 -34.11
C PRO B 100 9.89 -12.97 -32.67
N ASN B 101 10.88 -12.18 -32.27
CA ASN B 101 11.57 -12.38 -31.00
C ASN B 101 10.66 -12.18 -29.79
N MET B 102 10.86 -13.02 -28.77
CA MET B 102 10.27 -12.75 -27.47
C MET B 102 11.06 -11.63 -26.83
N GLY B 103 10.45 -10.97 -25.84
CA GLY B 103 11.14 -9.93 -25.08
C GLY B 103 12.30 -10.48 -24.26
N ALA B 104 13.18 -9.59 -23.83
CA ALA B 104 14.33 -10.00 -23.02
C ALA B 104 14.68 -8.96 -21.96
N ILE B 105 15.24 -9.42 -20.86
CA ILE B 105 15.89 -8.55 -19.91
C ILE B 105 17.39 -8.66 -20.13
N LEU B 106 18.01 -7.53 -20.46
CA LEU B 106 19.45 -7.46 -20.66
C LEU B 106 20.08 -7.00 -19.35
N ARG B 107 21.16 -7.66 -18.93
CA ARG B 107 21.86 -7.28 -17.71
C ARG B 107 23.33 -6.97 -17.99
N SER B 108 23.86 -5.98 -17.28
CA SER B 108 25.26 -5.59 -17.42
C SER B 108 25.81 -5.23 -16.05
N THR B 109 27.02 -5.61 -15.76
CA THR B 109 27.78 -5.17 -14.61
C THR B 109 28.88 -4.12 -14.88
N ASP B 110 28.88 -3.53 -16.07
CA ASP B 110 29.87 -2.57 -16.50
C ASP B 110 29.27 -1.42 -17.31
N ARG B 111 28.08 -1.04 -16.93
CA ARG B 111 27.43 0.18 -17.33
C ARG B 111 27.07 0.17 -18.83
N GLY B 112 26.87 -1.03 -19.33
CA GLY B 112 26.41 -1.27 -20.69
C GLY B 112 27.49 -1.54 -21.71
N GLU B 113 28.71 -1.64 -21.22
CA GLU B 113 29.80 -2.03 -22.11
C GLU B 113 29.64 -3.45 -22.64
N THR B 114 29.29 -4.38 -21.75
CA THR B 114 28.99 -5.77 -22.12
C THR B 114 27.66 -6.20 -21.51
N TRP B 115 27.02 -7.18 -22.12
CA TRP B 115 25.67 -7.59 -21.73
C TRP B 115 25.51 -9.11 -21.73
N GLU B 116 24.60 -9.57 -20.88
CA GLU B 116 24.03 -10.92 -21.00
C GLU B 116 22.51 -10.72 -21.06
N LYS B 117 21.77 -11.76 -21.45
CA LYS B 117 20.32 -11.64 -21.51
C LYS B 117 19.56 -12.87 -21.03
N THR B 118 18.32 -12.62 -20.60
CA THR B 118 17.35 -13.66 -20.31
C THR B 118 16.12 -13.40 -21.17
N ILE B 119 15.77 -14.38 -22.01
CA ILE B 119 14.59 -14.29 -22.87
C ILE B 119 13.35 -14.62 -22.03
N LEU B 120 12.32 -13.78 -22.16
CA LEU B 120 11.06 -13.93 -21.43
C LEU B 120 10.01 -14.68 -22.27
N PRO B 121 8.96 -15.23 -21.62
CA PRO B 121 7.90 -15.91 -22.36
C PRO B 121 6.82 -14.99 -22.96
N PHE B 122 7.11 -13.69 -23.08
CA PHE B 122 6.18 -12.71 -23.66
C PHE B 122 6.98 -11.61 -24.36
N LYS B 123 6.29 -10.78 -25.14
CA LYS B 123 6.93 -9.72 -25.91
C LYS B 123 6.94 -8.37 -25.18
N MET B 124 7.90 -7.52 -25.57
CA MET B 124 7.99 -6.13 -25.13
C MET B 124 7.51 -5.20 -26.24
N GLY B 125 7.22 -3.96 -25.88
CA GLY B 125 6.69 -2.98 -26.84
C GLY B 125 7.45 -1.66 -26.89
N GLY B 126 8.75 -1.74 -27.13
CA GLY B 126 9.62 -0.57 -27.19
C GLY B 126 9.17 0.48 -28.20
N ASN B 127 8.59 0.03 -29.31
CA ASN B 127 8.01 0.93 -30.33
C ASN B 127 6.47 0.86 -30.47
N MET B 128 5.81 0.52 -29.36
CA MET B 128 4.34 0.45 -29.28
C MET B 128 3.77 1.75 -28.71
N PRO B 129 2.43 1.92 -28.79
CA PRO B 129 1.82 3.10 -28.14
C PRO B 129 2.10 3.14 -26.64
N GLY B 130 2.13 4.34 -26.06
CA GLY B 130 2.36 4.48 -24.61
C GLY B 130 3.79 4.29 -24.15
N ARG B 131 4.74 4.25 -25.10
CA ARG B 131 6.13 3.92 -24.79
C ARG B 131 6.88 4.92 -23.91
N SER B 132 6.40 6.16 -23.82
CA SER B 132 6.99 7.10 -22.86
C SER B 132 6.46 6.95 -21.43
N MET B 133 5.41 6.17 -21.23
CA MET B 133 4.99 5.84 -19.87
C MET B 133 6.05 4.92 -19.28
N GLY B 134 6.39 5.11 -18.02
CA GLY B 134 7.46 4.33 -17.39
C GLY B 134 8.01 4.97 -16.13
N GLU B 135 9.10 4.46 -15.59
CA GLU B 135 9.79 3.28 -16.13
C GLU B 135 9.18 1.99 -15.61
N ARG B 136 8.94 1.05 -16.54
CA ARG B 136 8.38 -0.26 -16.23
C ARG B 136 9.32 -1.17 -15.44
N LEU B 137 10.63 -0.97 -15.61
CA LEU B 137 11.64 -1.79 -14.91
C LEU B 137 12.24 -0.98 -13.76
N ALA B 138 12.32 -1.60 -12.59
CA ALA B 138 12.78 -0.91 -11.39
C ALA B 138 13.59 -1.82 -10.47
N ILE B 139 14.61 -1.24 -9.85
CA ILE B 139 15.50 -1.98 -8.93
C ILE B 139 15.24 -1.54 -7.49
N ASP B 140 15.07 -2.51 -6.60
CA ASP B 140 14.89 -2.24 -5.15
C ASP B 140 16.11 -1.48 -4.60
N PRO B 141 15.88 -0.26 -4.06
CA PRO B 141 17.00 0.58 -3.62
C PRO B 141 17.61 0.14 -2.28
N ASN B 142 16.98 -0.82 -1.60
CA ASN B 142 17.52 -1.38 -0.34
C ASN B 142 18.18 -2.74 -0.54
N ASP B 143 17.59 -3.57 -1.39
CA ASP B 143 18.13 -4.90 -1.71
C ASP B 143 18.13 -5.04 -3.22
N ASN B 144 19.27 -4.72 -3.86
CA ASN B 144 19.35 -4.60 -5.32
C ASN B 144 19.35 -5.92 -6.08
N ARG B 145 19.18 -7.03 -5.35
CA ARG B 145 18.93 -8.34 -5.95
C ARG B 145 17.53 -8.40 -6.56
N ILE B 146 16.65 -7.54 -6.07
CA ILE B 146 15.23 -7.51 -6.47
C ILE B 146 14.96 -6.48 -7.55
N LEU B 147 14.30 -6.94 -8.61
CA LEU B 147 13.80 -6.09 -9.69
C LEU B 147 12.34 -6.41 -9.99
N TYR B 148 11.56 -5.39 -10.33
CA TYR B 148 10.18 -5.56 -10.77
C TYR B 148 10.05 -5.10 -12.21
N LEU B 149 9.14 -5.72 -12.95
CA LEU B 149 8.88 -5.35 -14.32
C LEU B 149 7.39 -5.27 -14.61
N GLY B 150 6.94 -4.09 -15.03
CA GLY B 150 5.60 -3.93 -15.59
C GLY B 150 5.57 -4.36 -17.05
N THR B 151 4.55 -5.12 -17.42
CA THR B 151 4.49 -5.70 -18.75
C THR B 151 3.24 -5.26 -19.52
N ARG B 152 3.26 -5.50 -20.83
CA ARG B 152 2.12 -5.23 -21.69
C ARG B 152 1.30 -6.51 -21.90
N CYS B 153 0.16 -6.36 -22.61
CA CYS B 153 -0.61 -7.50 -23.13
C CYS B 153 -1.31 -8.35 -22.08
N GLY B 154 -1.51 -7.80 -20.88
CA GLY B 154 -2.16 -8.54 -19.80
C GLY B 154 -1.26 -9.51 -19.05
N ASN B 155 0.06 -9.39 -19.23
CA ASN B 155 1.00 -10.26 -18.50
C ASN B 155 1.30 -9.80 -17.07
N GLY B 156 0.83 -8.59 -16.73
CA GLY B 156 0.86 -8.13 -15.34
C GLY B 156 2.21 -7.65 -14.84
N LEU B 157 2.50 -7.97 -13.59
CA LEU B 157 3.73 -7.57 -12.92
C LEU B 157 4.65 -8.76 -12.70
N TRP B 158 5.90 -8.64 -13.14
CA TRP B 158 6.89 -9.70 -13.01
C TRP B 158 8.01 -9.27 -12.07
N ARG B 159 8.77 -10.25 -11.59
CA ARG B 159 9.76 -10.01 -10.54
C ARG B 159 10.98 -10.93 -10.68
N SER B 160 12.15 -10.39 -10.34
CA SER B 160 13.38 -11.16 -10.21
C SER B 160 13.92 -10.92 -8.81
N THR B 161 14.49 -11.96 -8.20
CA THR B 161 15.17 -11.80 -6.91
C THR B 161 16.65 -12.22 -6.97
N ASP B 162 17.17 -12.36 -8.19
CA ASP B 162 18.55 -12.80 -8.39
C ASP B 162 19.30 -11.92 -9.39
N TYR B 163 19.15 -10.60 -9.23
CA TYR B 163 19.81 -9.62 -10.10
C TYR B 163 19.41 -9.79 -11.57
N GLY B 164 18.13 -10.04 -11.82
CA GLY B 164 17.58 -10.05 -13.18
C GLY B 164 17.89 -11.27 -14.04
N VAL B 165 18.51 -12.29 -13.44
CA VAL B 165 18.84 -13.52 -14.17
C VAL B 165 17.59 -14.37 -14.46
N THR B 166 16.77 -14.59 -13.43
CA THR B 166 15.53 -15.34 -13.62
C THR B 166 14.31 -14.52 -13.19
N TRP B 167 13.19 -14.75 -13.87
CA TRP B 167 11.99 -13.92 -13.74
C TRP B 167 10.75 -14.77 -13.58
N SER B 168 9.82 -14.32 -12.74
CA SER B 168 8.52 -14.98 -12.60
C SER B 168 7.40 -13.95 -12.41
N LYS B 169 6.18 -14.35 -12.73
CA LYS B 169 5.00 -13.51 -12.55
C LYS B 169 4.67 -13.30 -11.07
N VAL B 170 4.30 -12.07 -10.70
CA VAL B 170 3.79 -11.80 -9.36
C VAL B 170 2.30 -12.11 -9.41
N GLU B 171 1.94 -13.33 -9.03
CA GLU B 171 0.56 -13.82 -9.18
C GLU B 171 -0.44 -13.03 -8.35
N SER B 172 0.01 -12.51 -7.22
CA SER B 172 -0.85 -11.76 -6.31
C SER B 172 -1.18 -10.34 -6.78
N PHE B 173 -0.50 -9.87 -7.83
CA PHE B 173 -0.84 -8.55 -8.38
C PHE B 173 -2.21 -8.58 -9.06
N PRO B 174 -3.14 -7.70 -8.62
CA PRO B 174 -4.55 -7.82 -8.98
C PRO B 174 -4.99 -7.34 -10.38
N ASN B 175 -4.19 -6.47 -11.02
CA ASN B 175 -4.65 -5.78 -12.24
C ASN B 175 -3.55 -5.64 -13.30
N PRO B 176 -3.62 -6.44 -14.37
CA PRO B 176 -2.61 -6.31 -15.43
C PRO B 176 -2.89 -5.15 -16.41
N GLY B 177 -3.96 -4.40 -16.18
CA GLY B 177 -4.34 -3.29 -17.06
C GLY B 177 -5.50 -3.64 -17.96
N THR B 178 -6.36 -2.65 -18.24
CA THR B 178 -7.52 -2.84 -19.11
C THR B 178 -7.52 -1.92 -20.34
N TYR B 179 -6.84 -0.78 -20.24
CA TYR B 179 -6.79 0.22 -21.31
C TYR B 179 -6.08 -0.31 -22.55
N ILE B 180 -6.74 -0.14 -23.70
CA ILE B 180 -6.22 -0.52 -25.02
C ILE B 180 -6.35 0.71 -25.92
N TYR B 181 -5.27 1.09 -26.58
CA TYR B 181 -5.30 2.30 -27.41
C TYR B 181 -6.39 2.27 -28.50
N ASP B 182 -6.43 1.19 -29.29
CA ASP B 182 -7.48 1.00 -30.31
C ASP B 182 -7.55 -0.46 -30.77
N PRO B 183 -8.57 -1.20 -30.29
CA PRO B 183 -8.77 -2.61 -30.64
C PRO B 183 -8.98 -2.88 -32.14
N ASN B 184 -9.23 -1.84 -32.93
CA ASN B 184 -9.59 -2.00 -34.35
C ASN B 184 -8.41 -2.18 -35.31
N PHE B 185 -7.18 -2.07 -34.80
CA PHE B 185 -6.00 -2.24 -35.62
C PHE B 185 -5.00 -3.11 -34.91
N ASP B 186 -4.29 -3.94 -35.69
CA ASP B 186 -3.31 -4.87 -35.15
C ASP B 186 -2.26 -4.15 -34.29
N TYR B 187 -1.74 -3.04 -34.79
CA TYR B 187 -0.67 -2.30 -34.10
C TYR B 187 -1.11 -1.73 -32.74
N THR B 188 -2.38 -1.39 -32.63
CA THR B 188 -2.87 -0.65 -31.46
C THR B 188 -3.75 -1.46 -30.50
N LYS B 189 -3.92 -2.75 -30.78
CA LYS B 189 -4.93 -3.58 -30.09
C LYS B 189 -4.54 -4.14 -28.71
N ASP B 190 -3.29 -4.00 -28.31
CA ASP B 190 -2.83 -4.62 -27.06
C ASP B 190 -3.07 -3.81 -25.79
N ILE B 191 -3.28 -4.53 -24.69
CA ILE B 191 -3.29 -3.96 -23.35
C ILE B 191 -1.97 -3.19 -23.13
N ILE B 192 -2.08 -1.91 -22.78
CA ILE B 192 -0.90 -1.09 -22.45
C ILE B 192 -0.19 -1.63 -21.20
N GLY B 193 -0.97 -2.00 -20.19
CA GLY B 193 -0.49 -2.82 -19.07
C GLY B 193 0.00 -2.07 -17.85
N VAL B 194 1.01 -2.66 -17.20
CA VAL B 194 1.55 -2.16 -15.94
C VAL B 194 2.71 -1.23 -16.30
N VAL B 195 2.59 0.04 -15.94
CA VAL B 195 3.44 1.08 -16.56
C VAL B 195 4.63 1.57 -15.73
N TRP B 196 4.51 1.56 -14.39
CA TRP B 196 5.66 1.93 -13.56
C TRP B 196 5.65 1.32 -12.18
N VAL B 197 6.84 1.25 -11.58
CA VAL B 197 7.05 0.72 -10.24
C VAL B 197 7.91 1.73 -9.49
N VAL B 198 7.46 2.13 -8.30
CA VAL B 198 8.16 3.10 -7.46
C VAL B 198 8.34 2.49 -6.06
N PHE B 199 9.59 2.43 -5.60
CA PHE B 199 9.89 1.92 -4.26
C PHE B 199 9.90 3.05 -3.24
N ASP B 200 9.37 2.76 -2.05
CA ASP B 200 9.51 3.67 -0.92
C ASP B 200 10.73 3.21 -0.11
N LYS B 201 11.88 3.81 -0.38
CA LYS B 201 13.14 3.43 0.26
C LYS B 201 13.08 3.47 1.79
N SER B 202 12.31 4.42 2.34
CA SER B 202 12.23 4.61 3.79
C SER B 202 11.49 3.49 4.51
N SER B 203 10.74 2.68 3.77
CA SER B 203 9.94 1.59 4.35
C SER B 203 10.78 0.41 4.83
N SER B 204 12.07 0.41 4.50
CA SER B 204 13.01 -0.63 4.96
C SER B 204 14.39 -0.05 5.23
N THR B 205 15.24 -0.87 5.84
CA THR B 205 16.64 -0.49 6.07
C THR B 205 17.52 -1.19 5.01
N PRO B 206 18.70 -0.61 4.70
CA PRO B 206 19.54 -1.19 3.65
C PRO B 206 19.85 -2.68 3.86
N GLY B 207 19.81 -3.44 2.78
CA GLY B 207 20.08 -4.87 2.82
C GLY B 207 18.84 -5.72 2.92
N ASN B 208 17.71 -5.11 3.29
CA ASN B 208 16.43 -5.81 3.36
C ASN B 208 15.50 -5.42 2.21
N PRO B 209 14.67 -6.38 1.73
CA PRO B 209 13.68 -6.03 0.71
C PRO B 209 12.85 -4.81 1.11
N THR B 210 12.62 -3.91 0.16
CA THR B 210 11.81 -2.73 0.43
C THR B 210 10.36 -3.20 0.62
N LYS B 211 9.76 -2.81 1.74
CA LYS B 211 8.42 -3.29 2.11
C LYS B 211 7.29 -2.59 1.34
N THR B 212 7.39 -1.28 1.17
CA THR B 212 6.34 -0.51 0.48
C THR B 212 6.73 -0.21 -0.97
N ILE B 213 5.84 -0.60 -1.88
CA ILE B 213 6.06 -0.48 -3.32
C ILE B 213 4.77 0.04 -3.94
N TYR B 214 4.89 1.05 -4.80
CA TYR B 214 3.76 1.58 -5.58
C TYR B 214 3.86 1.17 -7.03
N VAL B 215 2.71 0.82 -7.61
CA VAL B 215 2.66 0.39 -8.99
C VAL B 215 1.55 1.11 -9.73
N GLY B 216 1.90 1.65 -10.91
CA GLY B 216 0.95 2.32 -11.79
C GLY B 216 0.51 1.39 -12.91
N VAL B 217 -0.79 1.39 -13.19
CA VAL B 217 -1.41 0.51 -14.18
C VAL B 217 -2.27 1.35 -15.12
N ALA B 218 -2.20 1.05 -16.41
CA ALA B 218 -3.05 1.71 -17.40
C ALA B 218 -4.48 1.14 -17.36
N ASP B 219 -5.30 1.77 -16.52
CA ASP B 219 -6.67 1.35 -16.26
C ASP B 219 -7.35 2.59 -15.69
N LYS B 220 -8.31 3.13 -16.44
CA LYS B 220 -8.98 4.35 -16.06
C LYS B 220 -9.86 4.21 -14.80
N ASN B 221 -10.27 2.98 -14.49
CA ASN B 221 -11.11 2.74 -13.31
C ASN B 221 -10.31 2.64 -12.01
N GLU B 222 -9.10 2.08 -12.10
CA GLU B 222 -8.28 1.84 -10.92
C GLU B 222 -6.84 1.61 -11.39
N SER B 223 -5.95 2.55 -11.07
CA SER B 223 -4.63 2.57 -11.67
C SER B 223 -3.43 2.54 -10.70
N ILE B 224 -3.68 2.85 -9.43
CA ILE B 224 -2.57 3.01 -8.48
C ILE B 224 -2.68 1.94 -7.39
N TYR B 225 -1.66 1.08 -7.31
CA TYR B 225 -1.62 -0.03 -6.36
C TYR B 225 -0.45 0.09 -5.40
N ARG B 226 -0.59 -0.51 -4.22
CA ARG B 226 0.43 -0.45 -3.19
C ARG B 226 0.54 -1.78 -2.45
N SER B 227 1.78 -2.22 -2.24
CA SER B 227 2.08 -3.27 -1.30
C SER B 227 2.80 -2.64 -0.13
N THR B 228 2.52 -3.14 1.06
CA THR B 228 3.24 -2.71 2.26
C THR B 228 3.96 -3.90 2.91
N ASP B 229 3.92 -5.06 2.25
CA ASP B 229 4.57 -6.26 2.77
C ASP B 229 5.61 -6.86 1.82
N GLY B 230 6.31 -6.01 1.09
CA GLY B 230 7.38 -6.45 0.18
C GLY B 230 6.87 -7.22 -1.03
N GLY B 231 5.66 -6.90 -1.47
CA GLY B 231 5.14 -7.45 -2.71
C GLY B 231 4.41 -8.77 -2.60
N VAL B 232 4.15 -9.21 -1.36
CA VAL B 232 3.35 -10.41 -1.15
C VAL B 232 1.87 -10.15 -1.46
N THR B 233 1.32 -9.06 -0.92
CA THR B 233 -0.06 -8.66 -1.19
C THR B 233 -0.15 -7.24 -1.73
N TRP B 234 -1.23 -6.95 -2.45
CA TRP B 234 -1.41 -5.66 -3.14
C TRP B 234 -2.84 -5.13 -2.97
N LYS B 235 -2.96 -3.82 -2.77
CA LYS B 235 -4.27 -3.15 -2.70
C LYS B 235 -4.26 -1.85 -3.50
N ALA B 236 -5.41 -1.52 -4.10
CA ALA B 236 -5.62 -0.20 -4.69
C ALA B 236 -5.51 0.85 -3.60
N VAL B 237 -4.87 1.96 -3.91
CA VAL B 237 -4.74 3.06 -2.94
C VAL B 237 -6.08 3.80 -2.87
N PRO B 238 -6.69 3.88 -1.67
CA PRO B 238 -8.00 4.54 -1.53
C PRO B 238 -7.96 6.02 -1.89
N GLY B 239 -9.03 6.52 -2.51
CA GLY B 239 -9.18 7.95 -2.81
C GLY B 239 -8.57 8.38 -4.13
N GLN B 240 -8.00 7.44 -4.87
CA GLN B 240 -7.30 7.80 -6.12
C GLN B 240 -8.26 8.31 -7.20
N PRO B 241 -7.79 9.24 -8.06
CA PRO B 241 -8.68 9.76 -9.12
C PRO B 241 -8.97 8.74 -10.21
N LYS B 242 -10.13 8.88 -10.87
CA LYS B 242 -10.52 8.13 -12.09
C LYS B 242 -10.84 9.19 -13.16
N GLY B 243 -10.98 8.91 -14.46
CA GLY B 243 -10.53 7.78 -15.22
C GLY B 243 -9.56 8.32 -16.28
N LEU B 244 -8.33 8.51 -15.84
CA LEU B 244 -7.22 8.83 -16.70
C LEU B 244 -6.13 7.79 -16.40
N LEU B 245 -4.98 7.97 -17.05
CA LEU B 245 -3.87 7.00 -17.04
C LEU B 245 -2.62 7.64 -16.46
N PRO B 246 -2.00 7.00 -15.45
CA PRO B 246 -0.82 7.54 -14.78
C PRO B 246 0.47 7.32 -15.59
N HIS B 247 1.02 8.41 -16.08
CA HIS B 247 2.12 8.31 -17.00
C HIS B 247 3.55 8.17 -16.49
N HIS B 248 4.01 9.03 -15.59
CA HIS B 248 4.71 8.69 -14.36
C HIS B 248 4.28 8.91 -12.94
N GLY B 249 5.11 8.34 -12.06
CA GLY B 249 5.03 8.52 -10.62
C GLY B 249 6.41 8.72 -10.03
N VAL B 250 6.55 9.73 -9.19
CA VAL B 250 7.83 10.04 -8.54
C VAL B 250 7.56 10.27 -7.05
N LEU B 251 8.25 9.51 -6.19
CA LEU B 251 8.14 9.67 -4.74
C LEU B 251 9.23 10.59 -4.21
N ALA B 252 8.80 11.74 -3.68
CA ALA B 252 9.72 12.78 -3.23
C ALA B 252 10.17 12.51 -1.80
N SER B 253 11.24 13.18 -1.38
CA SER B 253 11.84 12.97 -0.06
C SER B 253 10.94 13.39 1.11
N ASN B 254 9.92 14.21 0.84
CA ASN B 254 8.94 14.55 1.87
C ASN B 254 7.76 13.56 1.95
N GLY B 255 7.85 12.47 1.18
CA GLY B 255 6.81 11.45 1.16
C GLY B 255 5.65 11.73 0.22
N MET B 256 5.75 12.78 -0.57
CA MET B 256 4.73 13.07 -1.57
C MET B 256 4.98 12.24 -2.83
N LEU B 257 3.97 11.48 -3.24
CA LEU B 257 4.01 10.74 -4.48
C LEU B 257 3.32 11.56 -5.56
N TYR B 258 4.12 12.15 -6.45
CA TYR B 258 3.58 12.95 -7.55
C TYR B 258 3.26 12.04 -8.72
N ILE B 259 2.12 12.25 -9.36
CA ILE B 259 1.68 11.43 -10.49
C ILE B 259 1.05 12.29 -11.60
N THR B 260 1.54 12.12 -12.83
CA THR B 260 0.93 12.76 -13.99
C THR B 260 -0.08 11.84 -14.67
N TYR B 261 -1.20 12.40 -15.13
CA TYR B 261 -2.25 11.62 -15.79
C TYR B 261 -2.65 12.21 -17.13
N GLY B 262 -3.04 11.33 -18.06
CA GLY B 262 -3.61 11.77 -19.34
C GLY B 262 -4.74 10.84 -19.72
N ASP B 263 -5.62 11.30 -20.60
CA ASP B 263 -6.72 10.45 -21.08
C ASP B 263 -6.33 9.44 -22.17
N THR B 264 -5.11 9.56 -22.69
CA THR B 264 -4.54 8.56 -23.62
C THR B 264 -3.10 8.24 -23.21
N CYS B 265 -2.53 7.22 -23.83
CA CYS B 265 -1.17 6.78 -23.50
C CYS B 265 -0.08 7.52 -24.30
N GLY B 266 -0.47 8.21 -25.37
CA GLY B 266 0.49 8.90 -26.23
C GLY B 266 1.24 7.94 -27.15
N PRO B 267 2.29 8.45 -27.84
CA PRO B 267 2.86 9.79 -27.71
C PRO B 267 2.31 10.91 -28.61
N TYR B 268 1.39 10.59 -29.53
CA TYR B 268 1.00 11.54 -30.59
C TYR B 268 -0.28 12.32 -30.32
N ASP B 269 -0.99 11.95 -29.26
CA ASP B 269 -2.35 12.46 -29.07
C ASP B 269 -2.45 13.96 -28.84
N GLY B 270 -3.56 14.53 -29.28
CA GLY B 270 -3.92 15.91 -28.99
C GLY B 270 -5.37 15.97 -28.54
N ASN B 271 -5.76 17.11 -27.98
CA ASN B 271 -7.15 17.34 -27.53
C ASN B 271 -7.89 16.15 -26.84
N GLY B 272 -7.45 15.58 -25.72
CA GLY B 272 -6.51 16.08 -24.76
C GLY B 272 -7.25 16.35 -23.45
N LYS B 273 -7.02 15.53 -22.43
CA LYS B 273 -7.28 15.90 -21.02
C LYS B 273 -6.17 15.37 -20.11
N GLY B 274 -5.90 16.07 -19.02
CA GLY B 274 -4.83 15.66 -18.12
C GLY B 274 -5.02 16.17 -16.71
N GLN B 275 -4.37 15.48 -15.77
CA GLN B 275 -4.37 15.89 -14.37
C GLN B 275 -2.99 15.64 -13.77
N VAL B 276 -2.71 16.34 -12.67
CA VAL B 276 -1.49 16.11 -11.90
C VAL B 276 -1.90 16.09 -10.44
N TRP B 277 -1.45 15.06 -9.73
CA TRP B 277 -1.82 14.85 -8.35
C TRP B 277 -0.59 14.68 -7.49
N LYS B 278 -0.73 14.97 -6.21
CA LYS B 278 0.20 14.46 -5.22
C LYS B 278 -0.58 13.63 -4.18
N PHE B 279 -0.08 12.41 -3.95
CA PHE B 279 -0.59 11.54 -2.90
C PHE B 279 0.36 11.59 -1.70
N ASN B 280 -0.18 12.00 -0.56
CA ASN B 280 0.62 12.08 0.66
C ASN B 280 0.72 10.70 1.30
N THR B 281 1.87 10.06 1.11
CA THR B 281 2.06 8.68 1.58
C THR B 281 2.10 8.64 3.10
N ARG B 282 2.29 9.81 3.72
CA ARG B 282 2.35 9.93 5.18
C ARG B 282 1.00 10.29 5.84
N THR B 283 -0.06 10.42 5.05
CA THR B 283 -1.41 10.76 5.58
C THR B 283 -2.57 10.07 4.84
N GLY B 284 -2.33 9.65 3.61
CA GLY B 284 -3.39 9.05 2.78
C GLY B 284 -4.22 10.04 1.98
N GLU B 285 -3.87 11.33 2.10
CA GLU B 285 -4.60 12.39 1.41
C GLU B 285 -4.13 12.57 -0.04
N TRP B 286 -5.09 12.72 -0.96
CA TRP B 286 -4.84 13.05 -2.37
C TRP B 286 -5.14 14.52 -2.62
N ILE B 287 -4.20 15.24 -3.23
CA ILE B 287 -4.40 16.66 -3.58
C ILE B 287 -4.21 16.89 -5.07
N ASP B 288 -5.23 17.49 -5.69
CA ASP B 288 -5.20 17.85 -7.11
C ASP B 288 -4.34 19.09 -7.30
N ILE B 289 -3.25 18.95 -8.06
CA ILE B 289 -2.33 20.07 -8.34
C ILE B 289 -2.18 20.35 -9.84
N THR B 290 -3.22 20.01 -10.60
CA THR B 290 -3.21 20.20 -12.06
C THR B 290 -2.99 21.68 -12.39
N PRO B 291 -1.94 22.00 -13.18
CA PRO B 291 -1.59 23.38 -13.53
C PRO B 291 -2.70 24.17 -14.26
N ILE B 292 -3.43 23.49 -15.14
CA ILE B 292 -4.63 24.07 -15.75
C ILE B 292 -5.82 23.21 -15.30
N PRO B 293 -6.83 23.84 -14.66
CA PRO B 293 -7.94 23.07 -14.09
C PRO B 293 -8.54 22.11 -15.11
N TYR B 294 -8.72 20.87 -14.68
CA TYR B 294 -9.30 19.82 -15.52
C TYR B 294 -10.67 20.23 -16.05
N SER B 295 -11.42 20.95 -15.26
CA SER B 295 -12.73 21.42 -15.69
C SER B 295 -12.69 22.48 -16.77
N SER B 296 -11.53 23.06 -17.01
CA SER B 296 -11.41 24.11 -17.98
C SER B 296 -11.19 23.54 -19.38
N SER B 297 -11.75 24.17 -20.37
CA SER B 297 -11.50 23.81 -21.70
C SER B 297 -10.11 24.17 -22.17
N ASP B 298 -9.39 25.00 -21.44
CA ASP B 298 -7.98 25.19 -21.70
C ASP B 298 -7.08 24.00 -21.31
N ASN B 299 -7.59 23.14 -20.44
CA ASN B 299 -7.05 21.81 -20.23
C ASN B 299 -7.34 20.91 -21.43
N ARG B 300 -6.35 20.73 -22.30
CA ARG B 300 -6.59 20.14 -23.64
C ARG B 300 -5.49 19.12 -24.08
N PHE B 301 -4.88 18.55 -23.12
CA PHE B 301 -3.81 17.63 -23.32
C PHE B 301 -3.57 16.85 -22.02
N CYS B 302 -3.12 15.62 -22.20
CA CYS B 302 -2.40 14.87 -21.22
C CYS B 302 -1.31 15.69 -20.51
N PHE B 303 -1.20 15.52 -19.23
CA PHE B 303 0.05 15.70 -18.54
C PHE B 303 0.89 14.41 -18.55
N ALA B 304 2.14 14.58 -18.91
CA ALA B 304 3.02 13.47 -19.20
C ALA B 304 4.32 13.49 -18.41
N GLY B 305 5.29 14.23 -18.91
CA GLY B 305 6.57 14.38 -18.21
C GLY B 305 6.37 14.81 -16.76
N LEU B 306 7.15 14.22 -15.86
CA LEU B 306 7.15 14.57 -14.44
C LEU B 306 8.58 14.57 -13.92
N ALA B 307 9.03 15.72 -13.41
CA ALA B 307 10.33 15.80 -12.74
C ALA B 307 10.15 16.39 -11.35
N VAL B 308 10.92 15.88 -10.39
CA VAL B 308 10.93 16.41 -9.04
C VAL B 308 12.38 16.65 -8.68
N ASP B 309 12.67 17.84 -8.14
CA ASP B 309 14.01 18.17 -7.70
C ASP B 309 14.36 17.36 -6.43
N ARG B 310 15.38 16.50 -6.53
CA ARG B 310 15.76 15.67 -5.37
C ARG B 310 16.20 16.51 -4.17
N GLN B 311 16.70 17.71 -4.43
CA GLN B 311 17.24 18.57 -3.36
C GLN B 311 16.20 19.54 -2.79
N ASN B 312 15.02 19.57 -3.39
CA ASN B 312 13.86 20.32 -2.86
C ASN B 312 12.58 19.68 -3.38
N PRO B 313 11.89 18.90 -2.52
CA PRO B 313 10.72 18.11 -2.94
C PRO B 313 9.52 18.97 -3.38
N ASP B 314 9.57 20.28 -3.13
CA ASP B 314 8.51 21.21 -3.54
C ASP B 314 8.72 21.75 -4.95
N ILE B 315 9.89 21.46 -5.52
CA ILE B 315 10.17 21.86 -6.88
C ILE B 315 9.83 20.72 -7.83
N ILE B 316 8.85 20.96 -8.68
CA ILE B 316 8.36 19.96 -9.63
C ILE B 316 8.11 20.59 -10.99
N MET B 317 8.23 19.78 -12.04
CA MET B 317 7.93 20.23 -13.38
C MET B 317 7.09 19.18 -14.10
N VAL B 318 6.17 19.64 -14.94
CA VAL B 318 5.34 18.74 -15.75
C VAL B 318 5.23 19.25 -17.16
N THR B 319 4.96 18.35 -18.10
CA THR B 319 4.86 18.74 -19.51
C THR B 319 3.54 18.28 -20.14
N SER B 320 3.09 19.02 -21.15
CA SER B 320 1.93 18.65 -21.95
C SER B 320 2.28 17.56 -22.98
N MET B 321 1.30 16.73 -23.33
CA MET B 321 1.43 15.80 -24.45
C MET B 321 0.07 15.47 -25.09
N ASN B 322 -0.33 16.17 -26.17
CA ASN B 322 0.38 17.29 -26.78
C ASN B 322 -0.61 18.44 -26.99
N ALA B 323 -0.12 19.67 -26.78
CA ALA B 323 -0.84 20.87 -27.21
C ALA B 323 -0.75 21.00 -28.73
N TRP B 324 0.44 20.69 -29.28
CA TRP B 324 0.75 20.81 -30.72
C TRP B 324 0.84 22.25 -31.23
N TRP B 325 -0.08 23.09 -30.76
CA TRP B 325 -0.12 24.52 -31.11
C TRP B 325 -0.39 25.33 -29.84
N PRO B 326 0.31 26.46 -29.65
CA PRO B 326 1.37 27.02 -30.51
C PRO B 326 2.70 26.30 -30.30
N ASP B 327 2.83 25.63 -29.15
CA ASP B 327 4.02 24.90 -28.74
C ASP B 327 3.55 24.13 -27.50
N GLU B 328 4.42 23.30 -26.94
CA GLU B 328 4.09 22.58 -25.72
C GLU B 328 4.21 23.48 -24.49
N TYR B 329 3.65 22.99 -23.39
CA TYR B 329 3.72 23.65 -22.10
C TYR B 329 4.72 22.91 -21.22
N ILE B 330 5.57 23.67 -20.55
CA ILE B 330 6.46 23.13 -19.53
C ILE B 330 6.19 23.97 -18.28
N PHE B 331 5.51 23.36 -17.30
CA PHE B 331 5.13 24.03 -16.07
C PHE B 331 6.09 23.71 -14.94
N ARG B 332 6.44 24.73 -14.17
CA ARG B 332 7.31 24.59 -13.00
C ARG B 332 6.62 25.15 -11.76
N SER B 333 6.76 24.43 -10.65
CA SER B 333 6.28 24.88 -9.36
C SER B 333 7.42 24.83 -8.36
N THR B 334 7.44 25.81 -7.45
CA THR B 334 8.42 25.80 -6.36
C THR B 334 7.74 25.66 -4.99
N ASP B 335 6.42 25.44 -5.00
CA ASP B 335 5.64 25.24 -3.77
C ASP B 335 4.79 23.95 -3.79
N GLY B 336 5.36 22.90 -4.38
CA GLY B 336 4.73 21.58 -4.36
C GLY B 336 3.44 21.50 -5.16
N GLY B 337 3.32 22.33 -6.19
CA GLY B 337 2.16 22.31 -7.07
C GLY B 337 1.00 23.18 -6.65
N ALA B 338 1.17 23.97 -5.58
CA ALA B 338 0.15 24.94 -5.16
C ALA B 338 -0.06 25.99 -6.27
N THR B 339 1.05 26.44 -6.84
CA THR B 339 1.02 27.39 -7.94
C THR B 339 2.05 26.98 -8.99
N TRP B 340 1.79 27.33 -10.25
CA TRP B 340 2.67 26.95 -11.36
C TRP B 340 2.99 28.14 -12.26
N LYS B 341 4.10 28.01 -12.99
CA LYS B 341 4.52 28.95 -14.01
C LYS B 341 4.82 28.18 -15.29
N ASN B 342 4.26 28.59 -16.42
CA ASN B 342 4.63 28.04 -17.72
C ASN B 342 5.89 28.72 -18.25
N ILE B 343 6.68 28.01 -19.07
CA ILE B 343 7.94 28.54 -19.59
C ILE B 343 7.75 29.62 -20.68
N TRP B 344 6.50 29.79 -21.11
CA TRP B 344 6.08 30.93 -21.91
C TRP B 344 4.70 31.43 -21.47
N GLU B 345 4.38 32.66 -21.86
CA GLU B 345 3.07 33.26 -21.59
C GLU B 345 2.59 33.99 -22.83
N TRP B 346 1.28 34.12 -22.96
CA TRP B 346 0.69 34.93 -24.01
C TRP B 346 0.96 36.40 -23.72
N GLY B 347 1.44 37.11 -24.72
CA GLY B 347 1.50 38.56 -24.63
C GLY B 347 0.40 39.14 -25.50
N MET B 348 0.78 40.13 -26.29
CA MET B 348 -0.10 40.79 -27.25
C MET B 348 -0.24 39.96 -28.53
N TYR B 349 -1.22 39.05 -28.57
CA TYR B 349 -1.40 38.14 -29.73
C TYR B 349 -1.12 38.87 -31.05
N PRO B 350 -0.23 38.34 -31.93
CA PRO B 350 0.58 37.11 -32.11
C PRO B 350 1.10 36.31 -30.91
N GLU B 351 1.64 36.88 -29.84
CA GLU B 351 2.99 37.40 -29.68
C GLU B 351 3.14 36.69 -28.31
N ARG B 352 4.24 36.00 -28.06
CA ARG B 352 4.39 35.24 -26.82
C ARG B 352 5.64 35.65 -26.07
N ILE B 353 5.53 35.69 -24.77
CA ILE B 353 6.61 35.98 -23.90
C ILE B 353 7.33 34.70 -23.50
N LEU B 354 8.60 34.65 -23.78
CA LEU B 354 9.39 33.48 -23.62
C LEU B 354 10.31 33.62 -22.44
N HIS B 355 10.24 32.67 -21.56
CA HIS B 355 11.16 32.54 -20.45
C HIS B 355 12.36 31.60 -20.68
N TYR B 356 12.74 31.49 -21.93
CA TYR B 356 13.75 30.55 -22.42
C TYR B 356 14.34 31.02 -23.73
N GLU B 357 15.52 30.53 -24.02
CA GLU B 357 16.11 30.59 -25.35
C GLU B 357 16.42 29.16 -25.80
N ILE B 358 16.49 28.93 -27.10
CA ILE B 358 16.95 27.62 -27.60
C ILE B 358 18.13 27.79 -28.56
N ASP B 359 19.24 27.14 -28.21
CA ASP B 359 20.42 27.07 -29.05
C ASP B 359 20.41 25.72 -29.77
N ILE B 360 20.29 25.75 -31.09
CA ILE B 360 20.28 24.51 -31.89
C ILE B 360 21.54 24.31 -32.72
N SER B 361 22.63 24.95 -32.32
CA SER B 361 23.88 24.86 -33.08
C SER B 361 24.44 23.43 -33.21
N ALA B 362 24.10 22.56 -32.25
CA ALA B 362 24.48 21.15 -32.30
C ALA B 362 23.64 20.30 -33.26
N ALA B 363 22.52 20.85 -33.75
CA ALA B 363 21.66 20.17 -34.72
C ALA B 363 20.78 21.20 -35.45
N PRO B 364 21.37 21.97 -36.36
CA PRO B 364 20.72 23.14 -36.99
C PRO B 364 19.47 22.85 -37.81
N TRP B 365 19.28 21.59 -38.20
CA TRP B 365 18.08 21.20 -38.94
C TRP B 365 16.79 21.33 -38.10
N LEU B 366 16.94 21.53 -36.78
CA LEU B 366 15.80 21.58 -35.85
C LEU B 366 14.85 22.78 -36.04
N ASP B 367 15.25 23.78 -36.83
CA ASP B 367 14.33 24.86 -37.20
C ASP B 367 13.55 24.59 -38.49
N TRP B 368 13.77 23.40 -39.07
CA TRP B 368 13.14 23.02 -40.33
C TRP B 368 13.38 24.05 -41.43
N GLY B 369 14.48 24.80 -41.31
CA GLY B 369 14.84 25.86 -42.25
C GLY B 369 13.72 26.84 -42.54
N THR B 370 12.82 27.01 -41.57
CA THR B 370 11.58 27.75 -41.77
C THR B 370 11.34 28.77 -40.66
N GLU B 371 11.11 30.02 -41.05
CA GLU B 371 10.60 31.04 -40.14
C GLU B 371 9.09 30.92 -40.12
N LYS B 372 8.53 30.75 -38.92
CA LYS B 372 7.08 30.55 -38.76
C LYS B 372 6.32 31.85 -38.59
N GLN B 373 5.01 31.79 -38.85
CA GLN B 373 4.10 32.86 -38.51
C GLN B 373 3.79 32.80 -37.00
N LEU B 374 4.04 33.90 -36.28
CA LEU B 374 3.62 33.97 -34.88
C LEU B 374 2.13 33.65 -34.74
N PRO B 375 1.72 32.99 -33.63
CA PRO B 375 2.44 32.67 -32.40
C PRO B 375 3.40 31.47 -32.47
N GLU B 376 3.45 30.80 -33.62
CA GLU B 376 4.40 29.70 -33.80
C GLU B 376 5.82 30.22 -34.00
N ILE B 377 6.80 29.50 -33.45
CA ILE B 377 8.21 29.84 -33.56
C ILE B 377 9.04 28.57 -33.73
N ASN B 378 9.88 28.54 -34.78
CA ASN B 378 10.89 27.48 -34.95
C ASN B 378 12.27 28.01 -34.49
N PRO B 379 13.06 27.18 -33.76
CA PRO B 379 12.73 25.84 -33.31
C PRO B 379 11.74 25.86 -32.14
N LYS B 380 10.89 24.83 -32.07
CA LYS B 380 9.90 24.68 -30.98
C LYS B 380 10.58 24.14 -29.72
N LEU B 381 9.99 24.42 -28.55
CA LEU B 381 10.36 23.71 -27.33
C LEU B 381 10.35 22.20 -27.57
N GLY B 382 9.34 21.74 -28.29
CA GLY B 382 9.26 20.36 -28.69
C GLY B 382 7.84 19.88 -28.91
N TRP B 383 7.71 18.55 -28.88
CA TRP B 383 6.46 17.81 -29.04
C TRP B 383 6.81 16.38 -28.62
N MET B 384 5.79 15.60 -28.28
CA MET B 384 6.00 14.26 -27.71
C MET B 384 6.93 14.31 -26.49
N ILE B 385 6.74 15.32 -25.64
CA ILE B 385 7.56 15.49 -24.45
C ILE B 385 7.00 14.61 -23.33
N GLY B 386 7.30 13.31 -23.42
CA GLY B 386 6.74 12.32 -22.51
C GLY B 386 7.54 12.10 -21.25
N ASP B 387 8.70 12.77 -21.18
CA ASP B 387 9.63 12.59 -20.07
C ASP B 387 10.43 13.88 -19.89
N ILE B 388 10.55 14.29 -18.63
CA ILE B 388 11.39 15.43 -18.25
C ILE B 388 12.11 15.06 -16.97
N GLU B 389 13.38 15.46 -16.86
CA GLU B 389 14.20 15.13 -15.71
C GLU B 389 14.93 16.34 -15.13
N ILE B 390 14.92 16.45 -13.80
CA ILE B 390 15.86 17.33 -13.10
C ILE B 390 16.99 16.47 -12.53
N ASP B 391 18.23 16.83 -12.87
CA ASP B 391 19.41 16.18 -12.33
C ASP B 391 19.31 16.12 -10.78
N PRO B 392 19.33 14.90 -10.20
CA PRO B 392 19.26 14.80 -8.74
C PRO B 392 20.47 15.38 -8.00
N PHE B 393 21.53 15.71 -8.75
CA PHE B 393 22.74 16.31 -8.16
C PHE B 393 23.01 17.75 -8.63
N ASN B 394 22.09 18.28 -9.42
CA ASN B 394 22.19 19.64 -9.89
C ASN B 394 20.82 20.22 -10.22
N SER B 395 20.29 21.01 -9.31
CA SER B 395 18.99 21.69 -9.49
C SER B 395 18.92 22.58 -10.73
N ASP B 396 20.09 22.97 -11.25
CA ASP B 396 20.17 23.81 -12.44
C ASP B 396 20.13 23.04 -13.75
N ARG B 397 20.19 21.71 -13.68
CA ARG B 397 20.21 20.91 -14.91
C ARG B 397 18.92 20.14 -15.15
N MET B 398 18.30 20.39 -16.30
CA MET B 398 17.10 19.67 -16.74
C MET B 398 17.38 19.03 -18.11
N MET B 399 16.74 17.89 -18.37
CA MET B 399 16.73 17.31 -19.72
C MET B 399 15.30 16.86 -20.02
N TYR B 400 14.87 17.04 -21.26
CA TYR B 400 13.59 16.50 -21.71
C TYR B 400 13.68 15.98 -23.13
N VAL B 401 12.76 15.07 -23.47
CA VAL B 401 12.76 14.41 -24.76
C VAL B 401 11.75 15.07 -25.69
N THR B 402 11.96 14.94 -26.99
CA THR B 402 10.99 15.34 -28.00
C THR B 402 10.93 14.27 -29.07
N GLY B 403 10.03 14.43 -30.05
CA GLY B 403 9.95 13.50 -31.18
C GLY B 403 11.18 13.52 -32.08
N ALA B 404 12.08 14.49 -31.86
CA ALA B 404 13.27 14.63 -32.72
C ALA B 404 14.61 14.73 -32.00
N THR B 405 14.62 15.08 -30.72
CA THR B 405 15.88 15.32 -30.01
C THR B 405 15.75 15.22 -28.49
N ILE B 406 16.85 15.49 -27.80
CA ILE B 406 16.83 15.73 -26.37
C ILE B 406 17.33 17.15 -26.13
N TYR B 407 16.54 17.94 -25.41
CA TYR B 407 16.94 19.29 -25.04
C TYR B 407 17.27 19.32 -23.56
N GLY B 408 18.07 20.30 -23.17
CA GLY B 408 18.40 20.49 -21.76
C GLY B 408 19.03 21.83 -21.48
N CYS B 409 19.23 22.11 -20.19
CA CYS B 409 19.81 23.38 -19.76
C CYS B 409 20.73 23.16 -18.57
N ASP B 410 21.51 24.19 -18.25
CA ASP B 410 22.41 24.15 -17.10
C ASP B 410 22.20 25.34 -16.16
N ASN B 411 21.17 26.14 -16.43
CA ASN B 411 20.84 27.30 -15.58
C ASN B 411 19.38 27.34 -15.17
N LEU B 412 18.80 26.16 -14.89
CA LEU B 412 17.35 26.07 -14.67
C LEU B 412 16.78 27.07 -13.64
N THR B 413 17.45 27.21 -12.50
CA THR B 413 16.94 28.06 -11.43
C THR B 413 16.97 29.56 -11.72
N ASP B 414 17.66 29.96 -12.80
CA ASP B 414 17.58 31.35 -13.31
C ASP B 414 16.13 31.76 -13.54
N TRP B 415 15.32 30.80 -13.99
CA TRP B 415 13.88 30.95 -14.17
C TRP B 415 13.20 31.46 -12.88
N ASP B 416 13.60 30.92 -11.73
CA ASP B 416 13.03 31.29 -10.44
C ASP B 416 13.44 32.70 -9.97
N ARG B 417 14.50 33.23 -10.58
CA ARG B 417 14.96 34.58 -10.26
C ARG B 417 14.75 35.58 -11.42
N GLY B 418 13.79 35.27 -12.30
CA GLY B 418 13.40 36.18 -13.38
C GLY B 418 14.27 36.18 -14.62
N GLY B 419 15.13 35.16 -14.75
CA GLY B 419 15.97 35.00 -15.93
C GLY B 419 15.42 33.96 -16.89
N LYS B 420 16.07 33.82 -18.05
CA LYS B 420 15.61 32.90 -19.07
C LYS B 420 16.39 31.60 -19.00
N VAL B 421 15.69 30.49 -19.12
CA VAL B 421 16.31 29.16 -19.20
C VAL B 421 17.08 29.06 -20.53
N LYS B 422 18.36 28.69 -20.45
CA LYS B 422 19.17 28.55 -21.65
C LYS B 422 19.12 27.10 -22.15
N ILE B 423 18.18 26.81 -23.04
CA ILE B 423 18.02 25.46 -23.57
C ILE B 423 18.97 25.26 -24.75
N GLU B 424 19.54 24.06 -24.83
CA GLU B 424 20.36 23.65 -25.95
C GLU B 424 20.15 22.16 -26.24
N VAL B 425 20.56 21.72 -27.43
CA VAL B 425 20.55 20.30 -27.80
C VAL B 425 21.50 19.52 -26.91
N LYS B 426 20.99 18.49 -26.24
CA LYS B 426 21.80 17.62 -25.41
C LYS B 426 21.84 16.18 -25.94
N ALA B 427 21.72 16.02 -27.25
CA ALA B 427 21.59 14.69 -27.85
C ALA B 427 22.82 14.29 -28.68
N THR B 428 23.91 15.04 -28.54
CA THR B 428 25.12 14.78 -29.32
C THR B 428 25.64 13.37 -29.05
N GLY B 429 25.86 12.60 -30.11
CA GLY B 429 26.27 11.21 -30.02
C GLY B 429 25.13 10.25 -30.32
N ILE B 430 23.89 10.71 -30.15
CA ILE B 430 22.71 9.90 -30.48
C ILE B 430 22.42 10.00 -31.97
N GLU B 431 22.26 8.85 -32.62
CA GLU B 431 21.85 8.77 -34.00
C GLU B 431 20.76 7.70 -34.07
N GLU B 432 19.51 8.13 -34.19
CA GLU B 432 18.35 7.22 -34.13
C GLU B 432 17.49 7.20 -35.41
N CYS B 433 17.97 7.84 -36.47
CA CYS B 433 17.17 7.94 -37.70
C CYS B 433 16.95 6.58 -38.35
N ALA B 434 15.79 6.43 -38.99
CA ALA B 434 15.54 5.31 -39.88
C ALA B 434 15.84 5.78 -41.30
N VAL B 435 16.84 5.14 -41.91
CA VAL B 435 17.37 5.60 -43.20
C VAL B 435 16.77 4.77 -44.32
N LEU B 436 16.19 5.44 -45.32
CA LEU B 436 15.38 4.76 -46.33
C LEU B 436 16.11 4.57 -47.66
N ASP B 437 16.99 5.51 -48.00
CA ASP B 437 17.79 5.41 -49.22
C ASP B 437 19.06 6.25 -49.06
N LEU B 438 20.08 5.89 -49.85
CA LEU B 438 21.40 6.52 -49.83
C LEU B 438 22.02 6.46 -51.23
N VAL B 439 22.73 7.53 -51.61
CA VAL B 439 23.54 7.54 -52.81
C VAL B 439 24.88 8.22 -52.54
N SER B 440 25.94 7.69 -53.14
CA SER B 440 27.26 8.27 -53.05
C SER B 440 27.68 8.59 -54.48
N PRO B 441 27.42 9.83 -54.94
CA PRO B 441 27.62 10.15 -56.35
C PRO B 441 29.11 10.25 -56.69
N PRO B 442 29.48 10.09 -57.99
CA PRO B 442 30.89 10.17 -58.39
C PRO B 442 31.50 11.58 -58.39
N GLU B 443 30.66 12.59 -58.23
CA GLU B 443 31.09 13.97 -58.09
C GLU B 443 30.16 14.63 -57.09
N GLY B 444 30.66 15.63 -56.37
CA GLY B 444 29.85 16.35 -55.38
C GLY B 444 30.11 15.83 -53.98
N ALA B 445 29.07 15.81 -53.14
CA ALA B 445 29.19 15.33 -51.77
C ALA B 445 29.44 13.83 -51.72
N PRO B 446 30.12 13.34 -50.65
CA PRO B 446 30.34 11.89 -50.54
C PRO B 446 29.06 11.10 -50.35
N LEU B 447 28.04 11.74 -49.77
CA LEU B 447 26.79 11.03 -49.48
C LEU B 447 25.59 11.96 -49.49
N VAL B 448 24.49 11.48 -50.06
CA VAL B 448 23.21 12.16 -49.98
C VAL B 448 22.18 11.14 -49.49
N SER B 449 21.42 11.50 -48.46
CA SER B 449 20.51 10.55 -47.81
C SER B 449 19.02 10.87 -47.99
N ALA B 450 18.20 9.83 -47.81
CA ALA B 450 16.74 9.96 -47.73
C ALA B 450 16.33 9.26 -46.43
N VAL B 451 15.77 10.01 -45.49
CA VAL B 451 15.50 9.46 -44.16
C VAL B 451 14.06 9.72 -43.71
N GLY B 452 13.54 8.83 -42.87
CA GLY B 452 12.21 9.04 -42.27
C GLY B 452 12.22 10.24 -41.33
N ASP B 453 11.09 10.94 -41.27
CA ASP B 453 10.87 12.08 -40.36
C ASP B 453 11.66 13.37 -40.66
N LEU B 454 12.92 13.23 -41.03
CA LEU B 454 13.80 14.38 -41.27
C LEU B 454 14.10 14.59 -42.76
N VAL B 455 13.44 13.82 -43.62
CA VAL B 455 13.53 13.91 -45.09
C VAL B 455 14.86 13.45 -45.68
N GLY B 456 15.97 14.02 -45.22
CA GLY B 456 17.28 13.64 -45.72
C GLY B 456 18.20 14.84 -45.88
N PHE B 457 19.47 14.56 -46.13
CA PHE B 457 20.51 15.60 -46.10
C PHE B 457 21.57 15.38 -47.16
N VAL B 458 22.26 16.45 -47.51
CA VAL B 458 23.55 16.38 -48.19
C VAL B 458 24.59 16.33 -47.07
N HIS B 459 25.50 15.37 -47.16
CA HIS B 459 26.56 15.18 -46.18
C HIS B 459 27.89 15.60 -46.80
N ASP B 460 28.28 16.86 -46.59
CA ASP B 460 29.54 17.37 -47.13
C ASP B 460 30.75 16.78 -46.41
N ASP B 461 30.60 16.59 -45.10
CA ASP B 461 31.65 16.07 -44.25
C ASP B 461 30.98 15.05 -43.35
N LEU B 462 31.45 13.80 -43.39
CA LEU B 462 30.84 12.71 -42.61
C LEU B 462 30.89 12.93 -41.09
N LYS B 463 31.83 13.75 -40.64
CA LYS B 463 32.02 14.03 -39.21
C LYS B 463 31.27 15.27 -38.75
N VAL B 464 30.60 15.96 -39.67
CA VAL B 464 29.91 17.20 -39.37
C VAL B 464 28.43 17.10 -39.75
N GLY B 465 27.55 17.39 -38.79
CA GLY B 465 26.11 17.36 -39.04
C GLY B 465 25.66 18.41 -40.04
N PRO B 466 24.75 18.03 -40.95
CA PRO B 466 24.19 18.98 -41.93
C PRO B 466 23.34 20.07 -41.28
N LYS B 467 23.19 21.19 -41.98
CA LYS B 467 22.51 22.38 -41.43
C LYS B 467 21.02 22.39 -41.72
N LYS B 468 20.61 21.70 -42.78
CA LYS B 468 19.24 21.78 -43.26
C LYS B 468 18.86 20.46 -43.94
N MET B 469 17.58 20.10 -43.84
CA MET B 469 17.03 18.97 -44.60
C MET B 469 16.66 19.38 -46.03
N HIS B 470 16.47 18.39 -46.90
CA HIS B 470 16.21 18.64 -48.31
C HIS B 470 15.01 19.56 -48.56
N VAL B 471 13.83 19.13 -48.10
CA VAL B 471 12.57 19.81 -48.37
C VAL B 471 11.76 19.79 -47.06
N PRO B 472 11.75 20.92 -46.33
CA PRO B 472 11.11 20.94 -45.00
C PRO B 472 9.60 20.72 -44.95
N SER B 473 8.92 20.77 -46.09
CA SER B 473 7.48 20.47 -46.17
C SER B 473 7.21 18.97 -46.37
N TYR B 474 8.26 18.20 -46.61
CA TYR B 474 8.15 16.76 -46.64
C TYR B 474 8.22 16.20 -45.21
N SER B 475 7.80 14.94 -45.05
CA SER B 475 7.90 14.25 -43.78
C SER B 475 8.93 13.12 -43.81
N SER B 476 8.95 12.33 -44.88
CA SER B 476 9.99 11.30 -45.04
C SER B 476 10.50 11.24 -46.46
N GLY B 477 11.82 11.18 -46.61
CA GLY B 477 12.45 10.88 -47.90
C GLY B 477 12.55 9.39 -48.06
N THR B 478 11.94 8.85 -49.11
CA THR B 478 11.80 7.40 -49.26
C THR B 478 12.67 6.82 -50.38
N GLY B 479 13.11 7.69 -51.29
CA GLY B 479 13.93 7.25 -52.42
C GLY B 479 14.70 8.41 -53.01
N ILE B 480 15.91 8.12 -53.47
CA ILE B 480 16.76 9.13 -54.09
C ILE B 480 17.64 8.44 -55.14
N ASP B 481 17.85 9.12 -56.27
CA ASP B 481 18.79 8.65 -57.29
C ASP B 481 19.41 9.84 -58.00
N TYR B 482 20.53 9.61 -58.66
CA TYR B 482 21.22 10.64 -59.42
C TYR B 482 21.49 10.12 -60.82
N ALA B 483 21.64 11.05 -61.77
CA ALA B 483 22.01 10.71 -63.13
C ALA B 483 23.50 10.38 -63.15
N GLU B 484 23.84 9.13 -63.48
CA GLU B 484 25.23 8.68 -63.38
C GLU B 484 26.20 9.59 -64.15
N LEU B 485 25.81 9.96 -65.37
CA LEU B 485 26.67 10.76 -66.25
C LEU B 485 26.44 12.26 -66.07
N VAL B 486 25.40 12.62 -65.32
CA VAL B 486 25.12 14.02 -64.94
C VAL B 486 24.86 14.05 -63.43
N PRO B 487 25.91 13.85 -62.60
CA PRO B 487 25.66 13.50 -61.20
C PRO B 487 25.22 14.65 -60.30
N ASN B 488 25.23 15.87 -60.85
CA ASN B 488 24.62 17.02 -60.17
C ASN B 488 23.08 16.96 -60.18
N PHE B 489 22.52 16.17 -61.10
CA PHE B 489 21.07 16.02 -61.23
C PHE B 489 20.56 14.86 -60.37
N MET B 490 19.61 15.14 -59.50
CA MET B 490 19.04 14.14 -58.59
C MET B 490 17.53 14.25 -58.51
N ALA B 491 16.88 13.12 -58.20
CA ALA B 491 15.45 13.10 -57.92
C ALA B 491 15.24 12.49 -56.54
N LEU B 492 14.34 13.10 -55.78
CA LEU B 492 13.98 12.63 -54.43
C LEU B 492 12.47 12.44 -54.36
N VAL B 493 12.04 11.26 -53.92
CA VAL B 493 10.61 11.04 -53.66
C VAL B 493 10.37 10.93 -52.16
N ALA B 494 9.16 11.31 -51.74
CA ALA B 494 8.88 11.49 -50.32
C ALA B 494 7.43 11.30 -49.95
N LYS B 495 7.19 11.15 -48.65
CA LYS B 495 5.88 11.33 -48.08
C LYS B 495 5.80 12.74 -47.53
N ALA B 496 4.59 13.30 -47.47
CA ALA B 496 4.35 14.62 -46.91
C ALA B 496 3.05 14.62 -46.09
N ASP B 497 3.19 14.21 -44.83
CA ASP B 497 2.04 14.06 -43.91
C ASP B 497 1.31 15.35 -43.61
N LEU B 498 2.02 16.48 -43.66
CA LEU B 498 1.48 17.74 -43.15
C LEU B 498 1.09 18.77 -44.21
N TYR B 499 1.61 18.61 -45.43
CA TYR B 499 1.43 19.64 -46.46
C TYR B 499 1.05 19.07 -47.82
N ASP B 500 0.21 19.82 -48.53
CA ASP B 500 -0.19 19.49 -49.89
C ASP B 500 0.87 20.00 -50.86
N VAL B 501 1.98 19.27 -50.92
CA VAL B 501 3.12 19.62 -51.77
C VAL B 501 3.32 18.44 -52.72
N LYS B 502 3.83 18.70 -53.92
CA LYS B 502 4.12 17.61 -54.86
C LYS B 502 5.30 16.81 -54.31
N LYS B 503 5.15 15.50 -54.30
CA LYS B 503 6.02 14.62 -53.50
C LYS B 503 7.21 13.99 -54.25
N ILE B 504 7.54 14.58 -55.40
CA ILE B 504 8.84 14.37 -56.01
C ILE B 504 9.52 15.74 -56.12
N SER B 505 10.82 15.77 -55.89
CA SER B 505 11.61 16.98 -56.06
C SER B 505 12.81 16.66 -56.96
N PHE B 506 13.26 17.68 -57.69
CA PHE B 506 14.47 17.55 -58.52
C PHE B 506 15.51 18.54 -58.03
N SER B 507 16.78 18.15 -58.17
CA SER B 507 17.91 19.04 -57.87
C SER B 507 18.87 19.04 -59.04
N TYR B 508 19.47 20.19 -59.32
CA TYR B 508 20.52 20.27 -60.32
C TYR B 508 21.88 20.69 -59.74
N ASP B 509 21.95 20.77 -58.42
CA ASP B 509 23.19 21.10 -57.73
C ASP B 509 23.63 20.02 -56.73
N GLY B 510 23.47 18.75 -57.08
CA GLY B 510 23.96 17.64 -56.26
C GLY B 510 23.20 17.45 -54.95
N GLY B 511 21.95 17.91 -54.94
CA GLY B 511 21.04 17.67 -53.83
C GLY B 511 21.01 18.77 -52.78
N ARG B 512 21.62 19.90 -53.09
CA ARG B 512 21.71 21.00 -52.13
C ARG B 512 20.40 21.79 -52.11
N ASN B 513 19.90 22.11 -53.29
CA ASN B 513 18.63 22.80 -53.42
C ASN B 513 17.67 21.99 -54.29
N TRP B 514 16.38 22.06 -53.95
CA TRP B 514 15.37 21.23 -54.58
C TRP B 514 14.18 22.07 -55.05
N PHE B 515 13.57 21.63 -56.15
CA PHE B 515 12.31 22.23 -56.61
C PHE B 515 11.30 21.12 -56.95
N GLN B 516 10.01 21.47 -56.90
CA GLN B 516 8.94 20.53 -57.18
C GLN B 516 8.30 20.78 -58.55
N PRO B 517 7.90 19.71 -59.26
CA PRO B 517 7.23 19.85 -60.55
C PRO B 517 5.76 20.22 -60.38
N PRO B 518 5.09 20.64 -61.47
CA PRO B 518 3.65 20.90 -61.36
C PRO B 518 2.80 19.66 -61.10
N ASN B 519 3.24 18.49 -61.58
CA ASN B 519 2.46 17.25 -61.51
C ASN B 519 3.18 16.05 -60.90
N GLU B 520 2.40 15.11 -60.37
CA GLU B 520 2.94 13.88 -59.80
C GLU B 520 2.57 12.69 -60.68
N ALA B 521 3.36 11.63 -60.59
CA ALA B 521 2.94 10.30 -61.03
C ALA B 521 1.68 9.92 -60.24
N PRO B 522 0.75 9.15 -60.84
CA PRO B 522 -0.42 8.71 -60.08
C PRO B 522 0.00 8.08 -58.75
N ASN B 523 -0.59 8.55 -57.65
CA ASN B 523 -0.22 8.08 -56.32
C ASN B 523 -1.30 8.37 -55.28
N SER B 524 -1.18 7.74 -54.12
CA SER B 524 -2.08 8.00 -52.99
C SER B 524 -1.38 8.79 -51.88
N VAL B 525 -0.12 8.46 -51.60
CA VAL B 525 0.63 9.05 -50.47
C VAL B 525 2.07 9.47 -50.84
N GLY B 526 2.36 9.52 -52.14
CA GLY B 526 3.71 9.77 -52.61
C GLY B 526 4.59 8.59 -52.21
N GLY B 527 5.78 8.90 -51.69
CA GLY B 527 6.70 7.86 -51.22
C GLY B 527 7.19 6.92 -52.31
N GLY B 528 7.55 5.71 -51.92
CA GLY B 528 8.04 4.72 -52.87
C GLY B 528 9.47 4.99 -53.31
N SER B 529 9.79 4.62 -54.54
CA SER B 529 11.18 4.69 -55.00
C SER B 529 11.30 5.48 -56.29
N VAL B 530 12.54 5.80 -56.67
CA VAL B 530 12.82 6.62 -57.85
C VAL B 530 14.08 6.13 -58.57
N ALA B 531 14.04 6.19 -59.90
CA ALA B 531 15.16 5.80 -60.75
C ALA B 531 15.42 6.91 -61.77
N VAL B 532 16.68 7.33 -61.90
CA VAL B 532 17.05 8.42 -62.80
C VAL B 532 17.92 7.89 -63.95
N ALA B 533 17.56 8.24 -65.18
CA ALA B 533 18.32 7.81 -66.37
C ALA B 533 19.77 8.29 -66.31
N ALA B 534 20.68 7.47 -66.82
CA ALA B 534 22.11 7.78 -66.85
C ALA B 534 22.42 9.17 -67.38
N ASP B 535 21.67 9.60 -68.40
CA ASP B 535 21.87 10.91 -69.05
C ASP B 535 20.90 11.99 -68.58
N ALA B 536 20.15 11.71 -67.50
CA ALA B 536 19.18 12.65 -66.92
C ALA B 536 17.96 12.98 -67.80
N LYS B 537 17.73 12.22 -68.87
CA LYS B 537 16.63 12.52 -69.79
C LYS B 537 15.26 12.00 -69.36
N SER B 538 15.24 11.00 -68.47
CA SER B 538 13.99 10.52 -67.90
C SER B 538 14.13 10.09 -66.44
N VAL B 539 13.00 10.09 -65.72
CA VAL B 539 12.96 9.70 -64.31
C VAL B 539 11.72 8.81 -64.09
N ILE B 540 11.92 7.64 -63.50
CA ILE B 540 10.79 6.76 -63.16
C ILE B 540 10.53 6.82 -61.66
N TRP B 541 9.29 7.19 -61.32
CA TRP B 541 8.81 7.21 -59.94
C TRP B 541 7.87 6.03 -59.75
N THR B 542 8.16 5.20 -58.76
CA THR B 542 7.26 4.12 -58.37
C THR B 542 6.75 4.42 -56.96
N PRO B 543 5.64 5.20 -56.85
CA PRO B 543 5.13 5.61 -55.55
C PRO B 543 4.57 4.45 -54.75
N GLU B 544 4.55 4.60 -53.44
CA GLU B 544 4.02 3.59 -52.54
C GLU B 544 2.63 3.12 -52.99
N ASN B 545 2.48 1.80 -53.14
CA ASN B 545 1.22 1.16 -53.56
C ASN B 545 0.67 1.66 -54.90
N ALA B 546 1.58 1.99 -55.82
CA ALA B 546 1.23 2.45 -57.16
C ALA B 546 2.19 1.91 -58.23
N SER B 547 1.81 2.07 -59.50
CA SER B 547 2.60 1.59 -60.63
C SER B 547 3.72 2.57 -60.97
N PRO B 548 4.84 2.06 -61.53
CA PRO B 548 5.87 2.97 -62.06
C PRO B 548 5.33 3.91 -63.13
N ALA B 549 5.75 5.17 -63.08
CA ALA B 549 5.44 6.15 -64.12
C ALA B 549 6.69 6.94 -64.48
N VAL B 550 6.82 7.28 -65.76
CA VAL B 550 8.00 7.96 -66.26
C VAL B 550 7.69 9.40 -66.65
N THR B 551 8.64 10.29 -66.38
CA THR B 551 8.61 11.63 -66.93
C THR B 551 9.86 11.87 -67.78
N THR B 552 9.67 12.55 -68.91
CA THR B 552 10.77 13.04 -69.74
C THR B 552 10.76 14.56 -69.68
N ASP B 553 10.04 15.08 -68.69
CA ASP B 553 9.61 16.48 -68.61
C ASP B 553 10.05 17.23 -67.36
N ASN B 554 10.85 16.60 -66.52
CA ASN B 554 11.03 17.03 -65.14
C ASN B 554 9.67 17.16 -64.40
N GLY B 555 8.77 16.22 -64.69
CA GLY B 555 7.50 16.14 -63.96
C GLY B 555 6.39 17.04 -64.46
N ASN B 556 6.59 17.70 -65.60
CA ASN B 556 5.50 18.43 -66.25
C ASN B 556 4.40 17.46 -66.68
N SER B 557 4.80 16.30 -67.17
CA SER B 557 3.86 15.25 -67.53
C SER B 557 4.40 13.87 -67.13
N TRP B 558 3.47 12.94 -66.94
CA TRP B 558 3.79 11.57 -66.51
C TRP B 558 3.05 10.56 -67.35
N LYS B 559 3.71 9.46 -67.66
CA LYS B 559 3.09 8.33 -68.34
C LYS B 559 3.39 7.03 -67.58
N VAL B 560 2.34 6.26 -67.31
CA VAL B 560 2.48 4.97 -66.63
C VAL B 560 3.31 4.02 -67.51
N CYS B 561 4.32 3.38 -66.91
CA CYS B 561 5.19 2.45 -67.61
C CYS B 561 4.42 1.20 -68.02
N THR B 562 4.48 0.85 -69.30
CA THR B 562 3.74 -0.31 -69.80
C THR B 562 4.30 -1.62 -69.27
N ASN B 563 3.39 -2.54 -68.97
CA ASN B 563 3.70 -3.90 -68.50
C ASN B 563 4.20 -4.04 -67.05
N LEU B 564 4.36 -2.92 -66.37
CA LEU B 564 4.73 -2.96 -64.95
C LEU B 564 3.49 -2.70 -64.10
N GLY B 565 3.66 -2.73 -62.78
CA GLY B 565 2.55 -2.50 -61.86
C GLY B 565 2.99 -2.37 -60.42
N MET B 566 2.01 -2.34 -59.53
CA MET B 566 2.24 -2.16 -58.10
C MET B 566 3.24 -3.19 -57.57
N GLY B 567 4.24 -2.71 -56.84
CA GLY B 567 5.25 -3.59 -56.25
C GLY B 567 6.47 -3.81 -57.12
N ALA B 568 6.46 -3.27 -58.34
CA ALA B 568 7.61 -3.39 -59.24
C ALA B 568 8.86 -2.75 -58.61
N VAL B 569 10.00 -3.41 -58.77
CA VAL B 569 11.27 -2.90 -58.29
C VAL B 569 12.09 -2.44 -59.50
N VAL B 570 12.26 -1.13 -59.62
CA VAL B 570 12.81 -0.49 -60.81
C VAL B 570 14.21 0.07 -60.56
N ALA B 571 15.08 -0.06 -61.55
CA ALA B 571 16.39 0.58 -61.51
C ALA B 571 16.81 1.06 -62.89
N SER B 572 17.61 2.13 -62.93
CA SER B 572 18.15 2.62 -64.19
C SER B 572 19.51 2.01 -64.50
N ASP B 573 19.81 1.84 -65.79
CA ASP B 573 21.17 1.53 -66.23
C ASP B 573 22.05 2.74 -65.96
N ARG B 574 23.33 2.51 -65.66
CA ARG B 574 24.23 3.57 -65.27
C ARG B 574 25.05 4.12 -66.45
N VAL B 575 24.88 3.51 -67.61
CA VAL B 575 25.65 3.86 -68.81
C VAL B 575 24.74 4.40 -69.92
N ASN B 576 23.68 3.67 -70.21
CA ASN B 576 22.75 3.99 -71.29
C ASN B 576 21.44 4.56 -70.75
N GLY B 577 21.25 5.87 -70.92
CA GLY B 577 20.06 6.58 -70.46
C GLY B 577 18.74 6.05 -71.00
N LYS B 578 18.80 5.26 -72.07
CA LYS B 578 17.60 4.64 -72.65
C LYS B 578 17.16 3.38 -71.90
N LYS B 579 18.05 2.83 -71.08
CA LYS B 579 17.83 1.54 -70.43
C LYS B 579 17.42 1.65 -68.97
N PHE B 580 16.32 0.97 -68.64
CA PHE B 580 15.82 0.79 -67.29
C PHE B 580 15.47 -0.68 -67.12
N TYR B 581 15.42 -1.13 -65.87
CA TYR B 581 15.15 -2.52 -65.55
C TYR B 581 14.08 -2.61 -64.46
N ALA B 582 13.32 -3.68 -64.45
CA ALA B 582 12.35 -3.90 -63.39
C ALA B 582 12.18 -5.38 -63.10
N PHE B 583 12.05 -5.69 -61.81
CA PHE B 583 11.58 -7.00 -61.39
C PHE B 583 10.15 -6.83 -60.93
N TYR B 584 9.24 -7.60 -61.53
CA TYR B 584 7.81 -7.44 -61.29
C TYR B 584 7.06 -8.76 -61.38
N ASN B 585 6.36 -9.10 -60.30
CA ASN B 585 5.60 -10.35 -60.18
C ASN B 585 6.36 -11.59 -60.66
N GLY B 586 7.58 -11.75 -60.16
CA GLY B 586 8.40 -12.92 -60.45
C GLY B 586 9.06 -12.94 -61.81
N LYS B 587 8.98 -11.83 -62.54
CA LYS B 587 9.58 -11.73 -63.87
C LYS B 587 10.49 -10.51 -64.00
N PHE B 588 11.42 -10.56 -64.95
CA PHE B 588 12.33 -9.45 -65.20
C PHE B 588 12.00 -8.73 -66.50
N TYR B 589 12.08 -7.42 -66.46
CA TYR B 589 11.67 -6.54 -67.55
C TYR B 589 12.76 -5.55 -67.91
N ILE B 590 12.85 -5.24 -69.20
CA ILE B 590 13.79 -4.24 -69.70
C ILE B 590 13.07 -3.18 -70.52
N SER B 591 13.51 -1.93 -70.37
CA SER B 591 13.09 -0.85 -71.25
C SER B 591 14.29 -0.36 -72.04
N THR B 592 14.06 -0.08 -73.32
CA THR B 592 15.10 0.51 -74.17
C THR B 592 14.65 1.85 -74.78
N ASP B 593 13.54 2.39 -74.28
CA ASP B 593 13.03 3.70 -74.71
C ASP B 593 12.95 4.72 -73.57
N GLY B 594 13.80 4.55 -72.56
CA GLY B 594 13.88 5.50 -71.44
C GLY B 594 12.78 5.34 -70.39
N GLY B 595 12.16 4.18 -70.33
CA GLY B 595 11.16 3.90 -69.32
C GLY B 595 9.70 3.94 -69.76
N LEU B 596 9.46 4.36 -70.99
CA LEU B 596 8.08 4.40 -71.54
C LEU B 596 7.43 3.02 -71.62
N THR B 597 8.17 2.06 -72.20
CA THR B 597 7.67 0.68 -72.35
C THR B 597 8.67 -0.34 -71.81
N PHE B 598 8.16 -1.42 -71.23
CA PHE B 598 8.97 -2.50 -70.70
C PHE B 598 8.59 -3.83 -71.33
N THR B 599 9.58 -4.68 -71.55
CA THR B 599 9.35 -6.01 -72.13
C THR B 599 9.93 -7.10 -71.23
N ASP B 600 9.14 -8.14 -71.00
CA ASP B 600 9.58 -9.31 -70.24
C ASP B 600 10.74 -9.97 -71.00
N THR B 601 11.87 -10.14 -70.32
CA THR B 601 13.07 -10.70 -70.94
C THR B 601 13.01 -12.22 -71.03
N LYS B 602 11.98 -12.80 -70.41
CA LYS B 602 11.78 -14.26 -70.34
C LYS B 602 12.98 -15.00 -69.75
N ALA B 603 13.66 -14.36 -68.80
CA ALA B 603 14.81 -14.96 -68.13
C ALA B 603 14.43 -16.31 -67.54
N PRO B 604 15.16 -17.37 -67.92
CA PRO B 604 14.84 -18.76 -67.58
C PRO B 604 14.99 -19.08 -66.08
N GLN B 605 15.91 -18.40 -65.41
CA GLN B 605 16.12 -18.61 -63.98
C GLN B 605 16.13 -17.29 -63.21
N LEU B 606 15.19 -17.20 -62.28
CA LEU B 606 15.00 -16.01 -61.45
C LEU B 606 14.61 -16.41 -60.03
N PRO B 607 14.85 -15.52 -59.04
CA PRO B 607 14.30 -15.73 -57.70
C PRO B 607 12.79 -15.50 -57.71
N LYS B 608 12.09 -16.03 -56.71
CA LYS B 608 10.64 -15.83 -56.61
C LYS B 608 10.29 -14.35 -56.41
N SER B 609 11.12 -13.66 -55.63
CA SER B 609 10.93 -12.24 -55.36
C SER B 609 12.26 -11.54 -55.10
N VAL B 610 12.28 -10.21 -55.15
CA VAL B 610 13.48 -9.45 -54.82
C VAL B 610 13.16 -8.30 -53.88
N ASN B 611 14.16 -7.89 -53.10
CA ASN B 611 14.03 -6.69 -52.27
C ASN B 611 14.57 -5.48 -53.02
N LYS B 612 15.72 -5.66 -53.66
CA LYS B 612 16.37 -4.57 -54.37
C LYS B 612 16.94 -5.08 -55.68
N ILE B 613 16.99 -4.20 -56.68
CA ILE B 613 17.81 -4.44 -57.87
C ILE B 613 18.68 -3.21 -58.12
N LYS B 614 19.84 -3.42 -58.71
CA LYS B 614 20.75 -2.30 -58.96
C LYS B 614 21.67 -2.58 -60.13
N ALA B 615 21.85 -1.57 -60.98
CA ALA B 615 22.80 -1.65 -62.08
C ALA B 615 24.13 -1.04 -61.68
N VAL B 616 25.17 -1.45 -62.39
CA VAL B 616 26.54 -1.10 -62.05
C VAL B 616 27.06 0.07 -62.87
N PRO B 617 27.56 1.13 -62.20
CA PRO B 617 28.26 2.22 -62.90
C PRO B 617 29.38 1.69 -63.79
N GLY B 618 29.43 2.17 -65.03
CA GLY B 618 30.49 1.80 -65.97
C GLY B 618 30.28 0.48 -66.70
N LYS B 619 29.21 -0.24 -66.37
CA LYS B 619 28.95 -1.55 -66.96
C LYS B 619 27.52 -1.65 -67.49
N GLU B 620 27.33 -1.29 -68.75
CA GLU B 620 26.01 -1.36 -69.38
C GLU B 620 25.45 -2.78 -69.35
N GLY B 621 24.22 -2.92 -68.87
CA GLY B 621 23.56 -4.23 -68.84
C GLY B 621 23.93 -5.13 -67.67
N HIS B 622 24.77 -4.64 -66.75
CA HIS B 622 25.12 -5.38 -65.54
C HIS B 622 24.12 -5.02 -64.45
N VAL B 623 23.26 -5.98 -64.10
CA VAL B 623 22.20 -5.79 -63.09
C VAL B 623 22.31 -6.86 -62.02
N TRP B 624 22.15 -6.46 -60.76
CA TRP B 624 22.23 -7.36 -59.61
C TRP B 624 20.90 -7.38 -58.86
N LEU B 625 20.49 -8.57 -58.40
CA LEU B 625 19.25 -8.72 -57.63
C LEU B 625 19.57 -9.14 -56.20
N ALA B 626 19.07 -8.37 -55.24
CA ALA B 626 19.19 -8.74 -53.83
C ALA B 626 17.86 -9.37 -53.42
N ALA B 627 17.85 -10.69 -53.29
CA ALA B 627 16.60 -11.44 -53.14
C ALA B 627 16.36 -11.93 -51.71
N ARG B 628 16.99 -11.26 -50.74
CA ARG B 628 16.96 -11.71 -49.35
C ARG B 628 17.38 -13.18 -49.27
N GLU B 629 16.58 -14.04 -48.64
CA GLU B 629 16.95 -15.46 -48.51
C GLU B 629 16.95 -16.22 -49.85
N GLY B 630 16.44 -15.56 -50.89
CA GLY B 630 16.52 -16.06 -52.26
C GLY B 630 17.89 -15.87 -52.89
N GLY B 631 18.79 -15.19 -52.18
CA GLY B 631 20.18 -15.03 -52.57
C GLY B 631 20.57 -13.76 -53.33
N LEU B 632 21.75 -13.80 -53.93
CA LEU B 632 22.27 -12.72 -54.75
C LEU B 632 22.42 -13.22 -56.18
N TRP B 633 21.89 -12.44 -57.12
CA TRP B 633 21.89 -12.81 -58.54
C TRP B 633 22.50 -11.71 -59.39
N ARG B 634 23.13 -12.10 -60.49
CA ARG B 634 23.74 -11.14 -61.42
C ARG B 634 23.39 -11.47 -62.86
N SER B 635 23.20 -10.43 -63.65
CA SER B 635 23.11 -10.54 -65.11
C SER B 635 24.16 -9.63 -65.71
N THR B 636 24.68 -10.00 -66.88
CA THR B 636 25.59 -9.13 -67.62
C THR B 636 25.07 -8.80 -69.01
N ASP B 637 23.84 -9.21 -69.31
CA ASP B 637 23.23 -9.00 -70.63
C ASP B 637 21.90 -8.24 -70.59
N GLY B 638 21.73 -7.38 -69.59
CA GLY B 638 20.53 -6.56 -69.47
C GLY B 638 19.36 -7.33 -68.91
N GLY B 639 19.64 -8.49 -68.31
CA GLY B 639 18.64 -9.24 -67.58
C GLY B 639 17.95 -10.34 -68.36
N TYR B 640 18.48 -10.67 -69.54
CA TYR B 640 17.94 -11.80 -70.31
C TYR B 640 18.31 -13.13 -69.65
N THR B 641 19.49 -13.18 -69.03
CA THR B 641 19.89 -14.33 -68.22
C THR B 641 20.49 -13.86 -66.90
N PHE B 642 20.19 -14.60 -65.84
CA PHE B 642 20.72 -14.33 -64.51
C PHE B 642 21.41 -15.56 -63.94
N GLU B 643 22.48 -15.33 -63.19
CA GLU B 643 23.19 -16.37 -62.45
C GLU B 643 22.97 -16.15 -60.95
N LYS B 644 22.59 -17.19 -60.22
CA LYS B 644 22.54 -17.11 -58.76
C LYS B 644 23.92 -17.42 -58.20
N LEU B 645 24.47 -16.50 -57.40
CA LEU B 645 25.79 -16.72 -56.81
C LEU B 645 25.71 -17.82 -55.76
N SER B 646 26.58 -18.82 -55.89
CA SER B 646 26.48 -20.03 -55.08
C SER B 646 27.11 -19.85 -53.70
N ASN B 647 27.83 -18.75 -53.50
CA ASN B 647 28.55 -18.48 -52.26
C ASN B 647 27.92 -17.39 -51.38
N VAL B 648 26.65 -17.10 -51.63
CA VAL B 648 25.89 -16.14 -50.80
C VAL B 648 24.55 -16.77 -50.44
N ASP B 649 24.25 -16.82 -49.15
CA ASP B 649 22.97 -17.38 -48.66
C ASP B 649 21.86 -16.33 -48.76
N THR B 650 22.06 -15.22 -48.05
CA THR B 650 21.07 -14.14 -47.99
C THR B 650 21.72 -12.81 -48.39
N ALA B 651 21.06 -12.06 -49.26
CA ALA B 651 21.48 -10.71 -49.59
C ALA B 651 20.26 -9.79 -49.60
N HIS B 652 20.15 -8.92 -48.61
CA HIS B 652 18.99 -8.04 -48.49
C HIS B 652 19.11 -6.83 -49.40
N VAL B 653 20.34 -6.34 -49.53
CA VAL B 653 20.64 -5.14 -50.32
C VAL B 653 21.99 -5.35 -50.98
N VAL B 654 22.25 -4.61 -52.06
CA VAL B 654 23.52 -4.71 -52.80
C VAL B 654 23.97 -3.34 -53.28
N GLY B 655 25.27 -3.06 -53.18
CA GLY B 655 25.81 -1.77 -53.60
C GLY B 655 27.21 -1.88 -54.13
N PHE B 656 27.71 -0.78 -54.70
CA PHE B 656 29.01 -0.80 -55.39
C PHE B 656 29.89 0.37 -54.99
N GLY B 657 31.20 0.11 -54.89
CA GLY B 657 32.18 1.14 -54.57
C GLY B 657 33.41 1.02 -55.43
N LYS B 658 34.37 1.91 -55.20
CA LYS B 658 35.62 1.92 -55.99
C LYS B 658 36.28 0.54 -56.04
N ALA B 659 36.71 0.14 -57.24
CA ALA B 659 37.36 -1.15 -57.44
C ALA B 659 38.65 -1.26 -56.63
N ALA B 660 38.91 -2.46 -56.12
CA ALA B 660 40.17 -2.81 -55.47
C ALA B 660 41.31 -2.71 -56.49
N PRO B 661 42.54 -2.42 -56.04
CA PRO B 661 43.66 -2.51 -56.97
C PRO B 661 43.79 -3.93 -57.53
N GLY B 662 44.17 -4.04 -58.80
CA GLY B 662 44.30 -5.34 -59.47
C GLY B 662 43.01 -6.01 -59.89
N GLN B 663 41.88 -5.35 -59.64
CA GLN B 663 40.59 -5.94 -60.01
C GLN B 663 39.83 -5.14 -61.07
N ASP B 664 39.00 -5.85 -61.82
CA ASP B 664 38.34 -5.32 -63.01
C ASP B 664 36.84 -5.11 -62.79
N TYR B 665 36.45 -4.93 -61.54
CA TYR B 665 35.05 -4.70 -61.22
C TYR B 665 34.97 -3.84 -59.97
N MET B 666 33.93 -3.02 -59.89
CA MET B 666 33.67 -2.27 -58.68
C MET B 666 33.56 -3.25 -57.51
N ALA B 667 34.00 -2.83 -56.33
CA ALA B 667 33.82 -3.66 -55.14
C ALA B 667 32.33 -3.74 -54.84
N ILE B 668 31.88 -4.91 -54.40
CA ILE B 668 30.45 -5.15 -54.16
C ILE B 668 30.22 -5.30 -52.66
N TYR B 669 29.18 -4.63 -52.16
CA TYR B 669 28.84 -4.65 -50.74
C TYR B 669 27.41 -5.14 -50.57
N ILE B 670 27.22 -6.08 -49.65
CA ILE B 670 25.89 -6.58 -49.33
C ILE B 670 25.71 -6.65 -47.81
N THR B 671 24.46 -6.77 -47.37
CA THR B 671 24.16 -7.23 -46.02
C THR B 671 23.37 -8.52 -46.13
N GLY B 672 23.44 -9.36 -45.12
CA GLY B 672 22.74 -10.64 -45.14
C GLY B 672 23.51 -11.73 -44.43
N LYS B 673 23.69 -12.86 -45.11
CA LYS B 673 24.24 -14.04 -44.50
C LYS B 673 25.07 -14.85 -45.49
N ILE B 674 26.28 -15.20 -45.06
CA ILE B 674 27.15 -16.11 -45.82
C ILE B 674 27.67 -17.15 -44.84
N ASP B 675 27.54 -18.43 -45.20
CA ASP B 675 28.02 -19.55 -44.37
C ASP B 675 27.59 -19.44 -42.91
N ASN B 676 26.31 -19.15 -42.68
CA ASN B 676 25.78 -18.99 -41.31
C ASN B 676 26.41 -17.88 -40.47
N VAL B 677 26.98 -16.89 -41.13
CA VAL B 677 27.45 -15.68 -40.48
C VAL B 677 26.59 -14.53 -40.99
N LEU B 678 26.01 -13.77 -40.05
CA LEU B 678 25.19 -12.60 -40.38
C LEU B 678 26.04 -11.35 -40.36
N GLY B 679 25.72 -10.41 -41.23
CA GLY B 679 26.37 -9.11 -41.20
C GLY B 679 26.55 -8.47 -42.55
N PHE B 680 27.66 -7.75 -42.72
CA PHE B 680 27.96 -7.04 -43.95
C PHE B 680 29.19 -7.66 -44.61
N PHE B 681 29.17 -7.75 -45.94
CA PHE B 681 30.21 -8.46 -46.68
C PHE B 681 30.66 -7.67 -47.90
N ARG B 682 31.93 -7.84 -48.26
CA ARG B 682 32.52 -7.18 -49.44
C ARG B 682 33.11 -8.24 -50.38
N SER B 683 32.93 -8.03 -51.68
CA SER B 683 33.66 -8.81 -52.69
C SER B 683 34.44 -7.87 -53.59
N ASP B 684 35.73 -8.14 -53.73
CA ASP B 684 36.60 -7.34 -54.58
C ASP B 684 36.78 -7.94 -55.98
N ASP B 685 36.23 -9.13 -56.20
CA ASP B 685 36.46 -9.88 -57.42
C ASP B 685 35.16 -10.30 -58.10
N ALA B 686 34.19 -9.38 -58.12
CA ALA B 686 32.92 -9.56 -58.81
C ALA B 686 32.12 -10.75 -58.28
N GLY B 687 32.22 -11.01 -56.98
CA GLY B 687 31.41 -12.05 -56.34
C GLY B 687 32.07 -13.41 -56.22
N LYS B 688 33.31 -13.54 -56.71
CA LYS B 688 34.05 -14.82 -56.61
C LYS B 688 34.40 -15.18 -55.16
N THR B 689 34.84 -14.20 -54.38
CA THR B 689 35.13 -14.40 -52.95
C THR B 689 34.51 -13.27 -52.12
N TRP B 690 34.17 -13.58 -50.87
CA TRP B 690 33.57 -12.60 -49.96
C TRP B 690 34.34 -12.56 -48.65
N VAL B 691 34.40 -11.37 -48.05
CA VAL B 691 34.89 -11.22 -46.67
C VAL B 691 33.84 -10.52 -45.82
N ARG B 692 33.78 -10.86 -44.54
CA ARG B 692 32.90 -10.16 -43.61
C ARG B 692 33.60 -8.88 -43.19
N ILE B 693 32.90 -7.75 -43.32
CA ILE B 693 33.48 -6.45 -42.96
C ILE B 693 32.98 -5.88 -41.64
N ASN B 694 31.82 -6.35 -41.17
CA ASN B 694 31.45 -6.06 -39.78
C ASN B 694 31.97 -7.14 -38.82
N ASP B 695 31.57 -7.06 -37.56
CA ASP B 695 31.99 -8.05 -36.56
C ASP B 695 30.89 -8.19 -35.52
N ASP B 696 31.09 -9.09 -34.56
CA ASP B 696 30.09 -9.38 -33.53
C ASP B 696 29.69 -8.16 -32.68
N GLU B 697 30.59 -7.20 -32.55
CA GLU B 697 30.30 -5.97 -31.79
C GLU B 697 29.62 -4.88 -32.64
N HIS B 698 29.58 -5.08 -33.95
CA HIS B 698 29.00 -4.05 -34.85
C HIS B 698 27.91 -4.60 -35.76
N GLY B 699 26.74 -4.81 -35.17
CA GLY B 699 25.57 -5.30 -35.89
C GLY B 699 24.68 -4.20 -36.44
N TYR B 700 24.24 -3.29 -35.56
CA TYR B 700 23.40 -2.13 -35.92
C TYR B 700 21.96 -2.46 -36.38
N GLY B 701 21.54 -3.72 -36.22
CA GLY B 701 20.13 -4.09 -36.41
C GLY B 701 19.71 -4.31 -37.85
N ALA B 702 18.59 -3.67 -38.23
CA ALA B 702 17.96 -3.91 -39.52
C ALA B 702 18.63 -3.08 -40.61
N VAL B 703 19.19 -3.77 -41.59
CA VAL B 703 20.02 -3.14 -42.61
C VAL B 703 19.58 -3.61 -43.99
N ASP B 704 18.28 -3.55 -44.23
CA ASP B 704 17.71 -4.05 -45.47
C ASP B 704 17.04 -3.00 -46.37
N THR B 705 17.46 -1.74 -46.22
CA THR B 705 16.88 -0.64 -47.00
C THR B 705 17.84 -0.05 -48.05
N ALA B 706 19.12 0.12 -47.71
CA ALA B 706 20.10 0.71 -48.63
C ALA B 706 21.54 0.48 -48.24
N ILE B 707 22.36 0.21 -49.24
CA ILE B 707 23.81 0.11 -49.08
C ILE B 707 24.48 0.66 -50.34
N THR B 708 25.61 1.33 -50.17
CA THR B 708 26.40 1.75 -51.31
C THR B 708 27.85 1.88 -50.91
N GLY B 709 28.73 1.50 -51.84
CA GLY B 709 30.14 1.83 -51.70
C GLY B 709 30.32 3.28 -52.07
N ASP B 710 31.56 3.73 -52.05
CA ASP B 710 31.94 5.09 -52.42
C ASP B 710 32.76 4.98 -53.70
N PRO B 711 32.26 5.54 -54.81
CA PRO B 711 32.97 5.36 -56.08
C PRO B 711 34.36 6.02 -56.10
N ARG B 712 34.62 6.93 -55.15
CA ARG B 712 35.89 7.64 -55.06
C ARG B 712 36.84 7.14 -53.97
N VAL B 713 36.33 6.34 -53.03
CA VAL B 713 37.16 5.87 -51.89
C VAL B 713 37.07 4.36 -51.76
N TYR B 714 38.18 3.65 -52.01
CA TYR B 714 38.16 2.21 -51.93
C TYR B 714 37.87 1.74 -50.49
N GLY B 715 37.04 0.72 -50.35
CA GLY B 715 36.84 0.09 -49.03
C GLY B 715 35.70 0.67 -48.22
N ARG B 716 35.36 1.93 -48.50
CA ARG B 716 34.30 2.61 -47.77
C ARG B 716 32.91 2.11 -48.16
N VAL B 717 32.07 1.89 -47.16
CA VAL B 717 30.69 1.50 -47.38
C VAL B 717 29.76 2.32 -46.48
N TYR B 718 28.59 2.69 -47.01
CA TYR B 718 27.58 3.42 -46.26
C TYR B 718 26.37 2.53 -46.14
N ILE B 719 25.86 2.36 -44.93
CA ILE B 719 24.74 1.44 -44.72
C ILE B 719 23.59 2.14 -44.01
N ALA B 720 22.39 2.01 -44.58
CA ALA B 720 21.17 2.53 -43.95
C ALA B 720 20.72 1.60 -42.84
N THR B 721 20.52 2.15 -41.64
CA THR B 721 19.96 1.34 -40.55
C THR B 721 18.57 1.85 -40.17
N ASN B 722 17.83 1.03 -39.42
CA ASN B 722 16.48 1.39 -38.99
C ASN B 722 16.48 1.74 -37.50
N GLY B 723 17.07 2.89 -37.17
CA GLY B 723 17.13 3.35 -35.78
C GLY B 723 18.52 3.62 -35.24
N ARG B 724 19.53 3.38 -36.07
CA ARG B 724 20.90 3.75 -35.73
C ARG B 724 21.52 4.69 -36.78
N GLY B 725 20.65 5.38 -37.51
CA GLY B 725 21.08 6.35 -38.51
C GLY B 725 21.87 5.72 -39.63
N ILE B 726 22.83 6.48 -40.15
CA ILE B 726 23.68 6.04 -41.23
C ILE B 726 25.01 5.63 -40.65
N VAL B 727 25.43 4.40 -40.91
CA VAL B 727 26.74 3.96 -40.46
C VAL B 727 27.65 3.84 -41.67
N TYR B 728 28.92 4.12 -41.46
CA TYR B 728 29.91 3.89 -42.50
C TYR B 728 31.13 3.15 -41.94
N GLY B 729 31.72 2.35 -42.81
CA GLY B 729 32.87 1.54 -42.45
C GLY B 729 33.99 1.72 -43.45
N GLU B 730 35.22 1.60 -42.97
CA GLU B 730 36.41 1.62 -43.80
C GLU B 730 37.40 0.60 -43.24
N PRO B 731 38.23 -0.01 -44.12
CA PRO B 731 39.28 -0.92 -43.64
C PRO B 731 40.13 -0.25 -42.55
N ALA B 732 40.47 -1.01 -41.52
CA ALA B 732 41.33 -0.52 -40.44
C ALA B 732 42.70 -0.14 -41.00
N SER B 733 43.34 0.87 -40.41
CA SER B 733 44.66 1.33 -40.84
C SER B 733 45.75 0.75 -39.97
#